data_2LV3
#
_entry.id   2LV3
#
_entity_poly.entity_id   1
_entity_poly.type   'polypeptide(L)'
_entity_poly.pdbx_seq_one_letter_code
;RRARLASPGTSRPSSEAREELRRRLRDLIEGNRVMIFSKSYCPHSTRVKELFSSLGVVYNILELDQVDDGASVQEVLTEI
SNQKTVPNIFVNKVHVGGCDRTFQAHQNGLLQKLLQDD
;
_entity_poly.pdbx_strand_id   A
#
# COMPACT_ATOMS: atom_id res chain seq x y z
N ALA A 17 15.85 0.90 16.65
CA ALA A 17 15.06 1.92 15.96
C ALA A 17 14.08 1.27 15.00
N ARG A 18 14.34 0.02 14.63
CA ARG A 18 13.47 -0.70 13.70
C ARG A 18 12.02 -0.64 14.16
N GLU A 19 11.81 -0.56 15.46
CA GLU A 19 10.47 -0.49 16.02
C GLU A 19 9.88 0.91 15.84
N GLU A 20 10.72 1.93 15.96
CA GLU A 20 10.29 3.31 15.82
C GLU A 20 9.79 3.57 14.40
N LEU A 21 10.50 3.03 13.42
CA LEU A 21 10.12 3.21 12.02
C LEU A 21 8.85 2.45 11.69
N ARG A 22 8.86 1.15 11.93
CA ARG A 22 7.70 0.31 11.67
C ARG A 22 6.44 0.90 12.31
N ARG A 23 6.62 1.53 13.46
CA ARG A 23 5.50 2.14 14.17
C ARG A 23 4.82 3.20 13.32
N ARG A 24 5.59 3.84 12.45
CA ARG A 24 5.06 4.87 11.57
C ARG A 24 4.40 4.25 10.34
N LEU A 25 4.94 3.14 9.88
CA LEU A 25 4.40 2.44 8.72
C LEU A 25 3.03 1.87 9.01
N ARG A 26 2.79 1.54 10.29
CA ARG A 26 1.52 0.97 10.70
C ARG A 26 0.50 2.08 11.00
N ASP A 27 1.00 3.26 11.32
CA ASP A 27 0.14 4.39 11.62
C ASP A 27 -0.28 5.12 10.35
N LEU A 28 0.54 5.01 9.32
CA LEU A 28 0.24 5.65 8.04
C LEU A 28 -1.12 5.20 7.49
N ILE A 29 -1.57 4.04 7.96
CA ILE A 29 -2.86 3.50 7.53
C ILE A 29 -4.01 4.21 8.23
N GLU A 30 -3.73 4.75 9.41
CA GLU A 30 -4.76 5.46 10.18
C GLU A 30 -4.75 6.94 9.85
N GLY A 31 -3.58 7.48 9.54
CA GLY A 31 -3.46 8.88 9.21
C GLY A 31 -3.96 9.20 7.81
N ASN A 32 -4.19 8.15 7.02
CA ASN A 32 -4.67 8.31 5.65
C ASN A 32 -5.65 7.20 5.28
N ARG A 33 -6.81 7.60 4.78
CA ARG A 33 -7.84 6.64 4.39
C ARG A 33 -7.26 5.56 3.47
N VAL A 34 -6.51 6.00 2.46
CA VAL A 34 -5.89 5.09 1.51
C VAL A 34 -4.42 5.41 1.31
N MET A 35 -3.56 4.45 1.61
CA MET A 35 -2.12 4.63 1.45
C MET A 35 -1.49 3.44 0.74
N ILE A 36 -0.56 3.73 -0.17
CA ILE A 36 0.12 2.67 -0.91
C ILE A 36 1.62 2.93 -0.99
N PHE A 37 2.41 1.89 -0.76
CA PHE A 37 3.86 2.00 -0.79
C PHE A 37 4.41 1.41 -2.09
N SER A 38 5.50 2.00 -2.58
CA SER A 38 6.12 1.52 -3.81
C SER A 38 7.60 1.90 -3.84
N LYS A 39 8.21 1.83 -5.02
CA LYS A 39 9.61 2.16 -5.19
C LYS A 39 9.85 2.89 -6.51
N SER A 40 11.12 3.08 -6.86
CA SER A 40 11.47 3.77 -8.09
C SER A 40 11.33 2.84 -9.30
N TYR A 41 11.94 1.66 -9.19
CA TYR A 41 11.88 0.68 -10.27
C TYR A 41 11.39 -0.68 -9.75
N CYS A 42 10.13 -0.72 -9.35
CA CYS A 42 9.53 -1.95 -8.84
C CYS A 42 8.09 -2.10 -9.32
N PRO A 43 7.90 -2.88 -10.38
CA PRO A 43 6.57 -3.13 -10.97
C PRO A 43 5.70 -3.98 -10.06
N HIS A 44 4.41 -4.03 -10.38
CA HIS A 44 3.46 -4.83 -9.59
C HIS A 44 3.00 -4.05 -8.36
N SER A 45 3.96 -3.53 -7.61
CA SER A 45 3.66 -2.76 -6.41
C SER A 45 3.18 -1.35 -6.75
N THR A 46 3.61 -0.87 -7.91
CA THR A 46 3.22 0.47 -8.37
C THR A 46 1.88 0.45 -9.08
N ARG A 47 1.63 -0.62 -9.83
CA ARG A 47 0.38 -0.76 -10.56
C ARG A 47 -0.81 -0.81 -9.60
N VAL A 48 -0.66 -1.58 -8.53
CA VAL A 48 -1.72 -1.71 -7.53
C VAL A 48 -2.21 -0.35 -7.06
N LYS A 49 -1.31 0.65 -7.11
CA LYS A 49 -1.64 1.99 -6.68
C LYS A 49 -2.39 2.75 -7.77
N GLU A 50 -2.06 2.43 -9.03
CA GLU A 50 -2.70 3.08 -10.17
C GLU A 50 -4.16 2.68 -10.27
N LEU A 51 -4.51 1.58 -9.62
CA LEU A 51 -5.88 1.09 -9.64
C LEU A 51 -6.80 2.00 -8.83
N PHE A 52 -6.31 2.44 -7.68
CA PHE A 52 -7.08 3.33 -6.80
C PHE A 52 -7.58 4.55 -7.57
N SER A 53 -6.66 5.20 -8.28
CA SER A 53 -6.99 6.38 -9.05
C SER A 53 -8.17 6.12 -9.99
N SER A 54 -8.08 5.02 -10.73
CA SER A 54 -9.13 4.65 -11.68
C SER A 54 -10.41 4.25 -10.94
N LEU A 55 -10.30 4.10 -9.61
CA LEU A 55 -11.44 3.72 -8.79
C LEU A 55 -12.20 4.96 -8.32
N GLY A 56 -11.88 6.11 -8.91
CA GLY A 56 -12.56 7.33 -8.54
C GLY A 56 -12.24 7.76 -7.12
N VAL A 57 -11.27 7.09 -6.50
CA VAL A 57 -10.89 7.40 -5.13
C VAL A 57 -9.51 8.06 -5.09
N VAL A 58 -9.17 8.62 -3.93
CA VAL A 58 -7.89 9.29 -3.76
C VAL A 58 -6.98 8.50 -2.80
N TYR A 59 -5.68 8.57 -3.05
CA TYR A 59 -4.71 7.86 -2.22
C TYR A 59 -3.39 8.61 -2.16
N ASN A 60 -2.48 8.14 -1.31
CA ASN A 60 -1.17 8.75 -1.17
C ASN A 60 -0.09 7.91 -1.84
N ILE A 61 0.87 8.58 -2.47
CA ILE A 61 1.96 7.89 -3.15
C ILE A 61 3.25 8.00 -2.36
N LEU A 62 3.76 6.86 -1.92
CA LEU A 62 5.01 6.82 -1.15
C LEU A 62 5.98 5.81 -1.73
N GLU A 63 7.21 6.26 -2.00
CA GLU A 63 8.24 5.39 -2.55
C GLU A 63 9.37 5.18 -1.57
N LEU A 64 9.58 3.94 -1.16
CA LEU A 64 10.64 3.60 -0.21
C LEU A 64 12.01 3.77 -0.85
N ASP A 65 12.04 3.93 -2.17
CA ASP A 65 13.28 4.11 -2.90
C ASP A 65 13.72 5.57 -2.87
N GLN A 66 12.80 6.45 -2.50
CA GLN A 66 13.10 7.88 -2.44
C GLN A 66 13.05 8.38 -1.00
N VAL A 67 12.71 7.50 -0.08
CA VAL A 67 12.64 7.85 1.33
C VAL A 67 14.01 7.75 1.99
N ASP A 68 14.30 8.69 2.88
CA ASP A 68 15.59 8.70 3.58
C ASP A 68 15.85 7.36 4.25
N ASP A 69 14.82 6.79 4.87
CA ASP A 69 14.94 5.51 5.55
C ASP A 69 14.52 4.37 4.63
N GLY A 70 14.72 4.56 3.32
CA GLY A 70 14.36 3.54 2.36
C GLY A 70 14.91 2.18 2.72
N ALA A 71 15.96 2.17 3.52
CA ALA A 71 16.59 0.93 3.94
C ALA A 71 15.74 0.20 4.99
N SER A 72 15.46 0.90 6.08
CA SER A 72 14.66 0.33 7.16
C SER A 72 13.17 0.34 6.81
N VAL A 73 12.69 1.51 6.38
CA VAL A 73 11.29 1.67 6.01
C VAL A 73 10.84 0.54 5.09
N GLN A 74 11.71 0.14 4.18
CA GLN A 74 11.40 -0.93 3.25
C GLN A 74 11.76 -2.30 3.83
N GLU A 75 12.68 -2.29 4.79
CA GLU A 75 13.13 -3.53 5.43
C GLU A 75 11.96 -4.20 6.15
N VAL A 76 11.18 -3.40 6.86
CA VAL A 76 10.03 -3.92 7.60
C VAL A 76 8.79 -4.00 6.72
N LEU A 77 8.79 -3.22 5.63
CA LEU A 77 7.67 -3.20 4.71
C LEU A 77 7.69 -4.44 3.80
N THR A 78 8.85 -4.71 3.22
CA THR A 78 9.02 -5.85 2.33
C THR A 78 8.56 -7.14 3.02
N GLU A 79 8.61 -7.16 4.34
CA GLU A 79 8.21 -8.33 5.10
C GLU A 79 6.69 -8.41 5.23
N ILE A 80 6.04 -7.25 5.20
CA ILE A 80 4.59 -7.18 5.31
C ILE A 80 3.92 -8.12 4.32
N SER A 81 4.50 -8.22 3.12
CA SER A 81 3.96 -9.08 2.07
C SER A 81 4.98 -10.13 1.66
N ASN A 82 6.22 -9.95 2.09
CA ASN A 82 7.30 -10.89 1.77
C ASN A 82 7.38 -11.10 0.26
N GLN A 83 7.30 -10.01 -0.50
CA GLN A 83 7.37 -10.08 -1.96
C GLN A 83 8.54 -9.24 -2.48
N LYS A 84 9.05 -9.64 -3.64
CA LYS A 84 10.17 -8.93 -4.26
C LYS A 84 9.95 -7.42 -4.22
N THR A 85 8.70 -7.01 -4.42
CA THR A 85 8.35 -5.59 -4.40
C THR A 85 7.84 -5.16 -3.04
N VAL A 86 7.40 -3.91 -2.94
CA VAL A 86 6.89 -3.37 -1.68
C VAL A 86 5.42 -3.01 -1.81
N PRO A 87 4.60 -3.98 -2.25
CA PRO A 87 3.16 -3.77 -2.42
C PRO A 87 2.42 -3.63 -1.09
N ASN A 88 1.74 -2.51 -0.91
CA ASN A 88 1.01 -2.25 0.32
C ASN A 88 -0.36 -1.66 0.01
N ILE A 89 -1.41 -2.46 0.23
CA ILE A 89 -2.77 -2.03 -0.03
C ILE A 89 -3.63 -2.14 1.24
N PHE A 90 -3.86 -1.00 1.89
CA PHE A 90 -4.65 -0.97 3.10
C PHE A 90 -5.47 0.32 3.18
N VAL A 91 -6.80 0.17 3.09
CA VAL A 91 -7.69 1.33 3.14
C VAL A 91 -8.71 1.17 4.27
N ASN A 92 -8.98 2.27 4.97
CA ASN A 92 -9.94 2.25 6.07
C ASN A 92 -9.43 1.39 7.22
N LYS A 93 -8.11 1.40 7.43
CA LYS A 93 -7.51 0.61 8.49
C LYS A 93 -7.79 -0.88 8.30
N VAL A 94 -7.72 -1.35 7.06
CA VAL A 94 -7.97 -2.74 6.74
C VAL A 94 -6.99 -3.27 5.70
N HIS A 95 -6.83 -4.58 5.66
CA HIS A 95 -5.92 -5.20 4.69
C HIS A 95 -6.67 -5.66 3.45
N VAL A 96 -6.13 -5.33 2.28
CA VAL A 96 -6.75 -5.72 1.02
C VAL A 96 -6.06 -6.95 0.42
N GLY A 97 -4.74 -6.95 0.45
CA GLY A 97 -3.99 -8.07 -0.09
C GLY A 97 -3.09 -7.66 -1.25
N GLY A 98 -3.67 -7.59 -2.44
CA GLY A 98 -2.91 -7.20 -3.62
C GLY A 98 -2.35 -8.40 -4.36
N CYS A 99 -1.97 -8.19 -5.61
CA CYS A 99 -1.43 -9.26 -6.44
C CYS A 99 -2.49 -10.31 -6.75
N ASP A 100 -3.74 -9.99 -6.41
CA ASP A 100 -4.85 -10.90 -6.64
C ASP A 100 -6.13 -10.38 -6.00
N ARG A 101 -6.01 -9.89 -4.77
CA ARG A 101 -7.16 -9.36 -4.05
C ARG A 101 -7.52 -7.96 -4.54
N THR A 102 -6.55 -7.04 -4.44
CA THR A 102 -6.77 -5.66 -4.88
C THR A 102 -7.20 -5.61 -6.33
N PHE A 103 -6.82 -6.61 -7.11
CA PHE A 103 -7.17 -6.68 -8.52
C PHE A 103 -8.55 -7.33 -8.71
N GLN A 104 -8.80 -8.39 -7.95
CA GLN A 104 -10.07 -9.09 -8.03
C GLN A 104 -11.20 -8.26 -7.43
N ALA A 105 -11.04 -7.86 -6.18
CA ALA A 105 -12.04 -7.05 -5.50
C ALA A 105 -12.49 -5.88 -6.36
N HIS A 106 -11.58 -5.41 -7.21
CA HIS A 106 -11.89 -4.28 -8.09
C HIS A 106 -13.01 -4.64 -9.06
N GLN A 107 -12.82 -5.72 -9.81
CA GLN A 107 -13.82 -6.17 -10.77
C GLN A 107 -14.93 -6.94 -10.08
N ASN A 108 -14.69 -7.35 -8.84
CA ASN A 108 -15.67 -8.10 -8.07
C ASN A 108 -16.59 -7.16 -7.30
N GLY A 109 -16.17 -5.91 -7.15
CA GLY A 109 -16.98 -4.93 -6.46
C GLY A 109 -16.67 -4.89 -4.97
N LEU A 110 -15.78 -5.76 -4.52
CA LEU A 110 -15.41 -5.82 -3.11
C LEU A 110 -14.43 -4.69 -2.77
N LEU A 111 -13.79 -4.14 -3.79
CA LEU A 111 -12.84 -3.06 -3.59
C LEU A 111 -13.53 -1.70 -3.63
N GLN A 112 -14.35 -1.49 -4.66
CA GLN A 112 -15.08 -0.24 -4.82
C GLN A 112 -15.86 0.10 -3.56
N LYS A 113 -16.39 -0.92 -2.91
CA LYS A 113 -17.16 -0.73 -1.67
C LYS A 113 -16.23 -0.46 -0.49
N LEU A 114 -14.99 -0.92 -0.60
CA LEU A 114 -14.00 -0.72 0.45
C LEU A 114 -13.48 0.70 0.46
N LEU A 115 -12.97 1.15 -0.68
CA LEU A 115 -12.45 2.50 -0.82
C LEU A 115 -13.53 3.54 -0.57
N GLN A 116 -14.79 3.14 -0.77
CA GLN A 116 -15.92 4.04 -0.58
C GLN A 116 -16.27 4.14 0.90
N ASP A 117 -15.93 3.11 1.66
CA ASP A 117 -16.22 3.09 3.10
C ASP A 117 -15.72 1.78 3.72
N ASP A 118 -16.15 0.66 3.16
CA ASP A 118 -15.75 -0.64 3.66
C ASP A 118 -16.36 -1.76 2.83
N ALA A 17 14.99 2.65 17.62
CA ALA A 17 14.26 3.45 16.65
C ALA A 17 13.66 2.58 15.56
N ARG A 18 14.20 1.37 15.40
CA ARG A 18 13.73 0.45 14.38
C ARG A 18 12.22 0.29 14.46
N GLU A 19 11.68 0.41 15.67
CA GLU A 19 10.23 0.27 15.89
C GLU A 19 9.50 1.52 15.43
N GLU A 20 10.12 2.68 15.64
CA GLU A 20 9.52 3.95 15.25
C GLU A 20 9.15 3.95 13.77
N LEU A 21 10.04 3.41 12.94
CA LEU A 21 9.81 3.34 11.50
C LEU A 21 8.57 2.53 11.19
N ARG A 22 8.57 1.26 11.61
CA ARG A 22 7.44 0.37 11.37
C ARG A 22 6.15 0.99 11.89
N ARG A 23 6.24 1.70 13.01
CA ARG A 23 5.08 2.34 13.60
C ARG A 23 4.53 3.45 12.70
N ARG A 24 5.39 3.96 11.83
CA ARG A 24 5.00 5.01 10.90
C ARG A 24 4.32 4.44 9.67
N LEU A 25 4.82 3.30 9.19
CA LEU A 25 4.26 2.64 8.02
C LEU A 25 2.86 2.13 8.30
N ARG A 26 2.64 1.67 9.52
CA ARG A 26 1.33 1.15 9.91
C ARG A 26 0.40 2.29 10.33
N ASP A 27 0.99 3.39 10.79
CA ASP A 27 0.21 4.55 11.22
C ASP A 27 -0.27 5.35 10.02
N LEU A 28 0.56 5.44 8.99
CA LEU A 28 0.23 6.18 7.79
C LEU A 28 -1.07 5.66 7.19
N ILE A 29 -1.43 4.43 7.51
CA ILE A 29 -2.65 3.82 7.00
C ILE A 29 -3.89 4.47 7.63
N GLU A 30 -3.71 5.06 8.80
CA GLU A 30 -4.81 5.71 9.50
C GLU A 30 -4.84 7.21 9.18
N GLY A 31 -3.66 7.79 9.03
CA GLY A 31 -3.57 9.22 8.73
C GLY A 31 -4.28 9.58 7.43
N ASN A 32 -4.44 8.60 6.56
CA ASN A 32 -5.09 8.82 5.27
C ASN A 32 -5.98 7.63 4.91
N ARG A 33 -7.10 7.93 4.24
CA ARG A 33 -8.03 6.89 3.84
C ARG A 33 -7.31 5.74 3.13
N VAL A 34 -6.59 6.08 2.07
CA VAL A 34 -5.85 5.09 1.30
C VAL A 34 -4.36 5.38 1.32
N MET A 35 -3.56 4.39 1.73
CA MET A 35 -2.12 4.54 1.80
C MET A 35 -1.42 3.35 1.14
N ILE A 36 -0.51 3.64 0.22
CA ILE A 36 0.24 2.60 -0.47
C ILE A 36 1.72 2.93 -0.54
N PHE A 37 2.55 1.90 -0.63
CA PHE A 37 3.99 2.08 -0.71
C PHE A 37 4.55 1.50 -2.01
N SER A 38 5.60 2.14 -2.53
CA SER A 38 6.22 1.70 -3.77
C SER A 38 7.71 2.03 -3.78
N LYS A 39 8.32 1.96 -4.97
CA LYS A 39 9.73 2.25 -5.12
C LYS A 39 9.99 3.05 -6.39
N SER A 40 11.27 3.25 -6.71
CA SER A 40 11.65 4.00 -7.90
C SER A 40 11.46 3.15 -9.16
N TYR A 41 12.03 1.96 -9.15
CA TYR A 41 11.95 1.05 -10.28
C TYR A 41 11.45 -0.33 -9.84
N CYS A 42 10.21 -0.40 -9.42
CA CYS A 42 9.62 -1.66 -8.96
C CYS A 42 8.17 -1.78 -9.41
N PRO A 43 7.95 -2.49 -10.54
CA PRO A 43 6.61 -2.70 -11.10
C PRO A 43 5.76 -3.61 -10.24
N HIS A 44 4.46 -3.67 -10.55
CA HIS A 44 3.54 -4.52 -9.80
C HIS A 44 3.08 -3.81 -8.53
N SER A 45 4.04 -3.30 -7.76
CA SER A 45 3.72 -2.62 -6.50
C SER A 45 3.16 -1.22 -6.78
N THR A 46 3.52 -0.67 -7.93
CA THR A 46 3.06 0.66 -8.31
C THR A 46 1.70 0.59 -9.00
N ARG A 47 1.57 -0.32 -9.96
CA ARG A 47 0.33 -0.50 -10.69
C ARG A 47 -0.86 -0.63 -9.74
N VAL A 48 -0.69 -1.43 -8.70
CA VAL A 48 -1.74 -1.65 -7.72
C VAL A 48 -2.33 -0.31 -7.24
N LYS A 49 -1.50 0.73 -7.24
CA LYS A 49 -1.93 2.05 -6.82
C LYS A 49 -2.67 2.77 -7.94
N GLU A 50 -2.23 2.54 -9.17
CA GLU A 50 -2.86 3.16 -10.34
C GLU A 50 -4.31 2.76 -10.45
N LEU A 51 -4.68 1.67 -9.78
CA LEU A 51 -6.05 1.17 -9.81
C LEU A 51 -6.96 2.04 -8.93
N PHE A 52 -6.52 2.31 -7.71
CA PHE A 52 -7.29 3.11 -6.78
C PHE A 52 -7.75 4.41 -7.43
N SER A 53 -6.89 4.99 -8.25
CA SER A 53 -7.22 6.24 -8.94
C SER A 53 -8.52 6.11 -9.72
N SER A 54 -8.64 5.01 -10.45
CA SER A 54 -9.84 4.76 -11.25
C SER A 54 -11.00 4.33 -10.37
N LEU A 55 -10.72 4.14 -9.08
CA LEU A 55 -11.74 3.72 -8.12
C LEU A 55 -12.42 4.93 -7.49
N GLY A 56 -12.20 6.10 -8.08
CA GLY A 56 -12.80 7.32 -7.55
C GLY A 56 -12.28 7.67 -6.17
N VAL A 57 -11.23 6.97 -5.74
CA VAL A 57 -10.64 7.23 -4.43
C VAL A 57 -9.27 7.88 -4.56
N VAL A 58 -8.82 8.52 -3.48
CA VAL A 58 -7.52 9.19 -3.47
C VAL A 58 -6.56 8.49 -2.52
N TYR A 59 -5.26 8.62 -2.81
CA TYR A 59 -4.24 8.00 -1.98
C TYR A 59 -2.95 8.84 -1.99
N ASN A 60 -2.03 8.50 -1.10
CA ASN A 60 -0.76 9.21 -1.00
C ASN A 60 0.34 8.46 -1.74
N ILE A 61 1.41 9.17 -2.09
CA ILE A 61 2.54 8.57 -2.80
C ILE A 61 3.72 8.38 -1.87
N LEU A 62 4.10 7.12 -1.63
CA LEU A 62 5.23 6.81 -0.77
C LEU A 62 6.19 5.86 -1.46
N GLU A 63 7.44 6.28 -1.60
CA GLU A 63 8.47 5.45 -2.24
C GLU A 63 9.58 5.10 -1.25
N LEU A 64 9.67 3.82 -0.92
CA LEU A 64 10.69 3.34 0.01
C LEU A 64 12.08 3.48 -0.58
N ASP A 65 12.14 3.68 -1.90
CA ASP A 65 13.41 3.82 -2.59
C ASP A 65 13.82 5.30 -2.68
N GLN A 66 13.08 6.15 -1.97
CA GLN A 66 13.35 7.58 -1.98
C GLN A 66 13.67 8.06 -0.56
N VAL A 67 12.97 7.51 0.43
CA VAL A 67 13.17 7.90 1.81
C VAL A 67 14.60 7.62 2.26
N ASP A 68 14.96 8.09 3.45
CA ASP A 68 16.30 7.89 3.99
C ASP A 68 16.44 6.49 4.58
N ASP A 69 15.34 5.98 5.13
CA ASP A 69 15.35 4.65 5.73
C ASP A 69 14.88 3.59 4.73
N GLY A 70 15.14 3.84 3.45
CA GLY A 70 14.74 2.91 2.41
C GLY A 70 15.18 1.49 2.72
N ALA A 71 16.18 1.34 3.58
CA ALA A 71 16.69 0.04 3.95
C ALA A 71 15.78 -0.63 4.98
N SER A 72 15.57 0.03 6.11
CA SER A 72 14.72 -0.50 7.16
C SER A 72 13.25 -0.40 6.78
N VAL A 73 12.85 0.77 6.30
CA VAL A 73 11.46 1.00 5.89
C VAL A 73 10.97 -0.13 4.98
N GLN A 74 11.85 -0.60 4.11
CA GLN A 74 11.49 -1.68 3.19
C GLN A 74 11.72 -3.04 3.82
N GLU A 75 12.57 -3.08 4.84
CA GLU A 75 12.88 -4.32 5.54
C GLU A 75 11.66 -4.82 6.31
N VAL A 76 10.99 -3.91 6.99
CA VAL A 76 9.80 -4.24 7.78
C VAL A 76 8.55 -4.24 6.90
N LEU A 77 8.62 -3.52 5.79
CA LEU A 77 7.48 -3.43 4.88
C LEU A 77 7.43 -4.64 3.94
N THR A 78 8.57 -4.96 3.34
CA THR A 78 8.67 -6.09 2.43
C THR A 78 8.19 -7.38 3.10
N GLU A 79 8.25 -7.41 4.42
CA GLU A 79 7.81 -8.57 5.18
C GLU A 79 6.30 -8.61 5.32
N ILE A 80 5.68 -7.43 5.30
CA ILE A 80 4.24 -7.32 5.44
C ILE A 80 3.53 -8.12 4.35
N SER A 81 4.06 -8.08 3.13
CA SER A 81 3.48 -8.81 2.02
C SER A 81 4.39 -9.97 1.59
N ASN A 82 5.63 -9.93 2.04
CA ASN A 82 6.59 -10.98 1.71
C ASN A 82 6.65 -11.22 0.21
N GLN A 83 6.72 -10.13 -0.55
CA GLN A 83 6.78 -10.22 -2.01
C GLN A 83 8.02 -9.50 -2.54
N LYS A 84 8.51 -9.97 -3.69
CA LYS A 84 9.69 -9.38 -4.30
C LYS A 84 9.61 -7.85 -4.29
N THR A 85 8.44 -7.32 -4.65
CA THR A 85 8.23 -5.88 -4.68
C THR A 85 7.77 -5.37 -3.32
N VAL A 86 7.40 -4.09 -3.26
CA VAL A 86 6.94 -3.47 -2.02
C VAL A 86 5.48 -3.05 -2.14
N PRO A 87 4.62 -4.00 -2.52
CA PRO A 87 3.18 -3.74 -2.68
C PRO A 87 2.48 -3.52 -1.34
N ASN A 88 1.82 -2.37 -1.21
CA ASN A 88 1.11 -2.03 0.02
C ASN A 88 -0.26 -1.44 -0.29
N ILE A 89 -1.31 -2.16 0.09
CA ILE A 89 -2.67 -1.71 -0.14
C ILE A 89 -3.52 -1.84 1.12
N PHE A 90 -3.76 -0.71 1.78
CA PHE A 90 -4.55 -0.70 3.00
C PHE A 90 -5.40 0.58 3.09
N VAL A 91 -6.71 0.40 3.15
CA VAL A 91 -7.63 1.53 3.23
C VAL A 91 -8.46 1.47 4.50
N ASN A 92 -8.79 2.63 5.06
CA ASN A 92 -9.58 2.71 6.28
C ASN A 92 -9.06 1.72 7.32
N LYS A 93 -7.74 1.63 7.43
CA LYS A 93 -7.12 0.73 8.40
C LYS A 93 -7.52 -0.72 8.13
N VAL A 94 -7.53 -1.09 6.86
CA VAL A 94 -7.89 -2.45 6.46
C VAL A 94 -6.87 -3.01 5.47
N HIS A 95 -6.81 -4.35 5.39
CA HIS A 95 -5.89 -5.02 4.49
C HIS A 95 -6.58 -5.43 3.20
N VAL A 96 -5.94 -5.16 2.07
CA VAL A 96 -6.50 -5.50 0.76
C VAL A 96 -5.78 -6.71 0.16
N GLY A 97 -4.47 -6.73 0.30
CA GLY A 97 -3.69 -7.83 -0.24
C GLY A 97 -2.81 -7.42 -1.40
N GLY A 98 -3.43 -7.22 -2.56
CA GLY A 98 -2.68 -6.82 -3.73
C GLY A 98 -2.30 -8.00 -4.62
N CYS A 99 -1.70 -7.71 -5.77
CA CYS A 99 -1.30 -8.74 -6.70
C CYS A 99 -2.51 -9.38 -7.38
N ASP A 100 -3.29 -10.12 -6.60
CA ASP A 100 -4.48 -10.78 -7.12
C ASP A 100 -5.73 -10.36 -6.35
N ARG A 101 -5.52 -9.77 -5.17
CA ARG A 101 -6.61 -9.32 -4.34
C ARG A 101 -7.09 -7.94 -4.77
N THR A 102 -6.18 -6.96 -4.76
CA THR A 102 -6.52 -5.60 -5.15
C THR A 102 -6.98 -5.55 -6.60
N PHE A 103 -6.55 -6.51 -7.40
CA PHE A 103 -6.92 -6.57 -8.81
C PHE A 103 -8.27 -7.26 -8.98
N GLN A 104 -8.46 -8.38 -8.27
CA GLN A 104 -9.70 -9.13 -8.35
C GLN A 104 -10.85 -8.37 -7.69
N ALA A 105 -10.65 -7.98 -6.43
CA ALA A 105 -11.66 -7.24 -5.69
C ALA A 105 -12.17 -6.05 -6.50
N HIS A 106 -11.31 -5.51 -7.35
CA HIS A 106 -11.66 -4.36 -8.17
C HIS A 106 -12.79 -4.71 -9.14
N GLN A 107 -12.54 -5.71 -9.98
CA GLN A 107 -13.53 -6.15 -10.96
C GLN A 107 -14.60 -7.02 -10.30
N ASN A 108 -14.31 -7.48 -9.09
CA ASN A 108 -15.24 -8.32 -8.35
C ASN A 108 -16.20 -7.48 -7.51
N GLY A 109 -15.82 -6.22 -7.28
CA GLY A 109 -16.66 -5.33 -6.50
C GLY A 109 -16.31 -5.36 -5.02
N LEU A 110 -15.45 -6.30 -4.64
CA LEU A 110 -15.04 -6.44 -3.24
C LEU A 110 -14.14 -5.27 -2.83
N LEU A 111 -13.55 -4.60 -3.80
CA LEU A 111 -12.67 -3.47 -3.53
C LEU A 111 -13.47 -2.16 -3.44
N GLN A 112 -14.28 -1.90 -4.45
CA GLN A 112 -15.10 -0.69 -4.47
C GLN A 112 -15.95 -0.58 -3.22
N LYS A 113 -16.43 -1.73 -2.74
CA LYS A 113 -17.27 -1.77 -1.55
C LYS A 113 -16.44 -1.51 -0.29
N LEU A 114 -15.14 -1.78 -0.39
CA LEU A 114 -14.24 -1.57 0.73
C LEU A 114 -13.82 -0.11 0.84
N LEU A 115 -13.46 0.48 -0.30
CA LEU A 115 -13.03 1.88 -0.33
C LEU A 115 -14.23 2.81 -0.09
N GLN A 116 -15.43 2.31 -0.37
CA GLN A 116 -16.63 3.10 -0.17
C GLN A 116 -16.81 3.48 1.28
N ASP A 117 -16.36 2.61 2.18
CA ASP A 117 -16.47 2.85 3.61
C ASP A 117 -15.88 1.68 4.41
N ASP A 118 -16.39 0.48 4.14
CA ASP A 118 -15.91 -0.71 4.83
C ASP A 118 -16.11 -0.59 6.33
N ALA A 17 15.89 3.20 16.23
CA ALA A 17 14.97 3.88 15.33
C ALA A 17 14.07 2.88 14.61
N ARG A 18 14.50 1.62 14.60
CA ARG A 18 13.72 0.56 13.94
C ARG A 18 12.27 0.57 14.43
N GLU A 19 12.07 0.98 15.68
CA GLU A 19 10.74 1.03 16.26
C GLU A 19 9.97 2.24 15.75
N GLU A 20 10.68 3.34 15.53
CA GLU A 20 10.06 4.57 15.05
C GLU A 20 9.50 4.38 13.64
N LEU A 21 10.35 3.91 12.72
CA LEU A 21 9.94 3.68 11.35
C LEU A 21 8.74 2.73 11.29
N ARG A 22 8.90 1.55 11.85
CA ARG A 22 7.83 0.55 11.86
C ARG A 22 6.55 1.14 12.45
N ARG A 23 6.70 2.15 13.31
CA ARG A 23 5.55 2.79 13.94
C ARG A 23 4.94 3.83 13.00
N ARG A 24 5.74 4.30 12.05
CA ARG A 24 5.27 5.30 11.09
C ARG A 24 4.54 4.64 9.93
N LEU A 25 5.08 3.51 9.47
CA LEU A 25 4.48 2.78 8.35
C LEU A 25 3.07 2.33 8.69
N ARG A 26 2.84 2.03 9.96
CA ARG A 26 1.52 1.59 10.42
C ARG A 26 0.62 2.78 10.74
N ASP A 27 1.24 3.87 11.21
CA ASP A 27 0.50 5.08 11.55
C ASP A 27 0.09 5.84 10.29
N LEU A 28 0.88 5.70 9.25
CA LEU A 28 0.61 6.38 7.98
C LEU A 28 -0.77 5.98 7.44
N ILE A 29 -1.19 4.77 7.76
CA ILE A 29 -2.48 4.28 7.31
C ILE A 29 -3.63 4.93 8.08
N GLU A 30 -3.32 5.42 9.28
CA GLU A 30 -4.32 6.07 10.12
C GLU A 30 -4.42 7.56 9.78
N GLY A 31 -3.31 8.14 9.36
CA GLY A 31 -3.30 9.55 9.01
C GLY A 31 -3.95 9.82 7.67
N ASN A 32 -4.16 8.77 6.89
CA ASN A 32 -4.77 8.90 5.57
C ASN A 32 -5.67 7.71 5.27
N ARG A 33 -6.83 7.98 4.68
CA ARG A 33 -7.78 6.93 4.35
C ARG A 33 -7.07 5.75 3.65
N VAL A 34 -6.38 6.06 2.56
CA VAL A 34 -5.66 5.04 1.80
C VAL A 34 -4.15 5.20 1.98
N MET A 35 -3.46 4.08 2.21
CA MET A 35 -2.02 4.10 2.38
C MET A 35 -1.35 3.06 1.49
N ILE A 36 -0.39 3.50 0.68
CA ILE A 36 0.32 2.61 -0.23
C ILE A 36 1.79 2.99 -0.32
N PHE A 37 2.64 2.01 -0.60
CA PHE A 37 4.07 2.24 -0.73
C PHE A 37 4.61 1.65 -2.03
N SER A 38 5.62 2.30 -2.59
CA SER A 38 6.22 1.85 -3.85
C SER A 38 7.72 2.15 -3.87
N LYS A 39 8.32 2.03 -5.04
CA LYS A 39 9.75 2.30 -5.21
C LYS A 39 10.02 3.04 -6.50
N SER A 40 11.29 3.19 -6.85
CA SER A 40 11.69 3.89 -8.06
C SER A 40 11.56 2.97 -9.27
N TYR A 41 12.15 1.78 -9.17
CA TYR A 41 12.09 0.81 -10.26
C TYR A 41 11.58 -0.54 -9.76
N CYS A 42 10.30 -0.58 -9.40
CA CYS A 42 9.69 -1.81 -8.91
C CYS A 42 8.25 -1.94 -9.42
N PRO A 43 8.07 -2.72 -10.50
CA PRO A 43 6.76 -2.93 -11.10
C PRO A 43 5.83 -3.77 -10.20
N HIS A 44 4.55 -3.80 -10.54
CA HIS A 44 3.58 -4.56 -9.77
C HIS A 44 3.14 -3.79 -8.53
N SER A 45 4.11 -3.30 -7.76
CA SER A 45 3.83 -2.55 -6.55
C SER A 45 3.42 -1.12 -6.88
N THR A 46 3.87 -0.63 -8.03
CA THR A 46 3.55 0.73 -8.46
C THR A 46 2.21 0.77 -9.17
N ARG A 47 1.92 -0.26 -9.96
CA ARG A 47 0.67 -0.34 -10.70
C ARG A 47 -0.53 -0.27 -9.75
N VAL A 48 -0.45 -1.01 -8.64
CA VAL A 48 -1.53 -1.02 -7.66
C VAL A 48 -1.91 0.39 -7.24
N LYS A 49 -0.98 1.32 -7.40
CA LYS A 49 -1.23 2.71 -7.05
C LYS A 49 -2.28 3.33 -7.96
N GLU A 50 -2.04 3.29 -9.26
CA GLU A 50 -2.98 3.84 -10.24
C GLU A 50 -4.30 3.08 -10.21
N LEU A 51 -4.26 1.87 -9.68
CA LEU A 51 -5.46 1.04 -9.59
C LEU A 51 -6.50 1.66 -8.66
N PHE A 52 -6.02 2.47 -7.72
CA PHE A 52 -6.90 3.13 -6.77
C PHE A 52 -7.53 4.38 -7.38
N SER A 53 -6.77 5.08 -8.20
CA SER A 53 -7.26 6.29 -8.86
C SER A 53 -8.55 6.02 -9.61
N SER A 54 -8.57 4.94 -10.38
CA SER A 54 -9.75 4.57 -11.15
C SER A 54 -10.84 3.98 -10.24
N LEU A 55 -10.51 3.83 -8.97
CA LEU A 55 -11.44 3.28 -8.00
C LEU A 55 -12.24 4.39 -7.32
N GLY A 56 -12.16 5.60 -7.88
CA GLY A 56 -12.89 6.72 -7.32
C GLY A 56 -12.41 7.09 -5.94
N VAL A 57 -11.22 6.62 -5.58
CA VAL A 57 -10.64 6.90 -4.27
C VAL A 57 -9.28 7.55 -4.39
N VAL A 58 -8.86 8.26 -3.35
CA VAL A 58 -7.57 8.93 -3.34
C VAL A 58 -6.55 8.16 -2.53
N TYR A 59 -5.27 8.33 -2.87
CA TYR A 59 -4.19 7.65 -2.17
C TYR A 59 -2.93 8.51 -2.12
N ASN A 60 -1.99 8.12 -1.26
CA ASN A 60 -0.75 8.85 -1.12
C ASN A 60 0.38 8.17 -1.90
N ILE A 61 1.32 8.97 -2.38
CA ILE A 61 2.45 8.45 -3.14
C ILE A 61 3.73 8.46 -2.31
N LEU A 62 4.23 7.28 -1.98
CA LEU A 62 5.45 7.17 -1.19
C LEU A 62 6.40 6.13 -1.80
N GLU A 63 7.65 6.54 -2.02
CA GLU A 63 8.65 5.65 -2.59
C GLU A 63 9.77 5.37 -1.59
N LEU A 64 9.73 4.19 -1.00
CA LEU A 64 10.75 3.80 -0.02
C LEU A 64 12.14 3.79 -0.64
N ASP A 65 12.18 3.77 -1.98
CA ASP A 65 13.46 3.77 -2.70
C ASP A 65 14.04 5.17 -2.76
N GLN A 66 13.21 6.17 -2.48
CA GLN A 66 13.65 7.56 -2.50
C GLN A 66 13.97 8.05 -1.10
N VAL A 67 13.30 7.48 -0.11
CA VAL A 67 13.52 7.86 1.28
C VAL A 67 14.96 7.59 1.70
N ASP A 68 15.23 7.73 3.00
CA ASP A 68 16.56 7.50 3.54
C ASP A 68 16.65 6.15 4.23
N ASP A 69 15.51 5.66 4.71
CA ASP A 69 15.45 4.37 5.39
C ASP A 69 14.93 3.29 4.45
N GLY A 70 15.18 3.45 3.16
CA GLY A 70 14.73 2.47 2.18
C GLY A 70 15.10 1.06 2.56
N ALA A 71 16.12 0.92 3.41
CA ALA A 71 16.57 -0.39 3.86
C ALA A 71 15.66 -0.95 4.95
N SER A 72 15.52 -0.20 6.03
CA SER A 72 14.68 -0.62 7.16
C SER A 72 13.20 -0.52 6.79
N VAL A 73 12.82 0.61 6.20
CA VAL A 73 11.43 0.84 5.79
C VAL A 73 10.89 -0.35 5.00
N GLN A 74 11.73 -0.89 4.10
CA GLN A 74 11.34 -2.02 3.28
C GLN A 74 11.59 -3.33 4.00
N GLU A 75 12.44 -3.29 5.02
CA GLU A 75 12.77 -4.48 5.80
C GLU A 75 11.53 -5.05 6.48
N VAL A 76 10.81 -4.18 7.20
CA VAL A 76 9.60 -4.60 7.90
C VAL A 76 8.38 -4.54 6.98
N LEU A 77 8.46 -3.70 5.96
CA LEU A 77 7.37 -3.54 5.01
C LEU A 77 7.28 -4.76 4.08
N THR A 78 8.42 -5.16 3.52
CA THR A 78 8.46 -6.30 2.62
C THR A 78 7.86 -7.53 3.27
N GLU A 79 7.87 -7.56 4.60
CA GLU A 79 7.32 -8.69 5.34
C GLU A 79 5.80 -8.58 5.44
N ILE A 80 5.30 -7.36 5.45
CA ILE A 80 3.86 -7.12 5.55
C ILE A 80 3.11 -7.89 4.47
N SER A 81 3.66 -7.88 3.25
CA SER A 81 3.04 -8.58 2.13
C SER A 81 3.86 -9.80 1.73
N ASN A 82 5.11 -9.84 2.19
CA ASN A 82 5.99 -10.96 1.87
C ASN A 82 6.04 -11.21 0.37
N GLN A 83 6.19 -10.13 -0.39
CA GLN A 83 6.25 -10.24 -1.85
C GLN A 83 7.53 -9.60 -2.38
N LYS A 84 8.01 -10.11 -3.51
CA LYS A 84 9.24 -9.61 -4.12
C LYS A 84 9.25 -8.08 -4.11
N THR A 85 8.17 -7.47 -4.57
CA THR A 85 8.05 -6.02 -4.60
C THR A 85 7.59 -5.47 -3.26
N VAL A 86 7.29 -4.18 -3.22
CA VAL A 86 6.84 -3.52 -2.00
C VAL A 86 5.40 -3.04 -2.13
N PRO A 87 4.50 -3.96 -2.53
CA PRO A 87 3.08 -3.65 -2.70
C PRO A 87 2.37 -3.38 -1.38
N ASN A 88 1.76 -2.21 -1.26
CA ASN A 88 1.05 -1.84 -0.04
C ASN A 88 -0.31 -1.23 -0.37
N ILE A 89 -1.37 -1.91 0.06
CA ILE A 89 -2.73 -1.44 -0.19
C ILE A 89 -3.58 -1.53 1.07
N PHE A 90 -3.80 -0.39 1.72
CA PHE A 90 -4.60 -0.35 2.94
C PHE A 90 -5.57 0.84 2.91
N VAL A 91 -6.83 0.57 3.20
CA VAL A 91 -7.86 1.60 3.21
C VAL A 91 -8.72 1.51 4.47
N ASN A 92 -9.01 2.66 5.06
CA ASN A 92 -9.83 2.71 6.27
C ASN A 92 -9.21 1.87 7.39
N LYS A 93 -7.89 1.95 7.51
CA LYS A 93 -7.18 1.20 8.53
C LYS A 93 -7.38 -0.29 8.36
N VAL A 94 -7.34 -0.75 7.11
CA VAL A 94 -7.53 -2.17 6.82
C VAL A 94 -6.63 -2.60 5.65
N HIS A 95 -6.35 -3.91 5.58
CA HIS A 95 -5.52 -4.45 4.51
C HIS A 95 -6.36 -4.90 3.34
N VAL A 96 -6.00 -4.43 2.14
CA VAL A 96 -6.72 -4.79 0.93
C VAL A 96 -6.10 -6.00 0.24
N GLY A 97 -4.81 -6.22 0.51
CA GLY A 97 -4.12 -7.35 -0.09
C GLY A 97 -3.28 -6.95 -1.29
N GLY A 98 -3.83 -7.16 -2.49
CA GLY A 98 -3.12 -6.82 -3.70
C GLY A 98 -2.51 -8.02 -4.37
N CYS A 99 -2.13 -7.86 -5.64
CA CYS A 99 -1.53 -8.95 -6.40
C CYS A 99 -2.56 -10.01 -6.73
N ASP A 100 -3.81 -9.74 -6.39
CA ASP A 100 -4.91 -10.68 -6.64
C ASP A 100 -6.18 -10.23 -5.96
N ARG A 101 -6.05 -9.69 -4.75
CA ARG A 101 -7.20 -9.22 -4.00
C ARG A 101 -7.63 -7.82 -4.45
N THR A 102 -6.70 -6.87 -4.37
CA THR A 102 -6.98 -5.50 -4.79
C THR A 102 -7.02 -5.38 -6.30
N PHE A 103 -6.46 -6.36 -6.98
CA PHE A 103 -6.44 -6.37 -8.45
C PHE A 103 -7.73 -6.96 -9.01
N GLN A 104 -8.26 -7.95 -8.32
CA GLN A 104 -9.50 -8.61 -8.75
C GLN A 104 -10.71 -7.87 -8.20
N ALA A 105 -10.71 -7.60 -6.90
CA ALA A 105 -11.82 -6.91 -6.25
C ALA A 105 -12.20 -5.65 -7.03
N HIS A 106 -11.23 -5.07 -7.72
CA HIS A 106 -11.46 -3.87 -8.50
C HIS A 106 -12.45 -4.13 -9.63
N GLN A 107 -12.19 -5.18 -10.40
CA GLN A 107 -13.08 -5.54 -11.51
C GLN A 107 -14.21 -6.44 -11.04
N ASN A 108 -14.06 -6.99 -9.84
CA ASN A 108 -15.08 -7.88 -9.28
C ASN A 108 -16.12 -7.07 -8.50
N GLY A 109 -15.78 -5.84 -8.16
CA GLY A 109 -16.70 -4.99 -7.42
C GLY A 109 -16.58 -5.17 -5.92
N LEU A 110 -15.71 -6.07 -5.51
CA LEU A 110 -15.49 -6.35 -4.09
C LEU A 110 -14.64 -5.24 -3.45
N LEU A 111 -13.98 -4.46 -4.29
CA LEU A 111 -13.13 -3.37 -3.80
C LEU A 111 -13.94 -2.09 -3.62
N GLN A 112 -14.73 -1.73 -4.62
CA GLN A 112 -15.55 -0.53 -4.57
C GLN A 112 -16.46 -0.56 -3.34
N LYS A 113 -16.87 -1.75 -2.94
CA LYS A 113 -17.74 -1.91 -1.78
C LYS A 113 -16.93 -1.89 -0.49
N LEU A 114 -15.64 -2.17 -0.59
CA LEU A 114 -14.75 -2.17 0.57
C LEU A 114 -14.30 -0.75 0.91
N LEU A 115 -13.95 0.02 -0.11
CA LEU A 115 -13.50 1.39 0.09
C LEU A 115 -14.60 2.23 0.73
N GLN A 116 -15.84 1.80 0.57
CA GLN A 116 -16.98 2.52 1.14
C GLN A 116 -17.27 2.05 2.55
N ASP A 117 -16.95 0.79 2.82
CA ASP A 117 -17.17 0.22 4.15
C ASP A 117 -16.74 -1.24 4.19
N ASP A 118 -17.29 -2.05 3.29
CA ASP A 118 -16.96 -3.47 3.22
C ASP A 118 -17.68 -4.15 2.06
N ALA A 17 15.34 2.72 17.53
CA ALA A 17 14.49 3.50 16.64
C ALA A 17 13.83 2.59 15.60
N ARG A 18 14.41 1.42 15.39
CA ARG A 18 13.88 0.47 14.42
C ARG A 18 12.38 0.24 14.65
N GLU A 19 11.96 0.34 15.90
CA GLU A 19 10.55 0.14 16.25
C GLU A 19 9.72 1.36 15.87
N GLU A 20 10.31 2.55 16.03
CA GLU A 20 9.62 3.79 15.71
C GLU A 20 9.15 3.80 14.26
N LEU A 21 9.99 3.28 13.37
CA LEU A 21 9.67 3.23 11.95
C LEU A 21 8.47 2.32 11.70
N ARG A 22 8.59 1.06 12.10
CA ARG A 22 7.50 0.10 11.92
C ARG A 22 6.21 0.62 12.53
N ARG A 23 6.33 1.50 13.52
CA ARG A 23 5.17 2.07 14.19
C ARG A 23 4.52 3.15 13.33
N ARG A 24 5.31 3.74 12.43
CA ARG A 24 4.82 4.78 11.55
C ARG A 24 4.22 4.19 10.27
N LEU A 25 4.89 3.17 9.75
CA LEU A 25 4.43 2.50 8.53
C LEU A 25 2.99 2.01 8.69
N ARG A 26 2.60 1.71 9.91
CA ARG A 26 1.25 1.23 10.20
C ARG A 26 0.29 2.41 10.38
N ASP A 27 0.63 3.31 11.31
CA ASP A 27 -0.21 4.47 11.58
C ASP A 27 -0.43 5.29 10.31
N LEU A 28 0.58 5.30 9.43
CA LEU A 28 0.49 6.05 8.19
C LEU A 28 -0.72 5.60 7.36
N ILE A 29 -1.19 4.40 7.65
CA ILE A 29 -2.34 3.85 6.94
C ILE A 29 -3.65 4.44 7.47
N GLU A 30 -3.61 4.91 8.72
CA GLU A 30 -4.79 5.50 9.34
C GLU A 30 -4.85 7.00 9.08
N GLY A 31 -3.67 7.63 9.02
CA GLY A 31 -3.62 9.06 8.79
C GLY A 31 -4.25 9.46 7.47
N ASN A 32 -4.34 8.51 6.54
CA ASN A 32 -4.93 8.77 5.24
C ASN A 32 -5.86 7.63 4.82
N ARG A 33 -6.91 7.97 4.07
CA ARG A 33 -7.87 6.98 3.62
C ARG A 33 -7.17 5.80 2.94
N VAL A 34 -6.40 6.12 1.90
CA VAL A 34 -5.67 5.08 1.16
C VAL A 34 -4.18 5.38 1.13
N MET A 35 -3.38 4.42 1.57
CA MET A 35 -1.93 4.57 1.60
C MET A 35 -1.24 3.34 1.04
N ILE A 36 -0.39 3.54 0.04
CA ILE A 36 0.34 2.44 -0.59
C ILE A 36 1.83 2.76 -0.71
N PHE A 37 2.65 1.72 -0.74
CA PHE A 37 4.09 1.89 -0.87
C PHE A 37 4.60 1.35 -2.19
N SER A 38 5.64 1.99 -2.73
CA SER A 38 6.22 1.57 -4.00
C SER A 38 7.69 1.93 -4.06
N LYS A 39 8.25 1.93 -5.28
CA LYS A 39 9.65 2.25 -5.48
C LYS A 39 9.84 3.10 -6.72
N SER A 40 11.09 3.32 -7.12
CA SER A 40 11.41 4.13 -8.28
C SER A 40 11.25 3.31 -9.57
N TYR A 41 11.88 2.13 -9.59
CA TYR A 41 11.82 1.27 -10.75
C TYR A 41 11.38 -0.14 -10.36
N CYS A 42 10.12 -0.28 -9.97
CA CYS A 42 9.59 -1.57 -9.56
C CYS A 42 8.13 -1.70 -9.98
N PRO A 43 7.89 -2.39 -11.11
CA PRO A 43 6.55 -2.60 -11.65
C PRO A 43 5.73 -3.57 -10.79
N HIS A 44 4.43 -3.67 -11.09
CA HIS A 44 3.55 -4.55 -10.35
C HIS A 44 3.16 -3.93 -9.01
N SER A 45 4.16 -3.47 -8.26
CA SER A 45 3.93 -2.85 -6.96
C SER A 45 3.31 -1.47 -7.11
N THR A 46 3.62 -0.81 -8.23
CA THR A 46 3.10 0.52 -8.51
C THR A 46 1.71 0.45 -9.14
N ARG A 47 1.52 -0.51 -10.02
CA ARG A 47 0.24 -0.69 -10.70
C ARG A 47 -0.91 -0.74 -9.69
N VAL A 48 -0.70 -1.49 -8.62
CA VAL A 48 -1.72 -1.62 -7.57
C VAL A 48 -2.21 -0.25 -7.11
N LYS A 49 -1.34 0.75 -7.23
CA LYS A 49 -1.67 2.11 -6.81
C LYS A 49 -2.61 2.76 -7.83
N GLU A 50 -2.45 2.40 -9.10
CA GLU A 50 -3.28 2.95 -10.16
C GLU A 50 -4.74 2.57 -9.96
N LEU A 51 -4.97 1.33 -9.56
CA LEU A 51 -6.33 0.83 -9.34
C LEU A 51 -7.13 1.82 -8.48
N PHE A 52 -6.55 2.22 -7.36
CA PHE A 52 -7.21 3.16 -6.45
C PHE A 52 -7.66 4.41 -7.20
N SER A 53 -6.74 5.01 -7.95
CA SER A 53 -7.05 6.22 -8.71
C SER A 53 -8.28 6.01 -9.59
N SER A 54 -8.30 4.89 -10.31
CA SER A 54 -9.42 4.58 -11.20
C SER A 54 -10.59 4.01 -10.40
N LEU A 55 -10.39 3.83 -9.10
CA LEU A 55 -11.42 3.29 -8.23
C LEU A 55 -12.24 4.40 -7.59
N GLY A 56 -12.01 5.63 -8.04
CA GLY A 56 -12.73 6.76 -7.50
C GLY A 56 -12.27 7.13 -6.10
N VAL A 57 -11.08 6.67 -5.73
CA VAL A 57 -10.53 6.95 -4.41
C VAL A 57 -9.21 7.71 -4.52
N VAL A 58 -8.80 8.35 -3.42
CA VAL A 58 -7.57 9.10 -3.39
C VAL A 58 -6.54 8.46 -2.48
N TYR A 59 -5.27 8.56 -2.85
CA TYR A 59 -4.19 7.98 -2.05
C TYR A 59 -2.93 8.84 -2.14
N ASN A 60 -1.94 8.51 -1.31
CA ASN A 60 -0.68 9.24 -1.29
C ASN A 60 0.41 8.47 -2.03
N ILE A 61 1.50 9.16 -2.35
CA ILE A 61 2.61 8.54 -3.05
C ILE A 61 3.80 8.32 -2.12
N LEU A 62 4.14 7.05 -1.90
CA LEU A 62 5.26 6.71 -1.03
C LEU A 62 6.21 5.74 -1.72
N GLU A 63 7.45 6.19 -1.94
CA GLU A 63 8.45 5.35 -2.59
C GLU A 63 9.63 5.08 -1.65
N LEU A 64 9.86 3.81 -1.36
CA LEU A 64 10.95 3.42 -0.47
C LEU A 64 12.31 3.61 -1.16
N ASP A 65 12.26 3.86 -2.46
CA ASP A 65 13.49 4.06 -3.24
C ASP A 65 13.88 5.54 -3.25
N GLN A 66 13.03 6.38 -2.68
CA GLN A 66 13.28 7.82 -2.64
C GLN A 66 13.42 8.29 -1.19
N VAL A 67 12.83 7.56 -0.27
CA VAL A 67 12.88 7.90 1.15
C VAL A 67 14.33 7.93 1.64
N ASP A 68 14.50 8.19 2.93
CA ASP A 68 15.82 8.25 3.54
C ASP A 68 16.11 6.99 4.35
N ASP A 69 15.12 6.56 5.13
CA ASP A 69 15.26 5.38 5.96
C ASP A 69 14.73 4.14 5.24
N GLY A 70 14.68 4.21 3.91
CA GLY A 70 14.18 3.09 3.13
C GLY A 70 14.82 1.77 3.52
N ALA A 71 16.09 1.84 3.94
CA ALA A 71 16.81 0.64 4.34
C ALA A 71 16.02 -0.16 5.37
N SER A 72 15.56 0.50 6.42
CA SER A 72 14.81 -0.15 7.47
C SER A 72 13.32 -0.22 7.10
N VAL A 73 12.81 0.87 6.52
CA VAL A 73 11.42 0.92 6.11
C VAL A 73 11.03 -0.27 5.25
N GLN A 74 11.61 -0.32 4.05
CA GLN A 74 11.33 -1.41 3.12
C GLN A 74 11.71 -2.76 3.74
N GLU A 75 12.63 -2.74 4.68
CA GLU A 75 13.07 -3.95 5.35
C GLU A 75 11.93 -4.60 6.13
N VAL A 76 11.23 -3.79 6.92
CA VAL A 76 10.11 -4.28 7.71
C VAL A 76 8.82 -4.26 6.91
N LEU A 77 8.79 -3.43 5.87
CA LEU A 77 7.61 -3.32 5.02
C LEU A 77 7.51 -4.51 4.06
N THR A 78 8.63 -4.82 3.39
CA THR A 78 8.67 -5.94 2.46
C THR A 78 8.20 -7.23 3.12
N GLU A 79 8.37 -7.31 4.44
CA GLU A 79 7.96 -8.49 5.18
C GLU A 79 6.45 -8.54 5.36
N ILE A 80 5.82 -7.37 5.37
CA ILE A 80 4.38 -7.27 5.53
C ILE A 80 3.66 -8.17 4.55
N SER A 81 4.19 -8.26 3.32
CA SER A 81 3.59 -9.08 2.29
C SER A 81 4.56 -10.19 1.85
N ASN A 82 5.81 -10.06 2.27
CA ASN A 82 6.82 -11.05 1.92
C ASN A 82 6.86 -11.29 0.41
N GLN A 83 6.85 -10.21 -0.35
CA GLN A 83 6.88 -10.31 -1.80
C GLN A 83 8.08 -9.57 -2.38
N LYS A 84 8.58 -10.04 -3.52
CA LYS A 84 9.72 -9.44 -4.17
C LYS A 84 9.59 -7.91 -4.20
N THR A 85 8.40 -7.43 -4.53
CA THR A 85 8.14 -6.00 -4.59
C THR A 85 7.69 -5.46 -3.23
N VAL A 86 7.31 -4.20 -3.20
CA VAL A 86 6.85 -3.56 -1.96
C VAL A 86 5.40 -3.15 -2.06
N PRO A 87 4.53 -4.10 -2.44
CA PRO A 87 3.09 -3.87 -2.57
C PRO A 87 2.41 -3.63 -1.23
N ASN A 88 1.75 -2.48 -1.10
CA ASN A 88 1.06 -2.14 0.14
C ASN A 88 -0.33 -1.57 -0.16
N ILE A 89 -1.37 -2.33 0.19
CA ILE A 89 -2.74 -1.92 -0.04
C ILE A 89 -3.56 -2.00 1.24
N PHE A 90 -3.78 -0.85 1.88
CA PHE A 90 -4.55 -0.79 3.11
C PHE A 90 -5.35 0.51 3.19
N VAL A 91 -6.67 0.38 3.15
CA VAL A 91 -7.55 1.54 3.23
C VAL A 91 -8.40 1.50 4.49
N ASN A 92 -8.53 2.66 5.14
CA ASN A 92 -9.31 2.77 6.35
C ASN A 92 -8.74 1.87 7.45
N LYS A 93 -7.42 1.76 7.49
CA LYS A 93 -6.74 0.92 8.49
C LYS A 93 -7.09 -0.54 8.29
N VAL A 94 -7.55 -0.88 7.09
CA VAL A 94 -7.91 -2.26 6.77
C VAL A 94 -6.96 -2.86 5.75
N HIS A 95 -6.90 -4.19 5.72
CA HIS A 95 -6.03 -4.88 4.78
C HIS A 95 -6.80 -5.33 3.54
N VAL A 96 -6.24 -5.06 2.37
CA VAL A 96 -6.88 -5.42 1.10
C VAL A 96 -6.21 -6.64 0.49
N GLY A 97 -4.88 -6.68 0.54
CA GLY A 97 -4.14 -7.78 -0.02
C GLY A 97 -3.27 -7.39 -1.19
N GLY A 98 -3.82 -7.49 -2.39
CA GLY A 98 -3.07 -7.13 -3.58
C GLY A 98 -2.54 -8.33 -4.32
N CYS A 99 -2.19 -8.14 -5.60
CA CYS A 99 -1.67 -9.22 -6.41
C CYS A 99 -2.74 -10.29 -6.66
N ASP A 100 -3.98 -9.97 -6.29
CA ASP A 100 -5.09 -10.90 -6.48
C ASP A 100 -6.36 -10.34 -5.83
N ARG A 101 -6.23 -9.80 -4.63
CA ARG A 101 -7.37 -9.24 -3.92
C ARG A 101 -7.73 -7.86 -4.46
N THR A 102 -6.78 -6.93 -4.40
CA THR A 102 -6.99 -5.58 -4.89
C THR A 102 -7.24 -5.57 -6.40
N PHE A 103 -6.71 -6.57 -7.08
CA PHE A 103 -6.87 -6.67 -8.53
C PHE A 103 -8.25 -7.22 -8.88
N GLN A 104 -8.60 -8.36 -8.27
CA GLN A 104 -9.89 -8.99 -8.52
C GLN A 104 -11.04 -8.13 -7.98
N ALA A 105 -10.93 -7.76 -6.71
CA ALA A 105 -11.95 -6.95 -6.06
C ALA A 105 -12.27 -5.70 -6.90
N HIS A 106 -11.27 -5.23 -7.64
CA HIS A 106 -11.44 -4.05 -8.49
C HIS A 106 -12.42 -4.32 -9.62
N GLN A 107 -12.26 -5.48 -10.26
CA GLN A 107 -13.14 -5.86 -11.37
C GLN A 107 -14.37 -6.59 -10.85
N ASN A 108 -14.31 -7.04 -9.60
CA ASN A 108 -15.43 -7.76 -8.99
C ASN A 108 -16.34 -6.80 -8.23
N GLY A 109 -15.83 -5.59 -7.97
CA GLY A 109 -16.61 -4.60 -7.25
C GLY A 109 -16.43 -4.71 -5.75
N LEU A 110 -15.70 -5.73 -5.31
CA LEU A 110 -15.45 -5.94 -3.88
C LEU A 110 -14.48 -4.90 -3.34
N LEU A 111 -13.79 -4.22 -4.24
CA LEU A 111 -12.83 -3.19 -3.84
C LEU A 111 -13.52 -1.84 -3.66
N GLN A 112 -14.33 -1.45 -4.63
CA GLN A 112 -15.06 -0.19 -4.57
C GLN A 112 -15.96 -0.14 -3.35
N LYS A 113 -16.51 -1.29 -2.97
CA LYS A 113 -17.40 -1.38 -1.81
C LYS A 113 -16.61 -1.25 -0.51
N LEU A 114 -15.33 -1.61 -0.57
CA LEU A 114 -14.46 -1.54 0.60
C LEU A 114 -14.01 -0.10 0.86
N LEU A 115 -13.65 0.59 -0.22
CA LEU A 115 -13.20 1.98 -0.11
C LEU A 115 -14.34 2.90 0.29
N GLN A 116 -15.56 2.48 -0.02
CA GLN A 116 -16.75 3.27 0.30
C GLN A 116 -16.93 3.38 1.81
N ASP A 117 -16.36 2.44 2.54
CA ASP A 117 -16.45 2.43 4.00
C ASP A 117 -15.69 1.24 4.59
N ASP A 118 -15.99 0.05 4.08
CA ASP A 118 -15.34 -1.16 4.56
C ASP A 118 -15.83 -2.38 3.78
N ALA A 17 16.10 2.32 15.97
CA ALA A 17 15.13 3.11 15.23
C ALA A 17 14.10 2.22 14.53
N ARG A 18 14.45 0.95 14.37
CA ARG A 18 13.56 0.00 13.72
C ARG A 18 12.17 0.02 14.36
N GLU A 19 12.14 0.33 15.66
CA GLU A 19 10.88 0.38 16.39
C GLU A 19 10.11 1.65 16.05
N GLU A 20 10.83 2.74 15.83
CA GLU A 20 10.21 4.02 15.50
C GLU A 20 9.75 4.03 14.05
N LEU A 21 10.64 3.66 13.14
CA LEU A 21 10.33 3.63 11.71
C LEU A 21 9.08 2.80 11.45
N ARG A 22 9.11 1.54 11.85
CA ARG A 22 7.98 0.64 11.65
C ARG A 22 6.70 1.25 12.23
N ARG A 23 6.83 1.94 13.36
CA ARG A 23 5.69 2.57 14.01
C ARG A 23 5.00 3.55 13.06
N ARG A 24 5.74 4.04 12.07
CA ARG A 24 5.20 4.98 11.10
C ARG A 24 4.52 4.24 9.94
N LEU A 25 5.14 3.16 9.50
CA LEU A 25 4.61 2.36 8.40
C LEU A 25 3.28 1.73 8.79
N ARG A 26 3.16 1.34 10.06
CA ARG A 26 1.94 0.71 10.56
C ARG A 26 0.90 1.77 10.92
N ASP A 27 1.37 2.98 11.24
CA ASP A 27 0.48 4.07 11.60
C ASP A 27 -0.07 4.76 10.35
N LEU A 28 0.73 4.80 9.30
CA LEU A 28 0.31 5.43 8.06
C LEU A 28 -0.96 4.80 7.52
N ILE A 29 -1.25 3.58 7.97
CA ILE A 29 -2.45 2.87 7.54
C ILE A 29 -3.71 3.53 8.10
N GLU A 30 -3.59 4.10 9.30
CA GLU A 30 -4.72 4.77 9.94
C GLU A 30 -4.63 6.28 9.76
N GLY A 31 -3.41 6.80 9.80
CA GLY A 31 -3.20 8.23 9.64
C GLY A 31 -3.76 8.76 8.34
N ASN A 32 -3.92 7.86 7.36
CA ASN A 32 -4.46 8.25 6.06
C ASN A 32 -5.51 7.25 5.59
N ARG A 33 -6.62 7.77 5.10
CA ARG A 33 -7.72 6.93 4.61
C ARG A 33 -7.19 5.86 3.66
N VAL A 34 -6.42 6.28 2.67
CA VAL A 34 -5.85 5.36 1.69
C VAL A 34 -4.37 5.64 1.47
N MET A 35 -3.54 4.66 1.81
CA MET A 35 -2.09 4.80 1.65
C MET A 35 -1.50 3.58 0.94
N ILE A 36 -0.60 3.82 0.00
CA ILE A 36 0.03 2.75 -0.75
C ILE A 36 1.53 2.99 -0.88
N PHE A 37 2.31 1.91 -0.72
CA PHE A 37 3.76 2.01 -0.83
C PHE A 37 4.24 1.45 -2.16
N SER A 38 5.33 2.03 -2.69
CA SER A 38 5.89 1.59 -3.96
C SER A 38 7.38 1.90 -4.03
N LYS A 39 7.94 1.84 -5.23
CA LYS A 39 9.35 2.12 -5.45
C LYS A 39 9.58 2.81 -6.78
N SER A 40 10.85 2.97 -7.16
CA SER A 40 11.20 3.61 -8.41
C SER A 40 11.06 2.64 -9.58
N TYR A 41 11.64 1.45 -9.43
CA TYR A 41 11.59 0.44 -10.47
C TYR A 41 11.06 -0.89 -9.91
N CYS A 42 9.79 -0.90 -9.54
CA CYS A 42 9.16 -2.09 -8.99
C CYS A 42 7.72 -2.21 -9.44
N PRO A 43 7.48 -3.02 -10.48
CA PRO A 43 6.14 -3.23 -11.04
C PRO A 43 5.24 -4.04 -10.09
N HIS A 44 3.95 -4.08 -10.41
CA HIS A 44 3.00 -4.82 -9.60
C HIS A 44 2.63 -4.03 -8.34
N SER A 45 3.65 -3.56 -7.62
CA SER A 45 3.45 -2.80 -6.40
C SER A 45 2.98 -1.37 -6.72
N THR A 46 3.35 -0.90 -7.91
CA THR A 46 2.98 0.44 -8.34
C THR A 46 1.60 0.45 -8.98
N ARG A 47 1.35 -0.52 -9.86
CA ARG A 47 0.06 -0.63 -10.55
C ARG A 47 -1.08 -0.66 -9.54
N VAL A 48 -0.93 -1.45 -8.49
CA VAL A 48 -1.95 -1.57 -7.46
C VAL A 48 -2.42 -0.19 -7.00
N LYS A 49 -1.54 0.80 -7.10
CA LYS A 49 -1.87 2.15 -6.69
C LYS A 49 -2.78 2.83 -7.71
N GLU A 50 -2.48 2.63 -9.00
CA GLU A 50 -3.27 3.22 -10.07
C GLU A 50 -4.75 2.90 -9.88
N LEU A 51 -5.03 1.72 -9.33
CA LEU A 51 -6.41 1.29 -9.11
C LEU A 51 -7.20 2.37 -8.37
N PHE A 52 -6.71 2.75 -7.20
CA PHE A 52 -7.37 3.77 -6.40
C PHE A 52 -7.66 5.02 -7.24
N SER A 53 -6.65 5.48 -7.97
CA SER A 53 -6.81 6.67 -8.81
C SER A 53 -8.00 6.52 -9.74
N SER A 54 -8.08 5.38 -10.42
CA SER A 54 -9.16 5.12 -11.35
C SER A 54 -10.45 4.76 -10.60
N LEU A 55 -10.34 4.64 -9.29
CA LEU A 55 -11.49 4.30 -8.45
C LEU A 55 -12.19 5.56 -7.96
N GLY A 56 -11.84 6.70 -8.56
CA GLY A 56 -12.46 7.96 -8.17
C GLY A 56 -12.14 8.35 -6.75
N VAL A 57 -11.19 7.64 -6.13
CA VAL A 57 -10.80 7.92 -4.76
C VAL A 57 -9.35 8.40 -4.69
N VAL A 58 -9.09 9.35 -3.80
CA VAL A 58 -7.75 9.89 -3.64
C VAL A 58 -6.94 9.08 -2.63
N TYR A 59 -5.63 9.02 -2.86
CA TYR A 59 -4.74 8.27 -1.97
C TYR A 59 -3.36 8.92 -1.91
N ASN A 60 -2.50 8.36 -1.06
CA ASN A 60 -1.15 8.89 -0.91
C ASN A 60 -0.13 7.95 -1.54
N ILE A 61 0.80 8.52 -2.31
CA ILE A 61 1.83 7.73 -2.97
C ILE A 61 3.18 7.92 -2.29
N LEU A 62 3.73 6.84 -1.75
CA LEU A 62 5.02 6.89 -1.09
C LEU A 62 5.97 5.82 -1.64
N GLU A 63 7.17 6.25 -2.02
CA GLU A 63 8.17 5.34 -2.56
C GLU A 63 9.36 5.21 -1.62
N LEU A 64 9.67 3.98 -1.23
CA LEU A 64 10.79 3.72 -0.33
C LEU A 64 12.11 3.80 -1.07
N ASP A 65 12.04 3.87 -2.40
CA ASP A 65 13.23 3.97 -3.23
C ASP A 65 13.68 5.41 -3.41
N GLN A 66 12.88 6.33 -2.85
CA GLN A 66 13.19 7.76 -2.95
C GLN A 66 13.45 8.35 -1.58
N VAL A 67 12.94 7.69 -0.54
CA VAL A 67 13.11 8.15 0.83
C VAL A 67 14.56 8.03 1.26
N ASP A 68 14.82 8.29 2.54
CA ASP A 68 16.17 8.21 3.09
C ASP A 68 16.38 6.89 3.82
N ASP A 69 15.34 6.41 4.47
CA ASP A 69 15.40 5.15 5.21
C ASP A 69 14.91 3.98 4.36
N GLY A 70 15.07 4.12 3.04
CA GLY A 70 14.64 3.07 2.14
C GLY A 70 15.14 1.70 2.54
N ALA A 71 16.21 1.68 3.32
CA ALA A 71 16.80 0.42 3.78
C ALA A 71 15.97 -0.21 4.88
N SER A 72 15.76 0.54 5.96
CA SER A 72 14.98 0.05 7.09
C SER A 72 13.48 0.13 6.79
N VAL A 73 13.04 1.28 6.32
CA VAL A 73 11.63 1.49 5.99
C VAL A 73 11.10 0.33 5.15
N GLN A 74 11.92 -0.15 4.22
CA GLN A 74 11.52 -1.25 3.35
C GLN A 74 11.85 -2.60 3.99
N GLU A 75 12.80 -2.58 4.91
CA GLU A 75 13.21 -3.81 5.60
C GLU A 75 12.06 -4.37 6.42
N VAL A 76 11.36 -3.49 7.13
CA VAL A 76 10.24 -3.91 7.96
C VAL A 76 8.94 -3.97 7.16
N LEU A 77 8.91 -3.23 6.05
CA LEU A 77 7.74 -3.20 5.19
C LEU A 77 7.67 -4.45 4.31
N THR A 78 8.78 -4.79 3.68
CA THR A 78 8.85 -5.96 2.81
C THR A 78 8.44 -7.22 3.57
N GLU A 79 8.59 -7.19 4.89
CA GLU A 79 8.24 -8.33 5.73
C GLU A 79 6.72 -8.44 5.89
N ILE A 80 6.04 -7.32 5.72
CA ILE A 80 4.58 -7.28 5.85
C ILE A 80 3.93 -8.41 5.05
N SER A 81 4.49 -8.68 3.87
CA SER A 81 3.96 -9.73 3.00
C SER A 81 5.08 -10.63 2.50
N ASN A 82 6.30 -10.33 2.92
CA ASN A 82 7.47 -11.12 2.52
C ASN A 82 7.46 -11.35 1.01
N GLN A 83 7.30 -10.27 0.24
CA GLN A 83 7.27 -10.37 -1.21
C GLN A 83 8.41 -9.56 -1.82
N LYS A 84 8.74 -9.87 -3.07
CA LYS A 84 9.81 -9.17 -3.78
C LYS A 84 9.56 -7.67 -3.80
N THR A 85 8.38 -7.28 -4.28
CA THR A 85 8.02 -5.87 -4.36
C THR A 85 7.58 -5.34 -2.99
N VAL A 86 7.14 -4.08 -2.97
CA VAL A 86 6.67 -3.47 -1.74
C VAL A 86 5.20 -3.07 -1.83
N PRO A 87 4.37 -4.01 -2.26
CA PRO A 87 2.92 -3.79 -2.41
C PRO A 87 2.22 -3.63 -1.06
N ASN A 88 1.60 -2.47 -0.85
CA ASN A 88 0.89 -2.20 0.40
C ASN A 88 -0.46 -1.56 0.12
N ILE A 89 -1.53 -2.31 0.35
CA ILE A 89 -2.88 -1.81 0.13
C ILE A 89 -3.71 -1.90 1.40
N PHE A 90 -3.90 -0.76 2.06
CA PHE A 90 -4.67 -0.71 3.29
C PHE A 90 -5.48 0.58 3.38
N VAL A 91 -6.81 0.44 3.29
CA VAL A 91 -7.69 1.59 3.35
C VAL A 91 -8.65 1.49 4.53
N ASN A 92 -8.85 2.61 5.23
CA ASN A 92 -9.75 2.64 6.38
C ASN A 92 -9.22 1.74 7.50
N LYS A 93 -7.91 1.66 7.61
CA LYS A 93 -7.28 0.84 8.64
C LYS A 93 -7.60 -0.64 8.44
N VAL A 94 -7.80 -1.02 7.18
CA VAL A 94 -8.12 -2.41 6.85
C VAL A 94 -7.12 -2.97 5.82
N HIS A 95 -7.02 -4.29 5.77
CA HIS A 95 -6.11 -4.95 4.86
C HIS A 95 -6.84 -5.39 3.60
N VAL A 96 -6.31 -5.02 2.44
CA VAL A 96 -6.91 -5.38 1.16
C VAL A 96 -6.26 -6.62 0.57
N GLY A 97 -4.93 -6.68 0.65
CA GLY A 97 -4.20 -7.82 0.12
C GLY A 97 -3.28 -7.44 -1.02
N GLY A 98 -3.81 -7.45 -2.24
CA GLY A 98 -3.01 -7.10 -3.40
C GLY A 98 -2.45 -8.32 -4.10
N CYS A 99 -2.08 -8.16 -5.36
CA CYS A 99 -1.52 -9.25 -6.14
C CYS A 99 -2.56 -10.36 -6.36
N ASP A 100 -3.81 -10.04 -6.05
CA ASP A 100 -4.90 -11.00 -6.20
C ASP A 100 -6.20 -10.43 -5.66
N ARG A 101 -6.13 -9.82 -4.49
CA ARG A 101 -7.31 -9.23 -3.86
C ARG A 101 -7.64 -7.88 -4.47
N THR A 102 -6.69 -6.96 -4.41
CA THR A 102 -6.88 -5.61 -4.95
C THR A 102 -7.02 -5.66 -6.48
N PHE A 103 -6.47 -6.70 -7.08
CA PHE A 103 -6.54 -6.85 -8.53
C PHE A 103 -7.90 -7.41 -8.95
N GLN A 104 -8.35 -8.45 -8.27
CA GLN A 104 -9.64 -9.07 -8.57
C GLN A 104 -10.79 -8.20 -8.08
N ALA A 105 -10.76 -7.83 -6.80
CA ALA A 105 -11.79 -6.99 -6.22
C ALA A 105 -12.07 -5.76 -7.08
N HIS A 106 -11.04 -5.31 -7.79
CA HIS A 106 -11.16 -4.14 -8.65
C HIS A 106 -12.15 -4.40 -9.79
N GLN A 107 -12.00 -5.55 -10.44
CA GLN A 107 -12.88 -5.92 -11.54
C GLN A 107 -14.11 -6.66 -11.03
N ASN A 108 -14.03 -7.13 -9.79
CA ASN A 108 -15.14 -7.86 -9.18
C ASN A 108 -16.10 -6.90 -8.46
N GLY A 109 -15.62 -5.68 -8.21
CA GLY A 109 -16.44 -4.70 -7.54
C GLY A 109 -16.29 -4.75 -6.02
N LEU A 110 -15.59 -5.78 -5.54
CA LEU A 110 -15.38 -5.95 -4.11
C LEU A 110 -14.44 -4.88 -3.57
N LEU A 111 -13.72 -4.22 -4.47
CA LEU A 111 -12.78 -3.17 -4.07
C LEU A 111 -13.48 -1.82 -4.00
N GLN A 112 -14.21 -1.47 -5.07
CA GLN A 112 -14.93 -0.20 -5.11
C GLN A 112 -15.88 -0.07 -3.93
N LYS A 113 -16.45 -1.19 -3.51
CA LYS A 113 -17.38 -1.20 -2.39
C LYS A 113 -16.64 -1.08 -1.06
N LEU A 114 -15.37 -1.44 -1.07
CA LEU A 114 -14.54 -1.36 0.14
C LEU A 114 -14.06 0.06 0.37
N LEU A 115 -13.48 0.66 -0.65
CA LEU A 115 -12.98 2.04 -0.54
C LEU A 115 -14.11 3.00 -0.21
N GLN A 116 -15.33 2.62 -0.56
CA GLN A 116 -16.50 3.46 -0.30
C GLN A 116 -16.97 3.29 1.15
N ASP A 117 -16.73 2.11 1.71
CA ASP A 117 -17.13 1.82 3.08
C ASP A 117 -16.73 0.41 3.47
N ASP A 118 -17.20 -0.57 2.70
CA ASP A 118 -16.88 -1.96 2.97
C ASP A 118 -17.23 -2.84 1.76
N ALA A 17 15.80 -0.14 17.19
CA ALA A 17 15.03 0.97 16.67
C ALA A 17 14.32 0.61 15.37
N ARG A 18 14.80 -0.45 14.72
CA ARG A 18 14.22 -0.91 13.48
C ARG A 18 12.71 -1.07 13.60
N GLU A 19 12.25 -1.43 14.80
CA GLU A 19 10.83 -1.61 15.05
C GLU A 19 10.13 -0.28 15.21
N GLU A 20 10.82 0.69 15.82
CA GLU A 20 10.25 2.01 16.03
C GLU A 20 9.83 2.64 14.71
N LEU A 21 10.58 2.33 13.65
CA LEU A 21 10.28 2.87 12.33
C LEU A 21 8.97 2.32 11.79
N ARG A 22 8.83 1.00 11.84
CA ARG A 22 7.61 0.34 11.36
C ARG A 22 6.37 0.96 11.99
N ARG A 23 6.53 1.46 13.21
CA ARG A 23 5.42 2.07 13.93
C ARG A 23 4.83 3.24 13.14
N ARG A 24 5.65 3.83 12.26
CA ARG A 24 5.21 4.95 11.44
C ARG A 24 4.57 4.45 10.15
N LEU A 25 5.22 3.50 9.50
CA LEU A 25 4.71 2.94 8.26
C LEU A 25 3.30 2.37 8.45
N ARG A 26 2.99 2.00 9.69
CA ARG A 26 1.68 1.43 10.01
C ARG A 26 0.66 2.55 10.28
N ASP A 27 1.00 3.44 11.19
CA ASP A 27 0.13 4.55 11.54
C ASP A 27 -0.25 5.37 10.30
N LEU A 28 0.67 5.42 9.34
CA LEU A 28 0.44 6.16 8.10
C LEU A 28 -0.86 5.73 7.45
N ILE A 29 -1.11 4.43 7.45
CA ILE A 29 -2.33 3.88 6.85
C ILE A 29 -3.57 4.40 7.57
N GLU A 30 -3.42 4.77 8.84
CA GLU A 30 -4.52 5.29 9.63
C GLU A 30 -4.70 6.78 9.41
N GLY A 31 -3.59 7.49 9.21
CA GLY A 31 -3.64 8.92 8.98
C GLY A 31 -4.23 9.27 7.63
N ASN A 32 -4.31 8.28 6.74
CA ASN A 32 -4.85 8.49 5.40
C ASN A 32 -5.82 7.37 5.03
N ARG A 33 -6.96 7.75 4.46
CA ARG A 33 -7.98 6.78 4.06
C ARG A 33 -7.35 5.66 3.23
N VAL A 34 -6.61 6.05 2.19
CA VAL A 34 -5.97 5.08 1.31
C VAL A 34 -4.48 5.41 1.12
N MET A 35 -3.62 4.54 1.65
CA MET A 35 -2.18 4.74 1.54
C MET A 35 -1.49 3.48 1.06
N ILE A 36 -0.54 3.64 0.15
CA ILE A 36 0.19 2.49 -0.40
C ILE A 36 1.68 2.81 -0.50
N PHE A 37 2.51 1.76 -0.43
CA PHE A 37 3.95 1.91 -0.52
C PHE A 37 4.49 1.35 -1.83
N SER A 38 5.53 1.97 -2.37
CA SER A 38 6.13 1.52 -3.62
C SER A 38 7.62 1.86 -3.65
N LYS A 39 8.21 1.77 -4.84
CA LYS A 39 9.62 2.06 -5.02
C LYS A 39 9.87 2.78 -6.34
N SER A 40 11.14 2.97 -6.68
CA SER A 40 11.50 3.65 -7.92
C SER A 40 11.38 2.70 -9.11
N TYR A 41 11.97 1.52 -8.99
CA TYR A 41 11.92 0.53 -10.05
C TYR A 41 11.39 -0.81 -9.54
N CYS A 42 10.11 -0.83 -9.19
CA CYS A 42 9.48 -2.04 -8.68
C CYS A 42 8.04 -2.15 -9.16
N PRO A 43 7.84 -2.94 -10.23
CA PRO A 43 6.50 -3.14 -10.82
C PRO A 43 5.59 -3.96 -9.92
N HIS A 44 4.31 -4.04 -10.27
CA HIS A 44 3.34 -4.79 -9.49
C HIS A 44 2.91 -4.00 -8.25
N SER A 45 3.90 -3.53 -7.49
CA SER A 45 3.62 -2.77 -6.27
C SER A 45 3.13 -1.37 -6.61
N THR A 46 3.52 -0.87 -7.78
CA THR A 46 3.13 0.46 -8.21
C THR A 46 1.77 0.42 -8.91
N ARG A 47 1.60 -0.52 -9.84
CA ARG A 47 0.36 -0.65 -10.57
C ARG A 47 -0.83 -0.72 -9.62
N VAL A 48 -0.69 -1.51 -8.57
CA VAL A 48 -1.75 -1.67 -7.57
C VAL A 48 -2.28 -0.31 -7.12
N LYS A 49 -1.42 0.70 -7.15
CA LYS A 49 -1.80 2.04 -6.74
C LYS A 49 -2.50 2.78 -7.87
N GLU A 50 -2.08 2.50 -9.11
CA GLU A 50 -2.67 3.13 -10.28
C GLU A 50 -4.12 2.69 -10.47
N LEU A 51 -4.47 1.58 -9.82
CA LEU A 51 -5.83 1.04 -9.92
C LEU A 51 -6.81 1.90 -9.12
N PHE A 52 -6.40 2.27 -7.92
CA PHE A 52 -7.25 3.10 -7.05
C PHE A 52 -7.74 4.33 -7.79
N SER A 53 -6.87 4.92 -8.61
CA SER A 53 -7.23 6.11 -9.37
C SER A 53 -8.48 5.87 -10.21
N SER A 54 -8.50 4.74 -10.91
CA SER A 54 -9.63 4.39 -11.75
C SER A 54 -10.86 4.07 -10.91
N LEU A 55 -10.66 3.98 -9.59
CA LEU A 55 -11.75 3.67 -8.67
C LEU A 55 -12.43 4.95 -8.19
N GLY A 56 -12.10 6.06 -8.83
CA GLY A 56 -12.68 7.34 -8.46
C GLY A 56 -12.29 7.77 -7.06
N VAL A 57 -11.30 7.09 -6.49
CA VAL A 57 -10.83 7.40 -5.15
C VAL A 57 -9.42 7.99 -5.19
N VAL A 58 -8.99 8.55 -4.06
CA VAL A 58 -7.67 9.14 -3.96
C VAL A 58 -6.76 8.33 -3.03
N TYR A 59 -5.45 8.44 -3.25
CA TYR A 59 -4.49 7.72 -2.43
C TYR A 59 -3.19 8.51 -2.30
N ASN A 60 -2.33 8.08 -1.38
CA ASN A 60 -1.05 8.75 -1.16
C ASN A 60 0.07 8.01 -1.89
N ILE A 61 1.04 8.78 -2.39
CA ILE A 61 2.16 8.20 -3.12
C ILE A 61 3.43 8.24 -2.28
N LEU A 62 3.92 7.06 -1.90
CA LEU A 62 5.12 6.95 -1.08
C LEU A 62 6.05 5.90 -1.64
N GLU A 63 7.30 6.28 -1.92
CA GLU A 63 8.29 5.36 -2.45
C GLU A 63 9.44 5.18 -1.47
N LEU A 64 9.59 3.96 -0.97
CA LEU A 64 10.65 3.64 -0.02
C LEU A 64 12.03 3.83 -0.66
N ASP A 65 12.05 3.90 -1.98
CA ASP A 65 13.30 4.08 -2.72
C ASP A 65 13.60 5.57 -2.92
N GLN A 66 12.79 6.42 -2.31
CA GLN A 66 12.97 7.86 -2.42
C GLN A 66 13.20 8.49 -1.06
N VAL A 67 12.57 7.91 -0.02
CA VAL A 67 12.70 8.42 1.32
C VAL A 67 14.15 8.39 1.79
N ASP A 68 14.39 8.79 3.03
CA ASP A 68 15.73 8.82 3.59
C ASP A 68 16.00 7.56 4.40
N ASP A 69 14.98 7.08 5.10
CA ASP A 69 15.10 5.88 5.93
C ASP A 69 14.72 4.64 5.14
N GLY A 70 14.68 4.77 3.81
CA GLY A 70 14.32 3.65 2.97
C GLY A 70 15.00 2.36 3.40
N ALA A 71 16.22 2.48 3.91
CA ALA A 71 16.97 1.31 4.35
C ALA A 71 16.14 0.45 5.29
N SER A 72 15.67 1.05 6.39
CA SER A 72 14.87 0.34 7.37
C SER A 72 13.40 0.31 6.96
N VAL A 73 12.92 1.44 6.44
CA VAL A 73 11.53 1.55 6.00
C VAL A 73 11.13 0.35 5.14
N GLN A 74 11.78 0.22 3.98
CA GLN A 74 11.50 -0.87 3.06
C GLN A 74 11.87 -2.22 3.68
N GLU A 75 12.86 -2.19 4.56
CA GLU A 75 13.32 -3.41 5.21
C GLU A 75 12.18 -4.07 5.99
N VAL A 76 11.44 -3.26 6.73
CA VAL A 76 10.32 -3.76 7.52
C VAL A 76 9.05 -3.82 6.69
N LEU A 77 9.00 -3.04 5.61
CA LEU A 77 7.85 -3.01 4.73
C LEU A 77 7.79 -4.25 3.85
N THR A 78 8.93 -4.59 3.25
CA THR A 78 9.01 -5.77 2.39
C THR A 78 8.54 -7.02 3.11
N GLU A 79 8.64 -7.01 4.43
CA GLU A 79 8.22 -8.15 5.24
C GLU A 79 6.70 -8.17 5.40
N ILE A 80 6.09 -7.01 5.29
CA ILE A 80 4.63 -6.89 5.43
C ILE A 80 3.92 -7.85 4.48
N SER A 81 4.49 -8.02 3.29
CA SER A 81 3.90 -8.91 2.29
C SER A 81 4.90 -10.00 1.90
N ASN A 82 6.14 -9.84 2.31
CA ASN A 82 7.19 -10.80 1.99
C ASN A 82 7.23 -11.08 0.49
N GLN A 83 7.18 -10.01 -0.30
CA GLN A 83 7.22 -10.14 -1.75
C GLN A 83 8.39 -9.36 -2.34
N LYS A 84 8.86 -9.79 -3.51
CA LYS A 84 9.98 -9.13 -4.17
C LYS A 84 9.79 -7.62 -4.15
N THR A 85 8.56 -7.17 -4.33
CA THR A 85 8.26 -5.74 -4.33
C THR A 85 7.75 -5.29 -2.97
N VAL A 86 7.35 -4.02 -2.88
CA VAL A 86 6.84 -3.46 -1.63
C VAL A 86 5.38 -3.06 -1.77
N PRO A 87 4.54 -4.01 -2.20
CA PRO A 87 3.11 -3.78 -2.38
C PRO A 87 2.37 -3.61 -1.05
N ASN A 88 1.71 -2.47 -0.89
CA ASN A 88 0.96 -2.18 0.33
C ASN A 88 -0.40 -1.57 0.01
N ILE A 89 -1.45 -2.33 0.28
CA ILE A 89 -2.82 -1.87 0.02
C ILE A 89 -3.67 -1.98 1.28
N PHE A 90 -3.88 -0.85 1.94
CA PHE A 90 -4.69 -0.82 3.16
C PHE A 90 -5.55 0.45 3.21
N VAL A 91 -6.86 0.27 3.12
CA VAL A 91 -7.78 1.40 3.16
C VAL A 91 -8.76 1.27 4.31
N ASN A 92 -9.00 2.37 5.02
CA ASN A 92 -9.92 2.38 6.15
C ASN A 92 -9.40 1.50 7.27
N LYS A 93 -8.09 1.55 7.50
CA LYS A 93 -7.47 0.75 8.55
C LYS A 93 -7.77 -0.74 8.36
N VAL A 94 -7.72 -1.19 7.11
CA VAL A 94 -7.99 -2.59 6.80
C VAL A 94 -7.01 -3.11 5.75
N HIS A 95 -6.87 -4.43 5.69
CA HIS A 95 -5.96 -5.06 4.73
C HIS A 95 -6.72 -5.50 3.48
N VAL A 96 -6.20 -5.14 2.31
CA VAL A 96 -6.82 -5.51 1.05
C VAL A 96 -6.15 -6.72 0.43
N GLY A 97 -4.83 -6.74 0.49
CA GLY A 97 -4.08 -7.86 -0.07
C GLY A 97 -3.18 -7.44 -1.22
N GLY A 98 -3.75 -7.39 -2.42
CA GLY A 98 -2.97 -7.01 -3.58
C GLY A 98 -2.40 -8.20 -4.32
N CYS A 99 -2.03 -7.99 -5.58
CA CYS A 99 -1.47 -9.06 -6.40
C CYS A 99 -2.49 -10.16 -6.64
N ASP A 100 -3.75 -9.87 -6.31
CA ASP A 100 -4.83 -10.83 -6.50
C ASP A 100 -6.14 -10.30 -5.92
N ARG A 101 -6.06 -9.76 -4.71
CA ARG A 101 -7.24 -9.22 -4.03
C ARG A 101 -7.60 -7.85 -4.60
N THR A 102 -6.67 -6.91 -4.51
CA THR A 102 -6.88 -5.55 -5.01
C THR A 102 -7.25 -5.57 -6.48
N PHE A 103 -6.87 -6.63 -7.17
CA PHE A 103 -7.15 -6.77 -8.60
C PHE A 103 -8.54 -7.36 -8.82
N GLN A 104 -8.85 -8.43 -8.09
CA GLN A 104 -10.14 -9.08 -8.20
C GLN A 104 -11.25 -8.23 -7.60
N ALA A 105 -11.08 -7.84 -6.34
CA ALA A 105 -12.07 -7.01 -5.65
C ALA A 105 -12.50 -5.85 -6.53
N HIS A 106 -11.60 -5.38 -7.39
CA HIS A 106 -11.89 -4.26 -8.28
C HIS A 106 -13.03 -4.61 -9.22
N GLN A 107 -12.84 -5.67 -10.01
CA GLN A 107 -13.86 -6.11 -10.97
C GLN A 107 -14.96 -6.90 -10.26
N ASN A 108 -14.68 -7.32 -9.03
CA ASN A 108 -15.65 -8.09 -8.26
C ASN A 108 -16.58 -7.16 -7.48
N GLY A 109 -16.17 -5.91 -7.31
CA GLY A 109 -16.97 -4.95 -6.60
C GLY A 109 -16.66 -4.92 -5.11
N LEU A 110 -15.80 -5.84 -4.68
CA LEU A 110 -15.42 -5.92 -3.27
C LEU A 110 -14.47 -4.79 -2.89
N LEU A 111 -13.85 -4.19 -3.90
CA LEU A 111 -12.91 -3.09 -3.68
C LEU A 111 -13.64 -1.76 -3.65
N GLN A 112 -14.48 -1.51 -4.64
CA GLN A 112 -15.24 -0.28 -4.72
C GLN A 112 -16.06 -0.05 -3.45
N LYS A 113 -16.55 -1.14 -2.87
CA LYS A 113 -17.34 -1.07 -1.65
C LYS A 113 -16.46 -0.78 -0.44
N LEU A 114 -15.19 -1.17 -0.52
CA LEU A 114 -14.24 -0.95 0.56
C LEU A 114 -13.80 0.50 0.61
N LEU A 115 -13.31 1.01 -0.52
CA LEU A 115 -12.86 2.39 -0.61
C LEU A 115 -14.01 3.36 -0.33
N GLN A 116 -15.23 2.90 -0.57
CA GLN A 116 -16.40 3.72 -0.34
C GLN A 116 -16.77 3.78 1.14
N ASP A 117 -16.36 2.75 1.87
CA ASP A 117 -16.63 2.67 3.31
C ASP A 117 -16.07 1.39 3.90
N ASP A 118 -16.45 0.25 3.31
CA ASP A 118 -15.97 -1.05 3.79
C ASP A 118 -16.54 -2.17 2.92
N ALA A 17 15.12 -0.21 17.23
CA ALA A 17 14.66 0.94 16.46
C ALA A 17 13.85 0.51 15.25
N ARG A 18 14.01 -0.75 14.86
CA ARG A 18 13.30 -1.29 13.70
C ARG A 18 11.80 -1.02 13.83
N GLU A 19 11.31 -0.98 15.06
CA GLU A 19 9.89 -0.72 15.30
C GLU A 19 9.57 0.76 15.13
N GLU A 20 10.50 1.61 15.52
CA GLU A 20 10.30 3.06 15.41
C GLU A 20 9.94 3.44 13.97
N LEU A 21 10.70 2.91 13.01
CA LEU A 21 10.45 3.21 11.60
C LEU A 21 9.15 2.56 11.13
N ARG A 22 9.00 1.27 11.43
CA ARG A 22 7.80 0.55 11.04
C ARG A 22 6.54 1.28 11.49
N ARG A 23 6.61 1.91 12.66
CA ARG A 23 5.48 2.64 13.21
C ARG A 23 5.08 3.79 12.28
N ARG A 24 6.04 4.30 11.52
CA ARG A 24 5.78 5.40 10.59
C ARG A 24 5.15 4.88 9.30
N LEU A 25 5.51 3.66 8.92
CA LEU A 25 4.96 3.05 7.71
C LEU A 25 3.55 2.54 7.93
N ARG A 26 3.27 2.14 9.17
CA ARG A 26 1.95 1.63 9.53
C ARG A 26 1.00 2.77 9.89
N ASP A 27 1.43 3.61 10.83
CA ASP A 27 0.62 4.74 11.27
C ASP A 27 0.28 5.65 10.09
N LEU A 28 1.16 5.67 9.10
CA LEU A 28 0.96 6.50 7.92
C LEU A 28 -0.33 6.13 7.21
N ILE A 29 -0.80 4.92 7.43
CA ILE A 29 -2.03 4.44 6.81
C ILE A 29 -3.26 4.93 7.57
N GLU A 30 -3.07 5.26 8.85
CA GLU A 30 -4.16 5.74 9.68
C GLU A 30 -4.41 7.23 9.45
N GLY A 31 -3.35 7.94 9.06
CA GLY A 31 -3.47 9.37 8.81
C GLY A 31 -4.11 9.67 7.47
N ASN A 32 -4.21 8.65 6.62
CA ASN A 32 -4.81 8.81 5.30
C ASN A 32 -5.73 7.64 4.97
N ARG A 33 -6.89 7.96 4.41
CA ARG A 33 -7.86 6.93 4.04
C ARG A 33 -7.19 5.79 3.30
N VAL A 34 -6.50 6.11 2.21
CA VAL A 34 -5.81 5.11 1.41
C VAL A 34 -4.29 5.34 1.44
N MET A 35 -3.55 4.26 1.67
CA MET A 35 -2.09 4.35 1.70
C MET A 35 -1.46 3.26 0.84
N ILE A 36 -0.54 3.66 -0.03
CA ILE A 36 0.13 2.72 -0.92
C ILE A 36 1.63 3.00 -0.99
N PHE A 37 2.44 1.98 -0.73
CA PHE A 37 3.89 2.13 -0.77
C PHE A 37 4.47 1.47 -2.01
N SER A 38 5.53 2.05 -2.55
CA SER A 38 6.18 1.53 -3.74
C SER A 38 7.66 1.89 -3.76
N LYS A 39 8.28 1.76 -4.94
CA LYS A 39 9.69 2.09 -5.10
C LYS A 39 9.92 2.96 -6.33
N SER A 40 11.19 3.17 -6.67
CA SER A 40 11.54 4.00 -7.83
C SER A 40 11.36 3.22 -9.12
N TYR A 41 11.97 2.04 -9.18
CA TYR A 41 11.89 1.20 -10.37
C TYR A 41 11.43 -0.22 -10.00
N CYS A 42 10.17 -0.34 -9.60
CA CYS A 42 9.61 -1.63 -9.22
C CYS A 42 8.16 -1.75 -9.67
N PRO A 43 7.94 -2.42 -10.81
CA PRO A 43 6.60 -2.61 -11.36
C PRO A 43 5.76 -3.58 -10.54
N HIS A 44 4.48 -3.66 -10.86
CA HIS A 44 3.57 -4.54 -10.14
C HIS A 44 3.16 -3.93 -8.80
N SER A 45 4.14 -3.49 -8.03
CA SER A 45 3.90 -2.89 -6.73
C SER A 45 3.30 -1.48 -6.88
N THR A 46 3.62 -0.84 -8.00
CA THR A 46 3.12 0.50 -8.26
C THR A 46 1.74 0.46 -8.90
N ARG A 47 1.54 -0.49 -9.81
CA ARG A 47 0.26 -0.64 -10.50
C ARG A 47 -0.89 -0.71 -9.49
N VAL A 48 -0.67 -1.43 -8.40
CA VAL A 48 -1.68 -1.59 -7.37
C VAL A 48 -2.22 -0.23 -6.93
N LYS A 49 -1.42 0.81 -7.12
CA LYS A 49 -1.82 2.17 -6.74
C LYS A 49 -2.82 2.73 -7.74
N GLU A 50 -2.63 2.41 -9.01
CA GLU A 50 -3.53 2.89 -10.06
C GLU A 50 -4.96 2.41 -9.81
N LEU A 51 -5.10 1.36 -9.00
CA LEU A 51 -6.40 0.80 -8.69
C LEU A 51 -7.29 1.85 -8.03
N PHE A 52 -6.89 2.31 -6.85
CA PHE A 52 -7.64 3.32 -6.11
C PHE A 52 -8.00 4.50 -7.00
N SER A 53 -7.04 4.92 -7.82
CA SER A 53 -7.24 6.04 -8.73
C SER A 53 -8.48 5.83 -9.60
N SER A 54 -8.58 4.64 -10.17
CA SER A 54 -9.70 4.29 -11.04
C SER A 54 -10.96 4.02 -10.21
N LEU A 55 -10.79 4.02 -8.88
CA LEU A 55 -11.91 3.78 -7.98
C LEU A 55 -12.56 5.09 -7.54
N GLY A 56 -12.16 6.18 -8.19
CA GLY A 56 -12.70 7.48 -7.85
C GLY A 56 -12.27 7.95 -6.48
N VAL A 57 -11.35 7.21 -5.85
CA VAL A 57 -10.85 7.56 -4.53
C VAL A 57 -9.42 8.07 -4.61
N VAL A 58 -9.09 9.03 -3.74
CA VAL A 58 -7.75 9.60 -3.71
C VAL A 58 -6.86 8.86 -2.71
N TYR A 59 -5.56 8.84 -2.99
CA TYR A 59 -4.61 8.16 -2.12
C TYR A 59 -3.25 8.86 -2.16
N ASN A 60 -2.33 8.40 -1.32
CA ASN A 60 -1.00 8.98 -1.25
C ASN A 60 0.04 8.00 -1.81
N ILE A 61 0.91 8.50 -2.69
CA ILE A 61 1.95 7.67 -3.28
C ILE A 61 3.31 7.97 -2.66
N LEU A 62 3.90 6.97 -2.02
CA LEU A 62 5.20 7.13 -1.39
C LEU A 62 6.16 6.02 -1.82
N GLU A 63 7.36 6.40 -2.23
CA GLU A 63 8.36 5.44 -2.66
C GLU A 63 9.49 5.32 -1.64
N LEU A 64 9.53 4.18 -0.95
CA LEU A 64 10.56 3.94 0.06
C LEU A 64 11.95 3.98 -0.56
N ASP A 65 12.01 3.86 -1.88
CA ASP A 65 13.28 3.88 -2.59
C ASP A 65 13.81 5.30 -2.71
N GLN A 66 13.02 6.27 -2.25
CA GLN A 66 13.41 7.67 -2.32
C GLN A 66 13.56 8.26 -0.92
N VAL A 67 12.91 7.62 0.06
CA VAL A 67 12.97 8.09 1.45
C VAL A 67 14.41 8.10 1.96
N ASP A 68 14.57 8.34 3.25
CA ASP A 68 15.89 8.37 3.87
C ASP A 68 16.22 7.01 4.51
N ASP A 69 15.26 6.45 5.23
CA ASP A 69 15.45 5.17 5.89
C ASP A 69 14.96 4.03 5.01
N GLY A 70 14.99 4.24 3.70
CA GLY A 70 14.53 3.22 2.77
C GLY A 70 15.05 1.84 3.12
N ALA A 71 16.31 1.77 3.52
CA ALA A 71 16.93 0.50 3.90
C ALA A 71 16.08 -0.24 4.91
N SER A 72 15.81 0.39 6.04
CA SER A 72 15.01 -0.22 7.09
C SER A 72 13.55 -0.31 6.68
N VAL A 73 13.06 0.72 6.02
CA VAL A 73 11.67 0.76 5.56
C VAL A 73 11.30 -0.53 4.84
N GLN A 74 11.94 -0.77 3.71
CA GLN A 74 11.67 -1.97 2.92
C GLN A 74 11.95 -3.23 3.74
N GLU A 75 12.84 -3.11 4.72
CA GLU A 75 13.20 -4.23 5.57
C GLU A 75 11.99 -4.70 6.39
N VAL A 76 11.29 -3.75 7.01
CA VAL A 76 10.12 -4.06 7.82
C VAL A 76 8.86 -4.09 6.97
N LEU A 77 8.91 -3.43 5.82
CA LEU A 77 7.77 -3.38 4.91
C LEU A 77 7.68 -4.66 4.09
N THR A 78 8.80 -5.09 3.54
CA THR A 78 8.84 -6.30 2.73
C THR A 78 8.28 -7.49 3.50
N GLU A 79 8.32 -7.41 4.82
CA GLU A 79 7.82 -8.48 5.67
C GLU A 79 6.31 -8.39 5.83
N ILE A 80 5.78 -7.18 5.64
CA ILE A 80 4.34 -6.95 5.77
C ILE A 80 3.57 -7.82 4.79
N SER A 81 4.08 -7.94 3.57
CA SER A 81 3.44 -8.74 2.54
C SER A 81 4.29 -9.95 2.15
N ASN A 82 5.56 -9.92 2.57
CA ASN A 82 6.49 -11.00 2.28
C ASN A 82 6.59 -11.24 0.77
N GLN A 83 6.64 -10.15 0.01
CA GLN A 83 6.73 -10.24 -1.45
C GLN A 83 7.98 -9.53 -1.96
N LYS A 84 8.51 -10.01 -3.08
CA LYS A 84 9.70 -9.41 -3.67
C LYS A 84 9.60 -7.88 -3.69
N THR A 85 8.44 -7.38 -4.06
CA THR A 85 8.21 -5.94 -4.12
C THR A 85 7.71 -5.41 -2.78
N VAL A 86 7.35 -4.13 -2.75
CA VAL A 86 6.85 -3.51 -1.53
C VAL A 86 5.40 -3.08 -1.69
N PRO A 87 4.55 -4.03 -2.09
CA PRO A 87 3.11 -3.77 -2.28
C PRO A 87 2.38 -3.54 -0.97
N ASN A 88 1.73 -2.37 -0.86
CA ASN A 88 0.99 -2.02 0.35
C ASN A 88 -0.39 -1.47 0.00
N ILE A 89 -1.43 -2.18 0.40
CA ILE A 89 -2.80 -1.76 0.14
C ILE A 89 -3.66 -1.86 1.39
N PHE A 90 -3.92 -0.73 2.02
CA PHE A 90 -4.73 -0.69 3.23
C PHE A 90 -5.57 0.59 3.28
N VAL A 91 -6.89 0.42 3.19
CA VAL A 91 -7.81 1.55 3.23
C VAL A 91 -8.65 1.53 4.49
N ASN A 92 -8.91 2.71 5.05
CA ASN A 92 -9.71 2.83 6.26
C ASN A 92 -9.17 1.92 7.35
N LYS A 93 -7.85 1.85 7.47
CA LYS A 93 -7.20 1.01 8.47
C LYS A 93 -7.54 -0.45 8.26
N VAL A 94 -7.90 -0.80 7.03
CA VAL A 94 -8.25 -2.18 6.70
C VAL A 94 -7.21 -2.80 5.76
N HIS A 95 -7.16 -4.12 5.74
CA HIS A 95 -6.22 -4.84 4.89
C HIS A 95 -6.89 -5.29 3.60
N VAL A 96 -6.26 -4.95 2.47
CA VAL A 96 -6.80 -5.33 1.16
C VAL A 96 -6.07 -6.54 0.60
N GLY A 97 -4.76 -6.59 0.81
CA GLY A 97 -3.97 -7.70 0.31
C GLY A 97 -2.86 -7.25 -0.62
N GLY A 98 -2.98 -7.59 -1.90
CA GLY A 98 -1.97 -7.22 -2.87
C GLY A 98 -1.80 -8.25 -3.97
N CYS A 99 -1.78 -9.52 -3.58
CA CYS A 99 -1.62 -10.60 -4.54
C CYS A 99 -2.90 -10.79 -5.37
N ASP A 100 -3.13 -9.87 -6.30
CA ASP A 100 -4.32 -9.93 -7.15
C ASP A 100 -5.57 -9.64 -6.35
N ARG A 101 -5.39 -9.13 -5.13
CA ARG A 101 -6.52 -8.81 -4.27
C ARG A 101 -7.08 -7.43 -4.60
N THR A 102 -6.22 -6.42 -4.50
CA THR A 102 -6.62 -5.04 -4.79
C THR A 102 -6.93 -4.86 -6.27
N PHE A 103 -6.40 -5.76 -7.10
CA PHE A 103 -6.62 -5.69 -8.54
C PHE A 103 -7.92 -6.38 -8.93
N GLN A 104 -8.03 -7.67 -8.63
CA GLN A 104 -9.22 -8.43 -8.95
C GLN A 104 -10.45 -7.82 -8.29
N ALA A 105 -10.37 -7.56 -6.99
CA ALA A 105 -11.46 -6.96 -6.25
C ALA A 105 -12.00 -5.72 -6.95
N HIS A 106 -11.11 -5.02 -7.65
CA HIS A 106 -11.48 -3.81 -8.37
C HIS A 106 -12.46 -4.13 -9.50
N GLN A 107 -12.03 -4.99 -10.42
CA GLN A 107 -12.87 -5.38 -11.55
C GLN A 107 -13.96 -6.35 -11.11
N ASN A 108 -13.80 -6.92 -9.92
CA ASN A 108 -14.77 -7.87 -9.39
C ASN A 108 -15.83 -7.15 -8.56
N GLY A 109 -15.52 -5.93 -8.14
CA GLY A 109 -16.46 -5.16 -7.35
C GLY A 109 -16.25 -5.35 -5.86
N LEU A 110 -15.38 -6.29 -5.50
CA LEU A 110 -15.10 -6.57 -4.10
C LEU A 110 -14.31 -5.43 -3.46
N LEU A 111 -13.67 -4.62 -4.30
CA LEU A 111 -12.88 -3.49 -3.82
C LEU A 111 -13.76 -2.24 -3.67
N GLN A 112 -14.49 -1.91 -4.73
CA GLN A 112 -15.37 -0.75 -4.71
C GLN A 112 -16.38 -0.84 -3.57
N LYS A 113 -16.85 -2.06 -3.29
CA LYS A 113 -17.82 -2.28 -2.22
C LYS A 113 -17.18 -2.05 -0.86
N LEU A 114 -15.86 -2.20 -0.79
CA LEU A 114 -15.13 -2.01 0.45
C LEU A 114 -14.86 -0.53 0.71
N LEU A 115 -14.27 0.15 -0.27
CA LEU A 115 -13.96 1.56 -0.15
C LEU A 115 -15.25 2.38 0.02
N GLN A 116 -16.37 1.81 -0.40
CA GLN A 116 -17.66 2.48 -0.29
C GLN A 116 -18.00 2.77 1.16
N ASP A 117 -17.43 1.98 2.07
CA ASP A 117 -17.68 2.14 3.50
C ASP A 117 -16.91 1.11 4.31
N ASP A 118 -17.06 -0.16 3.94
CA ASP A 118 -16.38 -1.24 4.63
C ASP A 118 -16.60 -2.57 3.91
N ALA A 17 14.99 6.50 15.75
CA ALA A 17 13.68 6.48 15.11
C ALA A 17 13.56 5.28 14.17
N ARG A 18 14.69 4.71 13.77
CA ARG A 18 14.70 3.57 12.87
C ARG A 18 13.78 2.47 13.38
N GLU A 19 13.63 2.39 14.70
CA GLU A 19 12.77 1.37 15.30
C GLU A 19 11.30 1.78 15.22
N GLU A 20 11.04 3.08 15.34
CA GLU A 20 9.68 3.59 15.27
C GLU A 20 9.16 3.57 13.84
N LEU A 21 10.08 3.44 12.89
CA LEU A 21 9.72 3.41 11.48
C LEU A 21 8.62 2.39 11.21
N ARG A 22 8.85 1.15 11.63
CA ARG A 22 7.89 0.08 11.45
C ARG A 22 6.53 0.47 12.02
N ARG A 23 6.55 1.34 13.03
CA ARG A 23 5.31 1.79 13.67
C ARG A 23 4.68 2.92 12.86
N ARG A 24 5.49 3.60 12.07
CA ARG A 24 5.01 4.71 11.25
C ARG A 24 4.36 4.20 9.96
N LEU A 25 4.87 3.08 9.45
CA LEU A 25 4.33 2.48 8.24
C LEU A 25 2.95 1.88 8.48
N ARG A 26 2.73 1.40 9.69
CA ARG A 26 1.46 0.80 10.05
C ARG A 26 0.47 1.86 10.54
N ASP A 27 1.01 2.92 11.13
CA ASP A 27 0.19 4.01 11.65
C ASP A 27 -0.16 5.00 10.54
N LEU A 28 0.70 5.08 9.53
CA LEU A 28 0.49 5.99 8.42
C LEU A 28 -0.85 5.71 7.73
N ILE A 29 -1.38 4.50 7.93
CA ILE A 29 -2.65 4.11 7.34
C ILE A 29 -3.82 4.61 8.19
N GLU A 30 -3.56 4.85 9.46
CA GLU A 30 -4.59 5.33 10.38
C GLU A 30 -4.84 6.82 10.18
N GLY A 31 -3.81 7.54 9.76
CA GLY A 31 -3.94 8.96 9.53
C GLY A 31 -4.33 9.29 8.10
N ASN A 32 -4.47 8.27 7.28
CA ASN A 32 -4.84 8.45 5.88
C ASN A 32 -5.86 7.40 5.44
N ARG A 33 -6.94 7.86 4.83
CA ARG A 33 -7.98 6.95 4.36
C ARG A 33 -7.40 5.84 3.49
N VAL A 34 -6.56 6.22 2.53
CA VAL A 34 -5.94 5.25 1.64
C VAL A 34 -4.46 5.55 1.47
N MET A 35 -3.62 4.62 1.89
CA MET A 35 -2.17 4.78 1.77
C MET A 35 -1.53 3.55 1.15
N ILE A 36 -0.54 3.76 0.29
CA ILE A 36 0.16 2.67 -0.37
C ILE A 36 1.65 2.95 -0.49
N PHE A 37 2.45 1.91 -0.36
CA PHE A 37 3.91 2.05 -0.46
C PHE A 37 4.42 1.50 -1.78
N SER A 38 5.47 2.12 -2.31
CA SER A 38 6.06 1.69 -3.57
C SER A 38 7.55 2.04 -3.63
N LYS A 39 8.11 2.00 -4.84
CA LYS A 39 9.52 2.32 -5.03
C LYS A 39 9.73 3.10 -6.32
N SER A 40 10.98 3.30 -6.68
CA SER A 40 11.32 4.04 -7.90
C SER A 40 11.22 3.15 -9.13
N TYR A 41 11.85 1.98 -9.06
CA TYR A 41 11.83 1.03 -10.16
C TYR A 41 11.38 -0.35 -9.69
N CYS A 42 10.11 -0.46 -9.33
CA CYS A 42 9.56 -1.72 -8.86
C CYS A 42 8.12 -1.90 -9.33
N PRO A 43 7.95 -2.67 -10.42
CA PRO A 43 6.63 -2.93 -11.00
C PRO A 43 5.76 -3.82 -10.11
N HIS A 44 4.48 -3.91 -10.44
CA HIS A 44 3.55 -4.74 -9.67
C HIS A 44 3.04 -3.98 -8.45
N SER A 45 3.96 -3.40 -7.69
CA SER A 45 3.60 -2.65 -6.49
C SER A 45 3.04 -1.27 -6.86
N THR A 46 3.44 -0.77 -8.02
CA THR A 46 2.99 0.53 -8.49
C THR A 46 1.65 0.43 -9.21
N ARG A 47 1.53 -0.60 -10.06
CA ARG A 47 0.31 -0.82 -10.82
C ARG A 47 -0.92 -0.82 -9.90
N VAL A 48 -0.77 -1.47 -8.74
CA VAL A 48 -1.86 -1.55 -7.77
C VAL A 48 -2.39 -0.16 -7.43
N LYS A 49 -1.56 0.85 -7.63
CA LYS A 49 -1.94 2.23 -7.35
C LYS A 49 -2.97 2.72 -8.36
N GLU A 50 -2.91 2.18 -9.57
CA GLU A 50 -3.84 2.57 -10.63
C GLU A 50 -5.27 2.16 -10.27
N LEU A 51 -5.40 1.21 -9.35
CA LEU A 51 -6.70 0.73 -8.92
C LEU A 51 -7.50 1.84 -8.22
N PHE A 52 -6.98 2.30 -7.08
CA PHE A 52 -7.63 3.35 -6.32
C PHE A 52 -7.87 4.58 -7.19
N SER A 53 -6.85 4.98 -7.95
CA SER A 53 -6.94 6.14 -8.82
C SER A 53 -8.05 5.96 -9.84
N SER A 54 -8.08 4.79 -10.47
CA SER A 54 -9.09 4.49 -11.49
C SER A 54 -10.43 4.15 -10.83
N LEU A 55 -10.43 4.12 -9.50
CA LEU A 55 -11.65 3.81 -8.76
C LEU A 55 -12.42 5.08 -8.40
N GLY A 56 -11.70 6.21 -8.39
CA GLY A 56 -12.33 7.47 -8.07
C GLY A 56 -11.98 7.95 -6.67
N VAL A 57 -11.10 7.23 -6.00
CA VAL A 57 -10.69 7.59 -4.65
C VAL A 57 -9.21 7.98 -4.62
N VAL A 58 -8.88 8.94 -3.75
CA VAL A 58 -7.51 9.41 -3.62
C VAL A 58 -6.75 8.59 -2.60
N TYR A 59 -5.42 8.52 -2.77
CA TYR A 59 -4.58 7.76 -1.86
C TYR A 59 -3.20 8.40 -1.74
N ASN A 60 -2.44 7.98 -0.73
CA ASN A 60 -1.10 8.53 -0.50
C ASN A 60 -0.05 7.61 -1.11
N ILE A 61 0.75 8.17 -2.03
CA ILE A 61 1.80 7.41 -2.69
C ILE A 61 3.17 7.78 -2.14
N LEU A 62 3.85 6.81 -1.53
CA LEU A 62 5.17 7.04 -0.95
C LEU A 62 6.16 5.99 -1.45
N GLU A 63 7.31 6.44 -1.91
CA GLU A 63 8.34 5.53 -2.41
C GLU A 63 9.48 5.40 -1.41
N LEU A 64 9.61 4.21 -0.82
CA LEU A 64 10.64 3.94 0.17
C LEU A 64 12.01 3.85 -0.50
N ASP A 65 12.01 3.85 -1.83
CA ASP A 65 13.26 3.78 -2.60
C ASP A 65 13.89 5.16 -2.75
N GLN A 66 13.25 6.17 -2.15
CA GLN A 66 13.75 7.53 -2.21
C GLN A 66 14.05 8.08 -0.83
N VAL A 67 13.65 7.33 0.20
CA VAL A 67 13.88 7.73 1.58
C VAL A 67 15.29 7.40 2.03
N ASP A 68 15.59 7.65 3.30
CA ASP A 68 16.91 7.37 3.85
C ASP A 68 16.93 6.01 4.55
N ASP A 69 15.78 5.59 5.06
CA ASP A 69 15.67 4.32 5.75
C ASP A 69 15.20 3.22 4.80
N GLY A 70 15.56 3.36 3.52
CA GLY A 70 15.17 2.37 2.53
C GLY A 70 15.52 0.97 2.94
N ALA A 71 16.45 0.84 3.88
CA ALA A 71 16.88 -0.46 4.38
C ALA A 71 15.86 -1.04 5.35
N SER A 72 15.59 -0.30 6.43
CA SER A 72 14.65 -0.75 7.44
C SER A 72 13.21 -0.58 6.95
N VAL A 73 12.92 0.60 6.40
CA VAL A 73 11.58 0.89 5.89
C VAL A 73 11.05 -0.25 5.03
N GLN A 74 11.93 -0.82 4.20
CA GLN A 74 11.55 -1.92 3.32
C GLN A 74 11.72 -3.26 4.04
N GLU A 75 12.58 -3.29 5.05
CA GLU A 75 12.84 -4.50 5.81
C GLU A 75 11.58 -4.97 6.52
N VAL A 76 10.86 -4.03 7.14
CA VAL A 76 9.63 -4.35 7.86
C VAL A 76 8.44 -4.35 6.92
N LEU A 77 8.57 -3.67 5.78
CA LEU A 77 7.50 -3.60 4.79
C LEU A 77 7.45 -4.87 3.96
N THR A 78 8.61 -5.31 3.49
CA THR A 78 8.69 -6.52 2.67
C THR A 78 8.11 -7.73 3.40
N GLU A 79 8.11 -7.65 4.73
CA GLU A 79 7.59 -8.73 5.56
C GLU A 79 6.08 -8.64 5.69
N ILE A 80 5.52 -7.52 5.24
CA ILE A 80 4.09 -7.30 5.31
C ILE A 80 3.35 -8.15 4.28
N SER A 81 3.93 -8.27 3.09
CA SER A 81 3.33 -9.05 2.02
C SER A 81 4.26 -10.19 1.59
N ASN A 82 5.50 -10.12 2.04
CA ASN A 82 6.49 -11.15 1.71
C ASN A 82 6.62 -11.30 0.19
N GLN A 83 6.63 -10.17 -0.51
CA GLN A 83 6.75 -10.18 -1.97
C GLN A 83 7.99 -9.43 -2.42
N LYS A 84 8.54 -9.81 -3.56
CA LYS A 84 9.74 -9.17 -4.10
C LYS A 84 9.61 -7.65 -4.03
N THR A 85 8.43 -7.14 -4.37
CA THR A 85 8.17 -5.71 -4.34
C THR A 85 7.65 -5.26 -2.98
N VAL A 86 7.30 -3.99 -2.88
CA VAL A 86 6.78 -3.43 -1.63
C VAL A 86 5.33 -2.98 -1.79
N PRO A 87 4.47 -3.91 -2.26
CA PRO A 87 3.05 -3.63 -2.46
C PRO A 87 2.29 -3.46 -1.15
N ASN A 88 1.66 -2.31 -0.98
CA ASN A 88 0.91 -2.01 0.23
C ASN A 88 -0.43 -1.35 -0.10
N ILE A 89 -1.52 -2.03 0.23
CA ILE A 89 -2.86 -1.52 -0.02
C ILE A 89 -3.74 -1.64 1.20
N PHE A 90 -3.86 -0.55 1.96
CA PHE A 90 -4.68 -0.53 3.16
C PHE A 90 -5.58 0.71 3.19
N VAL A 91 -6.88 0.49 3.10
CA VAL A 91 -7.85 1.58 3.11
C VAL A 91 -8.84 1.42 4.26
N ASN A 92 -9.22 2.53 4.88
CA ASN A 92 -10.17 2.51 5.98
C ASN A 92 -9.67 1.61 7.11
N LYS A 93 -8.36 1.60 7.32
CA LYS A 93 -7.76 0.79 8.37
C LYS A 93 -8.03 -0.69 8.13
N VAL A 94 -8.03 -1.09 6.87
CA VAL A 94 -8.28 -2.48 6.50
C VAL A 94 -7.22 -3.00 5.54
N HIS A 95 -7.10 -4.32 5.46
CA HIS A 95 -6.12 -4.94 4.57
C HIS A 95 -6.77 -5.34 3.25
N VAL A 96 -6.20 -4.86 2.15
CA VAL A 96 -6.73 -5.17 0.82
C VAL A 96 -6.04 -6.40 0.23
N GLY A 97 -4.73 -6.46 0.39
CA GLY A 97 -3.98 -7.60 -0.13
C GLY A 97 -3.05 -7.20 -1.26
N GLY A 98 -3.56 -7.19 -2.47
CA GLY A 98 -2.74 -6.82 -3.62
C GLY A 98 -2.16 -8.04 -4.33
N CYS A 99 -1.68 -7.83 -5.55
CA CYS A 99 -1.10 -8.92 -6.33
C CYS A 99 -2.17 -9.91 -6.76
N ASP A 100 -3.43 -9.59 -6.48
CA ASP A 100 -4.55 -10.45 -6.84
C ASP A 100 -5.85 -9.95 -6.22
N ARG A 101 -5.77 -9.48 -4.98
CA ARG A 101 -6.93 -8.96 -4.28
C ARG A 101 -7.33 -7.59 -4.82
N THR A 102 -6.42 -6.64 -4.73
CA THR A 102 -6.68 -5.28 -5.20
C THR A 102 -7.02 -5.27 -6.69
N PHE A 103 -6.64 -6.34 -7.38
CA PHE A 103 -6.91 -6.46 -8.81
C PHE A 103 -8.30 -7.05 -9.05
N GLN A 104 -8.51 -8.27 -8.58
CA GLN A 104 -9.80 -8.94 -8.74
C GLN A 104 -10.92 -8.15 -8.07
N ALA A 105 -10.65 -7.67 -6.85
CA ALA A 105 -11.63 -6.90 -6.11
C ALA A 105 -12.14 -5.72 -6.93
N HIS A 106 -11.25 -5.13 -7.72
CA HIS A 106 -11.61 -3.98 -8.54
C HIS A 106 -12.46 -4.42 -9.74
N GLN A 107 -12.44 -5.71 -10.02
CA GLN A 107 -13.21 -6.26 -11.14
C GLN A 107 -14.62 -6.64 -10.68
N ASN A 108 -14.70 -7.50 -9.67
CA ASN A 108 -15.98 -7.94 -9.15
C ASN A 108 -16.67 -6.83 -8.35
N GLY A 109 -15.87 -5.85 -7.91
CA GLY A 109 -16.42 -4.75 -7.16
C GLY A 109 -16.10 -4.86 -5.67
N LEU A 110 -15.42 -5.94 -5.29
CA LEU A 110 -15.05 -6.16 -3.90
C LEU A 110 -14.15 -5.04 -3.39
N LEU A 111 -13.54 -4.31 -4.32
CA LEU A 111 -12.66 -3.20 -3.95
C LEU A 111 -13.44 -1.91 -3.78
N GLN A 112 -14.28 -1.59 -4.76
CA GLN A 112 -15.10 -0.38 -4.72
C GLN A 112 -15.99 -0.37 -3.50
N LYS A 113 -16.44 -1.56 -3.08
CA LYS A 113 -17.30 -1.70 -1.92
C LYS A 113 -16.52 -1.53 -0.63
N LEU A 114 -15.21 -1.75 -0.70
CA LEU A 114 -14.34 -1.62 0.45
C LEU A 114 -13.94 -0.16 0.68
N LEU A 115 -13.55 0.51 -0.40
CA LEU A 115 -13.14 1.91 -0.31
C LEU A 115 -14.30 2.78 0.18
N GLN A 116 -15.52 2.32 -0.04
CA GLN A 116 -16.71 3.06 0.37
C GLN A 116 -16.79 3.14 1.89
N ASP A 117 -16.12 2.22 2.57
CA ASP A 117 -16.11 2.19 4.03
C ASP A 117 -15.25 1.03 4.54
N ASP A 118 -15.52 -0.16 4.05
CA ASP A 118 -14.78 -1.35 4.45
C ASP A 118 -15.27 -2.59 3.71
N ALA A 17 15.06 -0.42 16.90
CA ALA A 17 14.52 0.74 16.20
C ALA A 17 13.64 0.32 15.03
N ARG A 18 13.80 -0.93 14.59
CA ARG A 18 13.02 -1.46 13.48
C ARG A 18 11.53 -1.22 13.70
N GLU A 19 11.12 -1.21 14.97
CA GLU A 19 9.73 -1.00 15.32
C GLU A 19 9.35 0.48 15.19
N GLU A 20 10.29 1.35 15.54
CA GLU A 20 10.06 2.79 15.48
C GLU A 20 9.67 3.20 14.06
N LEU A 21 10.50 2.85 13.09
CA LEU A 21 10.23 3.19 11.70
C LEU A 21 8.92 2.57 11.22
N ARG A 22 8.77 1.27 11.46
CA ARG A 22 7.56 0.56 11.06
C ARG A 22 6.31 1.28 11.58
N ARG A 23 6.41 1.82 12.78
CA ARG A 23 5.29 2.54 13.39
C ARG A 23 4.81 3.67 12.49
N ARG A 24 5.69 4.15 11.62
CA ARG A 24 5.36 5.22 10.70
C ARG A 24 4.72 4.68 9.43
N LEU A 25 5.24 3.56 8.95
CA LEU A 25 4.73 2.93 7.73
C LEU A 25 3.31 2.41 7.95
N ARG A 26 3.01 2.04 9.19
CA ARG A 26 1.69 1.52 9.53
C ARG A 26 0.72 2.66 9.84
N ASP A 27 1.07 3.48 10.83
CA ASP A 27 0.24 4.61 11.22
C ASP A 27 -0.08 5.49 10.02
N LEU A 28 0.83 5.54 9.06
CA LEU A 28 0.65 6.34 7.86
C LEU A 28 -0.61 5.93 7.11
N ILE A 29 -1.06 4.71 7.36
CA ILE A 29 -2.26 4.19 6.72
C ILE A 29 -3.52 4.63 7.46
N GLU A 30 -3.36 4.95 8.74
CA GLU A 30 -4.48 5.39 9.57
C GLU A 30 -4.76 6.87 9.37
N GLY A 31 -3.72 7.62 9.01
CA GLY A 31 -3.87 9.05 8.80
C GLY A 31 -4.50 9.36 7.46
N ASN A 32 -4.56 8.37 6.59
CA ASN A 32 -5.15 8.55 5.27
C ASN A 32 -6.05 7.38 4.90
N ARG A 33 -7.19 7.68 4.28
CA ARG A 33 -8.14 6.65 3.89
C ARG A 33 -7.44 5.52 3.12
N VAL A 34 -6.71 5.90 2.07
CA VAL A 34 -5.99 4.94 1.26
C VAL A 34 -4.50 5.23 1.26
N MET A 35 -3.70 4.18 1.51
CA MET A 35 -2.25 4.33 1.54
C MET A 35 -1.58 3.23 0.72
N ILE A 36 -0.66 3.63 -0.15
CA ILE A 36 0.06 2.67 -0.99
C ILE A 36 1.55 2.99 -1.05
N PHE A 37 2.37 1.97 -0.79
CA PHE A 37 3.81 2.15 -0.80
C PHE A 37 4.42 1.56 -2.08
N SER A 38 5.47 2.21 -2.58
CA SER A 38 6.13 1.76 -3.80
C SER A 38 7.61 2.13 -3.78
N LYS A 39 8.25 2.03 -4.94
CA LYS A 39 9.67 2.35 -5.06
C LYS A 39 9.94 3.13 -6.36
N SER A 40 11.22 3.33 -6.65
CA SER A 40 11.61 4.05 -7.86
C SER A 40 11.47 3.15 -9.09
N TYR A 41 12.07 1.97 -9.03
CA TYR A 41 12.01 1.03 -10.14
C TYR A 41 11.54 -0.34 -9.66
N CYS A 42 10.27 -0.42 -9.27
CA CYS A 42 9.70 -1.67 -8.79
C CYS A 42 8.25 -1.82 -9.26
N PRO A 43 8.05 -2.57 -10.34
CA PRO A 43 6.71 -2.80 -10.91
C PRO A 43 5.85 -3.68 -10.02
N HIS A 44 4.56 -3.74 -10.33
CA HIS A 44 3.62 -4.55 -9.56
C HIS A 44 3.17 -3.82 -8.30
N SER A 45 4.13 -3.30 -7.54
CA SER A 45 3.83 -2.56 -6.32
C SER A 45 3.29 -1.17 -6.63
N THR A 46 3.66 -0.65 -7.80
CA THR A 46 3.21 0.67 -8.21
C THR A 46 1.85 0.61 -8.89
N ARG A 47 1.69 -0.35 -9.79
CA ARG A 47 0.43 -0.51 -10.51
C ARG A 47 -0.75 -0.59 -9.53
N VAL A 48 -0.59 -1.38 -8.48
CA VAL A 48 -1.64 -1.53 -7.47
C VAL A 48 -2.13 -0.17 -6.98
N LYS A 49 -1.27 0.83 -7.09
CA LYS A 49 -1.61 2.18 -6.66
C LYS A 49 -2.44 2.90 -7.72
N GLU A 50 -2.09 2.66 -8.98
CA GLU A 50 -2.80 3.29 -10.10
C GLU A 50 -4.24 2.78 -10.18
N LEU A 51 -4.49 1.64 -9.54
CA LEU A 51 -5.82 1.04 -9.54
C LEU A 51 -6.78 1.84 -8.67
N PHE A 52 -6.23 2.60 -7.73
CA PHE A 52 -7.03 3.41 -6.83
C PHE A 52 -7.55 4.66 -7.55
N SER A 53 -6.69 5.27 -8.36
CA SER A 53 -7.05 6.47 -9.09
C SER A 53 -8.31 6.25 -9.92
N SER A 54 -8.36 5.11 -10.61
CA SER A 54 -9.50 4.77 -11.46
C SER A 54 -10.68 4.31 -10.60
N LEU A 55 -10.46 4.22 -9.29
CA LEU A 55 -11.50 3.79 -8.37
C LEU A 55 -12.24 4.99 -7.78
N GLY A 56 -11.98 6.18 -8.35
CA GLY A 56 -12.64 7.38 -7.88
C GLY A 56 -12.27 7.72 -6.44
N VAL A 57 -11.24 7.05 -5.94
CA VAL A 57 -10.78 7.29 -4.56
C VAL A 57 -9.33 7.78 -4.54
N VAL A 58 -9.12 8.92 -3.88
CA VAL A 58 -7.79 9.50 -3.79
C VAL A 58 -6.91 8.71 -2.81
N TYR A 59 -5.60 8.73 -3.05
CA TYR A 59 -4.66 8.02 -2.19
C TYR A 59 -3.32 8.74 -2.16
N ASN A 60 -2.44 8.28 -1.28
CA ASN A 60 -1.11 8.87 -1.14
C ASN A 60 -0.04 8.00 -1.79
N ILE A 61 0.79 8.61 -2.62
CA ILE A 61 1.85 7.89 -3.30
C ILE A 61 3.22 8.19 -2.68
N LEU A 62 3.80 7.18 -2.05
CA LEU A 62 5.10 7.33 -1.41
C LEU A 62 6.06 6.23 -1.86
N GLU A 63 7.29 6.62 -2.15
CA GLU A 63 8.31 5.67 -2.60
C GLU A 63 9.42 5.52 -1.55
N LEU A 64 9.42 4.38 -0.88
CA LEU A 64 10.43 4.11 0.15
C LEU A 64 11.84 4.16 -0.43
N ASP A 65 11.92 4.04 -1.76
CA ASP A 65 13.21 4.08 -2.44
C ASP A 65 13.72 5.50 -2.56
N GLN A 66 12.91 6.46 -2.12
CA GLN A 66 13.29 7.87 -2.17
C GLN A 66 13.40 8.46 -0.78
N VAL A 67 12.73 7.82 0.18
CA VAL A 67 12.76 8.29 1.57
C VAL A 67 14.17 8.31 2.12
N ASP A 68 14.29 8.54 3.42
CA ASP A 68 15.60 8.58 4.07
C ASP A 68 15.94 7.24 4.69
N ASP A 69 14.98 6.64 5.38
CA ASP A 69 15.17 5.35 6.03
C ASP A 69 14.71 4.21 5.12
N GLY A 70 14.75 4.45 3.81
CA GLY A 70 14.32 3.44 2.86
C GLY A 70 14.85 2.07 3.20
N ALA A 71 16.11 2.00 3.61
CA ALA A 71 16.74 0.73 3.97
C ALA A 71 15.88 -0.03 4.97
N SER A 72 15.59 0.59 6.12
CA SER A 72 14.79 -0.04 7.16
C SER A 72 13.33 -0.16 6.71
N VAL A 73 12.84 0.88 6.06
CA VAL A 73 11.46 0.89 5.59
C VAL A 73 11.12 -0.40 4.84
N GLN A 74 11.78 -0.61 3.72
CA GLN A 74 11.56 -1.81 2.91
C GLN A 74 11.84 -3.07 3.71
N GLU A 75 12.71 -2.94 4.72
CA GLU A 75 13.06 -4.07 5.57
C GLU A 75 11.86 -4.58 6.35
N VAL A 76 11.12 -3.65 6.95
CA VAL A 76 9.93 -4.00 7.73
C VAL A 76 8.69 -4.05 6.85
N LEU A 77 8.76 -3.37 5.71
CA LEU A 77 7.64 -3.32 4.78
C LEU A 77 7.58 -4.59 3.93
N THR A 78 8.74 -4.98 3.40
CA THR A 78 8.83 -6.18 2.57
C THR A 78 8.31 -7.41 3.32
N GLU A 79 8.36 -7.34 4.65
CA GLU A 79 7.90 -8.45 5.48
C GLU A 79 6.38 -8.42 5.64
N ILE A 80 5.79 -7.25 5.36
CA ILE A 80 4.35 -7.10 5.48
C ILE A 80 3.61 -7.98 4.47
N SER A 81 4.17 -8.09 3.27
CA SER A 81 3.57 -8.90 2.22
C SER A 81 4.50 -10.04 1.81
N ASN A 82 5.75 -9.96 2.24
CA ASN A 82 6.74 -10.98 1.91
C ASN A 82 6.86 -11.17 0.40
N GLN A 83 6.84 -10.06 -0.33
CA GLN A 83 6.93 -10.12 -1.79
C GLN A 83 8.15 -9.34 -2.27
N LYS A 84 8.70 -9.77 -3.41
CA LYS A 84 9.86 -9.12 -4.00
C LYS A 84 9.71 -7.60 -3.98
N THR A 85 8.52 -7.13 -4.36
CA THR A 85 8.26 -5.70 -4.38
C THR A 85 7.75 -5.21 -3.03
N VAL A 86 7.34 -3.95 -2.97
CA VAL A 86 6.83 -3.36 -1.74
C VAL A 86 5.36 -2.98 -1.87
N PRO A 87 4.54 -3.95 -2.29
CA PRO A 87 3.10 -3.75 -2.46
C PRO A 87 2.37 -3.55 -1.13
N ASN A 88 1.67 -2.43 -0.99
CA ASN A 88 0.93 -2.13 0.22
C ASN A 88 -0.45 -1.58 -0.10
N ILE A 89 -1.48 -2.35 0.24
CA ILE A 89 -2.85 -1.94 -0.01
C ILE A 89 -3.71 -2.05 1.25
N PHE A 90 -3.97 -0.92 1.88
CA PHE A 90 -4.76 -0.88 3.10
C PHE A 90 -5.63 0.38 3.15
N VAL A 91 -6.94 0.18 3.13
CA VAL A 91 -7.88 1.30 3.18
C VAL A 91 -8.75 1.24 4.43
N ASN A 92 -9.02 2.40 5.00
CA ASN A 92 -9.85 2.48 6.21
C ASN A 92 -9.25 1.63 7.33
N LYS A 93 -7.93 1.57 7.39
CA LYS A 93 -7.24 0.79 8.41
C LYS A 93 -7.53 -0.70 8.24
N VAL A 94 -7.85 -1.09 7.01
CA VAL A 94 -8.14 -2.49 6.71
C VAL A 94 -7.13 -3.07 5.72
N HIS A 95 -7.02 -4.39 5.70
CA HIS A 95 -6.10 -5.06 4.79
C HIS A 95 -6.82 -5.54 3.53
N VAL A 96 -6.26 -5.22 2.38
CA VAL A 96 -6.86 -5.62 1.11
C VAL A 96 -6.14 -6.83 0.52
N GLY A 97 -4.81 -6.81 0.60
CA GLY A 97 -4.03 -7.92 0.06
C GLY A 97 -3.13 -7.50 -1.08
N GLY A 98 -3.68 -7.52 -2.29
CA GLY A 98 -2.89 -7.14 -3.45
C GLY A 98 -2.30 -8.34 -4.18
N CYS A 99 -1.91 -8.13 -5.43
CA CYS A 99 -1.33 -9.20 -6.23
C CYS A 99 -2.35 -10.30 -6.50
N ASP A 100 -3.61 -10.02 -6.19
CA ASP A 100 -4.68 -10.98 -6.39
C ASP A 100 -5.99 -10.47 -5.80
N ARG A 101 -5.93 -9.95 -4.58
CA ARG A 101 -7.11 -9.43 -3.91
C ARG A 101 -7.48 -8.05 -4.45
N THR A 102 -6.55 -7.11 -4.35
CA THR A 102 -6.79 -5.75 -4.83
C THR A 102 -7.15 -5.75 -6.31
N PHE A 103 -6.75 -6.80 -7.02
CA PHE A 103 -7.03 -6.92 -8.44
C PHE A 103 -8.41 -7.52 -8.67
N GLN A 104 -8.68 -8.64 -8.00
CA GLN A 104 -9.96 -9.32 -8.13
C GLN A 104 -11.09 -8.47 -7.58
N ALA A 105 -10.95 -8.03 -6.33
CA ALA A 105 -11.95 -7.20 -5.68
C ALA A 105 -12.35 -6.02 -6.57
N HIS A 106 -11.41 -5.56 -7.39
CA HIS A 106 -11.66 -4.45 -8.29
C HIS A 106 -12.65 -4.83 -9.38
N GLN A 107 -12.49 -6.04 -9.90
CA GLN A 107 -13.37 -6.54 -10.95
C GLN A 107 -14.61 -7.21 -10.37
N ASN A 108 -14.52 -7.61 -9.10
CA ASN A 108 -15.63 -8.25 -8.41
C ASN A 108 -16.48 -7.23 -7.67
N GLY A 109 -15.95 -6.03 -7.52
CA GLY A 109 -16.67 -4.98 -6.82
C GLY A 109 -16.41 -4.97 -5.34
N LEU A 110 -15.69 -5.99 -4.86
CA LEU A 110 -15.37 -6.10 -3.44
C LEU A 110 -14.41 -5.00 -3.02
N LEU A 111 -13.76 -4.37 -3.99
CA LEU A 111 -12.80 -3.31 -3.71
C LEU A 111 -13.50 -1.96 -3.63
N GLN A 112 -14.32 -1.66 -4.64
CA GLN A 112 -15.05 -0.39 -4.69
C GLN A 112 -15.93 -0.23 -3.45
N LYS A 113 -16.47 -1.35 -2.97
CA LYS A 113 -17.34 -1.34 -1.79
C LYS A 113 -16.51 -1.17 -0.52
N LEU A 114 -15.23 -1.50 -0.59
CA LEU A 114 -14.34 -1.38 0.55
C LEU A 114 -13.83 0.05 0.70
N LEU A 115 -13.44 0.65 -0.41
CA LEU A 115 -12.93 2.02 -0.41
C LEU A 115 -14.05 3.00 -0.05
N GLN A 116 -15.29 2.60 -0.29
CA GLN A 116 -16.44 3.45 0.01
C GLN A 116 -16.58 3.67 1.51
N ASP A 117 -16.02 2.75 2.29
CA ASP A 117 -16.08 2.85 3.75
C ASP A 117 -15.37 1.67 4.39
N ASP A 118 -15.73 0.46 3.98
CA ASP A 118 -15.12 -0.75 4.52
C ASP A 118 -13.63 -0.79 4.22
N ALA A 17 16.02 2.61 16.70
CA ALA A 17 15.10 3.38 15.87
C ALA A 17 14.26 2.45 15.00
N ARG A 18 14.72 1.22 14.82
CA ARG A 18 14.01 0.24 14.00
C ARG A 18 12.56 0.13 14.44
N GLU A 19 12.32 0.35 15.72
CA GLU A 19 10.96 0.28 16.27
C GLU A 19 10.15 1.51 15.89
N GLU A 20 10.81 2.66 15.85
CA GLU A 20 10.16 3.91 15.50
C GLU A 20 9.58 3.85 14.08
N LEU A 21 10.44 3.52 13.12
CA LEU A 21 10.01 3.42 11.73
C LEU A 21 8.81 2.49 11.58
N ARG A 22 8.95 1.27 12.09
CA ARG A 22 7.87 0.29 12.01
C ARG A 22 6.59 0.84 12.63
N ARG A 23 6.75 1.81 13.54
CA ARG A 23 5.60 2.41 14.21
C ARG A 23 4.96 3.48 13.32
N ARG A 24 5.72 3.98 12.36
CA ARG A 24 5.23 5.01 11.45
C ARG A 24 4.50 4.38 10.28
N LEU A 25 5.10 3.36 9.68
CA LEU A 25 4.50 2.67 8.55
C LEU A 25 3.09 2.20 8.87
N ARG A 26 2.90 1.71 10.09
CA ARG A 26 1.60 1.23 10.54
C ARG A 26 0.69 2.40 10.90
N ASP A 27 1.29 3.55 11.18
CA ASP A 27 0.53 4.74 11.55
C ASP A 27 0.04 5.47 10.30
N LEU A 28 0.86 5.46 9.26
CA LEU A 28 0.50 6.13 8.01
C LEU A 28 -0.88 5.70 7.53
N ILE A 29 -1.10 4.40 7.48
CA ILE A 29 -2.38 3.85 7.04
C ILE A 29 -3.53 4.43 7.85
N GLU A 30 -3.22 4.87 9.07
CA GLU A 30 -4.24 5.46 9.94
C GLU A 30 -4.37 6.95 9.70
N GLY A 31 -3.26 7.58 9.32
CA GLY A 31 -3.28 9.02 9.06
C GLY A 31 -3.95 9.36 7.75
N ASN A 32 -4.13 8.36 6.90
CA ASN A 32 -4.77 8.56 5.60
C ASN A 32 -5.70 7.41 5.27
N ARG A 33 -6.81 7.71 4.60
CA ARG A 33 -7.78 6.70 4.21
C ARG A 33 -7.10 5.53 3.51
N VAL A 34 -6.37 5.83 2.45
CA VAL A 34 -5.66 4.80 1.70
C VAL A 34 -4.14 4.97 1.81
N MET A 35 -3.45 3.85 1.95
CA MET A 35 -1.99 3.88 2.07
C MET A 35 -1.35 2.88 1.11
N ILE A 36 -0.43 3.36 0.28
CA ILE A 36 0.25 2.50 -0.68
C ILE A 36 1.75 2.82 -0.71
N PHE A 37 2.57 1.78 -0.84
CA PHE A 37 4.01 1.93 -0.88
C PHE A 37 4.57 1.43 -2.21
N SER A 38 5.63 2.07 -2.69
CA SER A 38 6.26 1.70 -3.95
C SER A 38 7.73 2.06 -3.95
N LYS A 39 8.35 2.01 -5.13
CA LYS A 39 9.76 2.34 -5.28
C LYS A 39 10.00 3.16 -6.55
N SER A 40 11.27 3.35 -6.89
CA SER A 40 11.63 4.11 -8.07
C SER A 40 11.45 3.28 -9.34
N TYR A 41 12.04 2.09 -9.35
CA TYR A 41 11.94 1.20 -10.49
C TYR A 41 11.52 -0.20 -10.06
N CYS A 42 10.28 -0.32 -9.61
CA CYS A 42 9.76 -1.61 -9.16
C CYS A 42 8.31 -1.80 -9.63
N PRO A 43 8.13 -2.64 -10.66
CA PRO A 43 6.81 -2.93 -11.23
C PRO A 43 5.94 -3.75 -10.28
N HIS A 44 4.65 -3.84 -10.59
CA HIS A 44 3.72 -4.61 -9.77
C HIS A 44 3.33 -3.82 -8.53
N SER A 45 4.32 -3.30 -7.82
CA SER A 45 4.08 -2.53 -6.61
C SER A 45 3.54 -1.15 -6.94
N THR A 46 3.91 -0.64 -8.12
CA THR A 46 3.46 0.67 -8.56
C THR A 46 2.09 0.60 -9.23
N ARG A 47 1.90 -0.45 -10.03
CA ARG A 47 0.63 -0.65 -10.73
C ARG A 47 -0.56 -0.53 -9.77
N VAL A 48 -0.42 -1.14 -8.59
CA VAL A 48 -1.47 -1.10 -7.59
C VAL A 48 -1.93 0.33 -7.34
N LYS A 49 -1.02 1.28 -7.51
CA LYS A 49 -1.33 2.69 -7.30
C LYS A 49 -2.26 3.21 -8.40
N GLU A 50 -2.07 2.71 -9.61
CA GLU A 50 -2.88 3.13 -10.75
C GLU A 50 -4.30 2.59 -10.62
N LEU A 51 -4.48 1.58 -9.79
CA LEU A 51 -5.79 0.97 -9.57
C LEU A 51 -6.67 1.88 -8.74
N PHE A 52 -6.20 2.22 -7.54
CA PHE A 52 -6.95 3.09 -6.64
C PHE A 52 -7.44 4.34 -7.36
N SER A 53 -6.53 5.00 -8.07
CA SER A 53 -6.88 6.21 -8.82
C SER A 53 -8.09 5.98 -9.71
N SER A 54 -8.05 4.89 -10.48
CA SER A 54 -9.15 4.56 -11.38
C SER A 54 -10.32 3.96 -10.61
N LEU A 55 -10.13 3.77 -9.31
CA LEU A 55 -11.18 3.21 -8.47
C LEU A 55 -12.01 4.31 -7.81
N GLY A 56 -11.87 5.53 -8.34
CA GLY A 56 -12.62 6.66 -7.80
C GLY A 56 -12.23 6.97 -6.37
N VAL A 57 -11.07 6.49 -5.94
CA VAL A 57 -10.59 6.72 -4.58
C VAL A 57 -9.24 7.44 -4.60
N VAL A 58 -8.93 8.12 -3.50
CA VAL A 58 -7.67 8.85 -3.39
C VAL A 58 -6.68 8.10 -2.51
N TYR A 59 -5.40 8.28 -2.79
CA TYR A 59 -4.35 7.61 -2.03
C TYR A 59 -3.09 8.48 -1.97
N ASN A 60 -2.15 8.08 -1.11
CA ASN A 60 -0.91 8.83 -0.95
C ASN A 60 0.23 8.15 -1.71
N ILE A 61 1.26 8.92 -2.03
CA ILE A 61 2.41 8.39 -2.75
C ILE A 61 3.62 8.22 -1.83
N LEU A 62 4.04 6.97 -1.65
CA LEU A 62 5.17 6.67 -0.80
C LEU A 62 6.18 5.77 -1.51
N GLU A 63 7.39 6.26 -1.70
CA GLU A 63 8.44 5.50 -2.38
C GLU A 63 9.60 5.22 -1.43
N LEU A 64 9.77 3.95 -1.08
CA LEU A 64 10.85 3.54 -0.19
C LEU A 64 12.21 3.75 -0.83
N ASP A 65 12.21 3.96 -2.14
CA ASP A 65 13.45 4.18 -2.88
C ASP A 65 13.78 5.67 -2.95
N GLN A 66 13.01 6.48 -2.24
CA GLN A 66 13.22 7.92 -2.22
C GLN A 66 13.50 8.41 -0.81
N VAL A 67 12.80 7.83 0.16
CA VAL A 67 12.97 8.20 1.56
C VAL A 67 14.40 7.95 2.02
N ASP A 68 14.75 8.54 3.16
CA ASP A 68 16.09 8.38 3.72
C ASP A 68 16.26 7.01 4.37
N ASP A 69 15.16 6.50 4.94
CA ASP A 69 15.19 5.19 5.59
C ASP A 69 14.73 4.10 4.63
N GLY A 70 14.99 4.30 3.34
CA GLY A 70 14.60 3.32 2.34
C GLY A 70 15.07 1.92 2.69
N ALA A 71 16.08 1.84 3.55
CA ALA A 71 16.61 0.55 3.97
C ALA A 71 15.72 -0.11 5.00
N SER A 72 15.50 0.58 6.12
CA SER A 72 14.66 0.06 7.19
C SER A 72 13.18 0.12 6.80
N VAL A 73 12.76 1.27 6.30
CA VAL A 73 11.37 1.46 5.88
C VAL A 73 10.88 0.29 5.06
N GLN A 74 11.72 -0.20 4.16
CA GLN A 74 11.37 -1.32 3.30
C GLN A 74 11.71 -2.65 3.98
N GLU A 75 12.64 -2.61 4.92
CA GLU A 75 13.05 -3.81 5.64
C GLU A 75 11.84 -4.53 6.22
N VAL A 76 11.00 -3.80 6.95
CA VAL A 76 9.81 -4.37 7.56
C VAL A 76 8.64 -4.38 6.58
N LEU A 77 8.69 -3.47 5.60
CA LEU A 77 7.64 -3.38 4.60
C LEU A 77 7.59 -4.64 3.73
N THR A 78 8.76 -5.03 3.21
CA THR A 78 8.85 -6.22 2.37
C THR A 78 8.30 -7.45 3.08
N GLU A 79 8.31 -7.41 4.41
CA GLU A 79 7.81 -8.52 5.20
C GLU A 79 6.29 -8.47 5.31
N ILE A 80 5.74 -7.27 5.24
CA ILE A 80 4.29 -7.07 5.34
C ILE A 80 3.56 -7.99 4.37
N SER A 81 4.14 -8.17 3.18
CA SER A 81 3.54 -9.03 2.16
C SER A 81 4.49 -10.14 1.75
N ASN A 82 5.73 -10.04 2.21
CA ASN A 82 6.74 -11.05 1.89
C ASN A 82 6.79 -11.32 0.39
N GLN A 83 6.77 -10.24 -0.40
CA GLN A 83 6.82 -10.36 -1.85
C GLN A 83 8.02 -9.61 -2.41
N LYS A 84 8.52 -10.07 -3.56
CA LYS A 84 9.66 -9.44 -4.21
C LYS A 84 9.51 -7.93 -4.24
N THR A 85 8.29 -7.47 -4.49
CA THR A 85 8.01 -6.04 -4.55
C THR A 85 7.53 -5.52 -3.20
N VAL A 86 7.15 -4.25 -3.16
CA VAL A 86 6.67 -3.62 -1.94
C VAL A 86 5.22 -3.19 -2.07
N PRO A 87 4.36 -4.12 -2.47
CA PRO A 87 2.93 -3.86 -2.65
C PRO A 87 2.21 -3.63 -1.32
N ASN A 88 1.56 -2.48 -1.18
CA ASN A 88 0.84 -2.14 0.04
C ASN A 88 -0.54 -1.60 -0.29
N ILE A 89 -1.57 -2.30 0.16
CA ILE A 89 -2.94 -1.89 -0.08
C ILE A 89 -3.78 -1.98 1.20
N PHE A 90 -4.03 -0.84 1.82
CA PHE A 90 -4.82 -0.79 3.05
C PHE A 90 -5.70 0.45 3.08
N VAL A 91 -7.01 0.24 3.13
CA VAL A 91 -7.97 1.33 3.17
C VAL A 91 -8.85 1.26 4.42
N ASN A 92 -9.16 2.43 4.98
CA ASN A 92 -9.99 2.49 6.18
C ASN A 92 -9.37 1.68 7.32
N LYS A 93 -8.04 1.71 7.40
CA LYS A 93 -7.33 0.99 8.45
C LYS A 93 -7.59 -0.51 8.35
N VAL A 94 -7.73 -1.01 7.12
CA VAL A 94 -7.99 -2.42 6.89
C VAL A 94 -7.05 -2.99 5.83
N HIS A 95 -6.87 -4.30 5.85
CA HIS A 95 -5.99 -4.97 4.89
C HIS A 95 -6.77 -5.42 3.67
N VAL A 96 -6.33 -4.98 2.49
CA VAL A 96 -7.00 -5.34 1.25
C VAL A 96 -6.36 -6.58 0.62
N GLY A 97 -5.03 -6.64 0.65
CA GLY A 97 -4.32 -7.77 0.09
C GLY A 97 -3.52 -7.40 -1.15
N GLY A 98 -4.17 -7.48 -2.31
CA GLY A 98 -3.49 -7.15 -3.55
C GLY A 98 -2.81 -8.36 -4.17
N CYS A 99 -2.36 -8.19 -5.42
CA CYS A 99 -1.68 -9.27 -6.12
C CYS A 99 -2.67 -10.37 -6.51
N ASP A 100 -3.95 -10.13 -6.23
CA ASP A 100 -4.99 -11.09 -6.54
C ASP A 100 -6.33 -10.66 -5.95
N ARG A 101 -6.29 -10.10 -4.75
CA ARG A 101 -7.50 -9.64 -4.07
C ARG A 101 -7.87 -8.23 -4.52
N THR A 102 -6.95 -7.30 -4.32
CA THR A 102 -7.18 -5.91 -4.71
C THR A 102 -7.30 -5.77 -6.22
N PHE A 103 -6.77 -6.76 -6.95
CA PHE A 103 -6.82 -6.74 -8.40
C PHE A 103 -8.15 -7.30 -8.91
N GLN A 104 -8.67 -8.30 -8.21
CA GLN A 104 -9.93 -8.92 -8.59
C GLN A 104 -11.12 -8.13 -8.04
N ALA A 105 -11.05 -7.79 -6.76
CA ALA A 105 -12.12 -7.04 -6.12
C ALA A 105 -12.47 -5.79 -6.93
N HIS A 106 -11.48 -5.26 -7.66
CA HIS A 106 -11.69 -4.07 -8.47
C HIS A 106 -12.71 -4.34 -9.58
N GLN A 107 -12.57 -5.47 -10.25
CA GLN A 107 -13.47 -5.85 -11.32
C GLN A 107 -14.69 -6.58 -10.79
N ASN A 108 -14.56 -7.13 -9.59
CA ASN A 108 -15.66 -7.86 -8.95
C ASN A 108 -16.56 -6.92 -8.17
N GLY A 109 -16.07 -5.71 -7.92
CA GLY A 109 -16.86 -4.72 -7.18
C GLY A 109 -16.66 -4.84 -5.68
N LEU A 110 -15.92 -5.85 -5.26
CA LEU A 110 -15.66 -6.06 -3.83
C LEU A 110 -14.71 -5.00 -3.29
N LEU A 111 -14.01 -4.32 -4.20
CA LEU A 111 -13.07 -3.28 -3.81
C LEU A 111 -13.77 -1.93 -3.69
N GLN A 112 -14.52 -1.56 -4.73
CA GLN A 112 -15.24 -0.30 -4.74
C GLN A 112 -16.21 -0.21 -3.57
N LYS A 113 -16.79 -1.36 -3.21
CA LYS A 113 -17.73 -1.41 -2.10
C LYS A 113 -17.02 -1.26 -0.76
N LEU A 114 -15.73 -1.57 -0.76
CA LEU A 114 -14.93 -1.47 0.46
C LEU A 114 -14.40 -0.05 0.66
N LEU A 115 -13.93 0.55 -0.43
CA LEU A 115 -13.39 1.91 -0.38
C LEU A 115 -14.50 2.92 -0.04
N GLN A 116 -15.74 2.55 -0.34
CA GLN A 116 -16.88 3.41 -0.07
C GLN A 116 -17.08 3.59 1.44
N ASP A 117 -16.56 2.65 2.22
CA ASP A 117 -16.67 2.71 3.67
C ASP A 117 -15.98 1.51 4.32
N ASP A 118 -16.34 0.32 3.86
CA ASP A 118 -15.75 -0.90 4.39
C ASP A 118 -16.30 -2.13 3.66
N ALA A 17 15.54 2.84 16.96
CA ALA A 17 14.58 3.57 16.15
C ALA A 17 13.89 2.64 15.14
N ARG A 18 14.53 1.52 14.85
CA ARG A 18 13.99 0.55 13.91
C ARG A 18 12.54 0.22 14.23
N GLU A 19 12.21 0.27 15.52
CA GLU A 19 10.85 -0.03 15.96
C GLU A 19 9.92 1.15 15.68
N GLU A 20 10.44 2.35 15.83
CA GLU A 20 9.66 3.56 15.60
C GLU A 20 9.27 3.69 14.13
N LEU A 21 10.17 3.27 13.25
CA LEU A 21 9.93 3.33 11.82
C LEU A 21 8.65 2.59 11.45
N ARG A 22 8.61 1.29 11.76
CA ARG A 22 7.44 0.47 11.46
C ARG A 22 6.18 1.10 12.03
N ARG A 23 6.29 1.68 13.22
CA ARG A 23 5.14 2.31 13.86
C ARG A 23 4.56 3.42 12.98
N ARG A 24 5.39 3.94 12.08
CA ARG A 24 4.95 5.00 11.18
C ARG A 24 4.29 4.42 9.93
N LEU A 25 4.84 3.31 9.45
CA LEU A 25 4.30 2.65 8.26
C LEU A 25 2.93 2.06 8.55
N ARG A 26 2.72 1.62 9.78
CA ARG A 26 1.44 1.03 10.18
C ARG A 26 0.45 2.12 10.60
N ASP A 27 0.97 3.24 11.08
CA ASP A 27 0.14 4.35 11.52
C ASP A 27 -0.23 5.24 10.33
N LEU A 28 0.60 5.23 9.31
CA LEU A 28 0.36 6.03 8.12
C LEU A 28 -0.99 5.70 7.49
N ILE A 29 -1.50 4.51 7.80
CA ILE A 29 -2.79 4.07 7.28
C ILE A 29 -3.94 4.77 7.98
N GLU A 30 -3.69 5.24 9.20
CA GLU A 30 -4.71 5.94 9.98
C GLU A 30 -4.77 7.41 9.60
N GLY A 31 -3.61 7.99 9.30
CA GLY A 31 -3.55 9.40 8.93
C GLY A 31 -4.03 9.64 7.51
N ASN A 32 -4.20 8.56 6.76
CA ASN A 32 -4.65 8.66 5.37
C ASN A 32 -5.62 7.53 5.04
N ARG A 33 -6.74 7.89 4.40
CA ARG A 33 -7.74 6.90 4.02
C ARG A 33 -7.11 5.71 3.32
N VAL A 34 -6.33 5.99 2.29
CA VAL A 34 -5.65 4.94 1.52
C VAL A 34 -4.14 5.11 1.58
N MET A 35 -3.43 3.99 1.71
CA MET A 35 -1.97 4.00 1.77
C MET A 35 -1.38 3.00 0.79
N ILE A 36 -0.46 3.48 -0.05
CA ILE A 36 0.20 2.62 -1.03
C ILE A 36 1.69 2.90 -1.10
N PHE A 37 2.50 1.87 -0.92
CA PHE A 37 3.95 2.00 -0.97
C PHE A 37 4.50 1.44 -2.27
N SER A 38 5.58 2.05 -2.76
CA SER A 38 6.21 1.61 -4.00
C SER A 38 7.70 1.94 -4.00
N LYS A 39 8.31 1.87 -5.17
CA LYS A 39 9.74 2.16 -5.31
C LYS A 39 10.02 2.89 -6.62
N SER A 40 11.30 3.05 -6.93
CA SER A 40 11.72 3.74 -8.15
C SER A 40 11.55 2.83 -9.36
N TYR A 41 12.12 1.63 -9.28
CA TYR A 41 12.04 0.67 -10.37
C TYR A 41 11.53 -0.68 -9.87
N CYS A 42 10.26 -0.71 -9.49
CA CYS A 42 9.64 -1.94 -8.99
C CYS A 42 8.19 -2.05 -9.44
N PRO A 43 7.96 -2.81 -10.53
CA PRO A 43 6.63 -3.01 -11.09
C PRO A 43 5.74 -3.86 -10.19
N HIS A 44 4.45 -3.90 -10.50
CA HIS A 44 3.49 -4.68 -9.72
C HIS A 44 3.07 -3.91 -8.47
N SER A 45 4.04 -3.41 -7.73
CA SER A 45 3.77 -2.66 -6.50
C SER A 45 3.26 -1.26 -6.83
N THR A 46 3.64 -0.75 -8.00
CA THR A 46 3.23 0.57 -8.43
C THR A 46 1.87 0.54 -9.10
N ARG A 47 1.65 -0.45 -9.95
CA ARG A 47 0.38 -0.60 -10.65
C ARG A 47 -0.79 -0.58 -9.67
N VAL A 48 -0.63 -1.28 -8.56
CA VAL A 48 -1.68 -1.35 -7.54
C VAL A 48 -2.13 0.05 -7.14
N LYS A 49 -1.25 1.04 -7.35
CA LYS A 49 -1.56 2.42 -7.00
C LYS A 49 -2.59 3.01 -7.97
N GLU A 50 -2.55 2.53 -9.21
CA GLU A 50 -3.47 3.01 -10.23
C GLU A 50 -4.90 2.59 -9.91
N LEU A 51 -5.04 1.45 -9.25
CA LEU A 51 -6.36 0.94 -8.88
C LEU A 51 -7.19 2.00 -8.18
N PHE A 52 -6.72 2.46 -7.03
CA PHE A 52 -7.42 3.48 -6.27
C PHE A 52 -7.72 4.70 -7.14
N SER A 53 -6.71 5.14 -7.90
CA SER A 53 -6.87 6.30 -8.77
C SER A 53 -8.09 6.13 -9.67
N SER A 54 -8.18 4.98 -10.33
CA SER A 54 -9.29 4.71 -11.23
C SER A 54 -10.56 4.37 -10.45
N LEU A 55 -10.41 4.27 -9.12
CA LEU A 55 -11.55 3.95 -8.26
C LEU A 55 -12.22 5.22 -7.76
N GLY A 56 -11.83 6.36 -8.32
CA GLY A 56 -12.41 7.62 -7.91
C GLY A 56 -12.01 8.02 -6.51
N VAL A 57 -11.09 7.27 -5.91
CA VAL A 57 -10.62 7.54 -4.57
C VAL A 57 -9.19 8.07 -4.58
N VAL A 58 -8.90 8.98 -3.66
CA VAL A 58 -7.56 9.58 -3.56
C VAL A 58 -6.68 8.77 -2.61
N TYR A 59 -5.37 8.79 -2.86
CA TYR A 59 -4.42 8.06 -2.02
C TYR A 59 -3.08 8.79 -1.98
N ASN A 60 -2.16 8.26 -1.17
CA ASN A 60 -0.84 8.86 -1.03
C ASN A 60 0.21 7.99 -1.70
N ILE A 61 1.15 8.64 -2.39
CA ILE A 61 2.22 7.93 -3.09
C ILE A 61 3.54 8.06 -2.33
N LEU A 62 4.05 6.93 -1.85
CA LEU A 62 5.31 6.92 -1.12
C LEU A 62 6.26 5.86 -1.68
N GLU A 63 7.48 6.27 -1.98
CA GLU A 63 8.48 5.36 -2.54
C GLU A 63 9.63 5.16 -1.55
N LEU A 64 9.81 3.93 -1.10
CA LEU A 64 10.87 3.60 -0.15
C LEU A 64 12.24 3.74 -0.80
N ASP A 65 12.25 3.84 -2.13
CA ASP A 65 13.49 3.97 -2.88
C ASP A 65 13.93 5.42 -2.94
N GLN A 66 13.05 6.33 -2.52
CA GLN A 66 13.34 7.76 -2.53
C GLN A 66 13.60 8.27 -1.12
N VAL A 67 12.96 7.63 -0.14
CA VAL A 67 13.12 8.02 1.26
C VAL A 67 14.56 7.84 1.71
N ASP A 68 14.82 8.19 2.97
CA ASP A 68 16.17 8.06 3.53
C ASP A 68 16.33 6.72 4.23
N ASP A 69 15.25 6.22 4.83
CA ASP A 69 15.27 4.95 5.54
C ASP A 69 14.81 3.82 4.64
N GLY A 70 15.04 3.97 3.33
CA GLY A 70 14.62 2.95 2.39
C GLY A 70 15.11 1.57 2.78
N ALA A 71 16.14 1.52 3.62
CA ALA A 71 16.69 0.25 4.07
C ALA A 71 15.79 -0.40 5.12
N SER A 72 15.55 0.32 6.20
CA SER A 72 14.70 -0.19 7.28
C SER A 72 13.22 -0.08 6.91
N VAL A 73 12.83 1.10 6.45
CA VAL A 73 11.44 1.34 6.06
C VAL A 73 10.92 0.22 5.17
N GLN A 74 11.78 -0.25 4.26
CA GLN A 74 11.41 -1.32 3.34
C GLN A 74 11.68 -2.69 3.96
N GLU A 75 12.59 -2.72 4.92
CA GLU A 75 12.94 -3.96 5.59
C GLU A 75 11.75 -4.54 6.35
N VAL A 76 11.03 -3.67 7.04
CA VAL A 76 9.86 -4.08 7.81
C VAL A 76 8.61 -4.10 6.95
N LEU A 77 8.64 -3.36 5.84
CA LEU A 77 7.51 -3.30 4.92
C LEU A 77 7.47 -4.53 4.02
N THR A 78 8.63 -4.87 3.44
CA THR A 78 8.72 -6.02 2.56
C THR A 78 8.24 -7.29 3.26
N GLU A 79 8.28 -7.28 4.58
CA GLU A 79 7.85 -8.44 5.37
C GLU A 79 6.33 -8.46 5.51
N ILE A 80 5.72 -7.29 5.41
CA ILE A 80 4.26 -7.18 5.52
C ILE A 80 3.57 -8.08 4.51
N SER A 81 4.12 -8.17 3.31
CA SER A 81 3.56 -9.00 2.25
C SER A 81 4.54 -10.08 1.83
N ASN A 82 5.78 -9.95 2.26
CA ASN A 82 6.82 -10.93 1.92
C ASN A 82 6.85 -11.19 0.42
N GLN A 83 6.81 -10.12 -0.35
CA GLN A 83 6.83 -10.23 -1.81
C GLN A 83 8.03 -9.49 -2.39
N LYS A 84 8.51 -9.95 -3.55
CA LYS A 84 9.65 -9.34 -4.21
C LYS A 84 9.53 -7.81 -4.20
N THR A 85 8.33 -7.32 -4.49
CA THR A 85 8.09 -5.88 -4.52
C THR A 85 7.59 -5.39 -3.16
N VAL A 86 7.21 -4.12 -3.10
CA VAL A 86 6.72 -3.52 -1.87
C VAL A 86 5.25 -3.10 -2.01
N PRO A 87 4.40 -4.05 -2.42
CA PRO A 87 2.98 -3.80 -2.60
C PRO A 87 2.25 -3.59 -1.28
N ASN A 88 1.60 -2.44 -1.15
CA ASN A 88 0.87 -2.10 0.07
C ASN A 88 -0.51 -1.56 -0.26
N ILE A 89 -1.55 -2.29 0.17
CA ILE A 89 -2.93 -1.87 -0.08
C ILE A 89 -3.76 -1.96 1.19
N PHE A 90 -4.01 -0.82 1.82
CA PHE A 90 -4.80 -0.77 3.05
C PHE A 90 -5.64 0.50 3.10
N VAL A 91 -6.96 0.33 3.12
CA VAL A 91 -7.88 1.47 3.17
C VAL A 91 -8.72 1.43 4.44
N ASN A 92 -8.98 2.62 4.99
CA ASN A 92 -9.77 2.72 6.22
C ASN A 92 -9.22 1.82 7.31
N LYS A 93 -7.89 1.77 7.42
CA LYS A 93 -7.24 0.94 8.43
C LYS A 93 -7.60 -0.53 8.23
N VAL A 94 -7.83 -0.92 6.98
CA VAL A 94 -8.18 -2.31 6.66
C VAL A 94 -7.20 -2.91 5.66
N HIS A 95 -7.13 -4.23 5.64
CA HIS A 95 -6.23 -4.93 4.73
C HIS A 95 -6.96 -5.37 3.47
N VAL A 96 -6.37 -5.10 2.32
CA VAL A 96 -6.98 -5.47 1.04
C VAL A 96 -6.26 -6.67 0.43
N GLY A 97 -4.93 -6.69 0.54
CA GLY A 97 -4.16 -7.78 -0.01
C GLY A 97 -3.25 -7.34 -1.14
N GLY A 98 -3.72 -7.47 -2.37
CA GLY A 98 -2.93 -7.07 -3.52
C GLY A 98 -2.37 -8.27 -4.27
N CYS A 99 -1.95 -8.04 -5.52
CA CYS A 99 -1.39 -9.10 -6.35
C CYS A 99 -2.47 -10.12 -6.71
N ASP A 100 -3.71 -9.80 -6.39
CA ASP A 100 -4.84 -10.69 -6.69
C ASP A 100 -6.13 -10.16 -6.06
N ARG A 101 -6.03 -9.68 -4.82
CA ARG A 101 -7.18 -9.16 -4.11
C ARG A 101 -7.55 -7.76 -4.62
N THR A 102 -6.60 -6.83 -4.51
CA THR A 102 -6.82 -5.46 -4.95
C THR A 102 -7.05 -5.41 -6.46
N PHE A 103 -6.59 -6.43 -7.16
CA PHE A 103 -6.74 -6.51 -8.61
C PHE A 103 -8.10 -7.08 -8.99
N GLN A 104 -8.41 -8.24 -8.43
CA GLN A 104 -9.69 -8.90 -8.71
C GLN A 104 -10.85 -8.12 -8.13
N ALA A 105 -10.75 -7.79 -6.84
CA ALA A 105 -11.79 -7.04 -6.16
C ALA A 105 -12.20 -5.81 -6.97
N HIS A 106 -11.26 -5.27 -7.72
CA HIS A 106 -11.53 -4.09 -8.55
C HIS A 106 -12.50 -4.42 -9.67
N GLN A 107 -12.30 -5.57 -10.32
CA GLN A 107 -13.17 -6.00 -11.40
C GLN A 107 -14.36 -6.78 -10.88
N ASN A 108 -14.25 -7.26 -9.64
CA ASN A 108 -15.33 -8.02 -9.01
C ASN A 108 -16.24 -7.10 -8.20
N GLY A 109 -15.79 -5.87 -7.98
CA GLY A 109 -16.59 -4.92 -7.23
C GLY A 109 -16.35 -5.02 -5.73
N LEU A 110 -15.62 -6.06 -5.32
CA LEU A 110 -15.32 -6.27 -3.91
C LEU A 110 -14.41 -5.16 -3.38
N LEU A 111 -13.76 -4.44 -4.29
CA LEU A 111 -12.87 -3.35 -3.91
C LEU A 111 -13.65 -2.04 -3.74
N GLN A 112 -14.38 -1.67 -4.78
CA GLN A 112 -15.17 -0.44 -4.76
C GLN A 112 -16.09 -0.42 -3.55
N LYS A 113 -16.61 -1.59 -3.17
CA LYS A 113 -17.51 -1.69 -2.03
C LYS A 113 -16.73 -1.65 -0.71
N LEU A 114 -15.44 -1.99 -0.79
CA LEU A 114 -14.59 -1.99 0.39
C LEU A 114 -14.10 -0.58 0.72
N LEU A 115 -13.69 0.15 -0.32
CA LEU A 115 -13.21 1.52 -0.14
C LEU A 115 -14.30 2.42 0.42
N GLN A 116 -15.55 1.98 0.27
CA GLN A 116 -16.70 2.74 0.77
C GLN A 116 -16.62 2.93 2.28
N ASP A 117 -16.03 1.95 2.96
CA ASP A 117 -15.89 2.00 4.41
C ASP A 117 -15.19 0.75 4.93
N ASP A 118 -15.74 -0.42 4.61
CA ASP A 118 -15.17 -1.69 5.05
C ASP A 118 -15.87 -2.86 4.36
N ALA A 17 16.53 3.03 15.95
CA ALA A 17 15.43 3.80 15.37
C ALA A 17 14.65 2.97 14.36
N ARG A 18 15.27 1.92 13.87
CA ARG A 18 14.64 1.05 12.89
C ARG A 18 13.25 0.61 13.36
N GLU A 19 13.09 0.50 14.67
CA GLU A 19 11.82 0.09 15.26
C GLU A 19 10.81 1.23 15.21
N GLU A 20 11.30 2.45 15.40
CA GLU A 20 10.44 3.63 15.40
C GLU A 20 9.80 3.82 14.02
N LEU A 21 10.36 3.16 13.01
CA LEU A 21 9.85 3.26 11.65
C LEU A 21 8.72 2.26 11.42
N ARG A 22 8.95 1.02 11.79
CA ARG A 22 7.95 -0.03 11.62
C ARG A 22 6.62 0.38 12.26
N ARG A 23 6.70 1.18 13.33
CA ARG A 23 5.51 1.64 14.02
C ARG A 23 4.89 2.84 13.31
N ARG A 24 5.69 3.51 12.48
CA ARG A 24 5.22 4.67 11.73
C ARG A 24 4.54 4.24 10.44
N LEU A 25 4.97 3.11 9.90
CA LEU A 25 4.40 2.59 8.66
C LEU A 25 2.94 2.19 8.84
N ARG A 26 2.68 1.36 9.86
CA ARG A 26 1.32 0.92 10.14
C ARG A 26 0.45 2.08 10.62
N ASP A 27 1.09 3.13 11.12
CA ASP A 27 0.38 4.30 11.60
C ASP A 27 0.07 5.26 10.46
N LEU A 28 0.97 5.36 9.50
CA LEU A 28 0.79 6.23 8.34
C LEU A 28 -0.48 5.88 7.60
N ILE A 29 -0.96 4.65 7.79
CA ILE A 29 -2.18 4.19 7.13
C ILE A 29 -3.42 4.63 7.89
N GLU A 30 -3.24 4.91 9.19
CA GLU A 30 -4.36 5.34 10.03
C GLU A 30 -4.59 6.85 9.87
N GLY A 31 -3.52 7.60 9.69
CA GLY A 31 -3.62 9.03 9.53
C GLY A 31 -4.20 9.43 8.18
N ASN A 32 -4.25 8.46 7.26
CA ASN A 32 -4.79 8.72 5.92
C ASN A 32 -5.75 7.62 5.51
N ARG A 33 -6.90 8.03 4.96
CA ARG A 33 -7.91 7.07 4.52
C ARG A 33 -7.29 5.96 3.70
N VAL A 34 -6.51 6.34 2.69
CA VAL A 34 -5.85 5.37 1.82
C VAL A 34 -4.35 5.60 1.78
N MET A 35 -3.59 4.54 2.07
CA MET A 35 -2.14 4.63 2.07
C MET A 35 -1.52 3.48 1.25
N ILE A 36 -0.60 3.83 0.38
CA ILE A 36 0.06 2.84 -0.47
C ILE A 36 1.55 3.14 -0.61
N PHE A 37 2.38 2.12 -0.41
CA PHE A 37 3.83 2.27 -0.52
C PHE A 37 4.34 1.63 -1.81
N SER A 38 5.40 2.21 -2.37
CA SER A 38 6.00 1.70 -3.60
C SER A 38 7.48 2.05 -3.67
N LYS A 39 8.05 1.90 -4.86
CA LYS A 39 9.47 2.21 -5.07
C LYS A 39 9.66 3.10 -6.28
N SER A 40 10.91 3.29 -6.68
CA SER A 40 11.23 4.14 -7.82
C SER A 40 10.93 3.40 -9.14
N TYR A 41 11.51 2.22 -9.27
CA TYR A 41 11.31 1.41 -10.48
C TYR A 41 10.92 -0.02 -10.13
N CYS A 42 9.70 -0.17 -9.61
CA CYS A 42 9.19 -1.49 -9.22
C CYS A 42 7.77 -1.68 -9.72
N PRO A 43 7.60 -2.55 -10.73
CA PRO A 43 6.29 -2.84 -11.32
C PRO A 43 5.40 -3.64 -10.37
N HIS A 44 4.12 -3.75 -10.72
CA HIS A 44 3.17 -4.48 -9.90
C HIS A 44 2.75 -3.67 -8.68
N SER A 45 3.75 -3.17 -7.94
CA SER A 45 3.50 -2.39 -6.74
C SER A 45 2.99 -0.98 -7.11
N THR A 46 3.38 -0.51 -8.30
CA THR A 46 2.98 0.79 -8.77
C THR A 46 1.61 0.74 -9.44
N ARG A 47 1.35 -0.35 -10.15
CA ARG A 47 0.08 -0.53 -10.84
C ARG A 47 -1.09 -0.50 -9.86
N VAL A 48 -0.92 -1.18 -8.73
CA VAL A 48 -1.96 -1.24 -7.71
C VAL A 48 -2.44 0.16 -7.34
N LYS A 49 -1.59 1.16 -7.58
CA LYS A 49 -1.93 2.55 -7.28
C LYS A 49 -3.02 3.06 -8.21
N GLU A 50 -2.92 2.68 -9.49
CA GLU A 50 -3.90 3.10 -10.49
C GLU A 50 -5.30 2.64 -10.10
N LEU A 51 -5.38 1.44 -9.53
CA LEU A 51 -6.66 0.88 -9.12
C LEU A 51 -7.47 1.89 -8.32
N PHE A 52 -6.84 2.45 -7.28
CA PHE A 52 -7.50 3.42 -6.43
C PHE A 52 -7.85 4.69 -7.21
N SER A 53 -6.90 5.15 -8.04
CA SER A 53 -7.10 6.34 -8.84
C SER A 53 -8.37 6.23 -9.67
N SER A 54 -8.55 5.09 -10.33
CA SER A 54 -9.72 4.86 -11.16
C SER A 54 -10.95 4.55 -10.30
N LEU A 55 -10.73 4.47 -9.00
CA LEU A 55 -11.82 4.18 -8.06
C LEU A 55 -12.35 5.46 -7.43
N GLY A 56 -11.91 6.61 -7.96
CA GLY A 56 -12.36 7.88 -7.43
C GLY A 56 -11.92 8.10 -5.99
N VAL A 57 -11.01 7.26 -5.52
CA VAL A 57 -10.51 7.36 -4.16
C VAL A 57 -9.04 7.81 -4.14
N VAL A 58 -8.80 9.02 -3.66
CA VAL A 58 -7.46 9.56 -3.60
C VAL A 58 -6.61 8.79 -2.58
N TYR A 59 -5.30 8.79 -2.80
CA TYR A 59 -4.37 8.09 -1.91
C TYR A 59 -3.03 8.79 -1.87
N ASN A 60 -2.21 8.42 -0.89
CA ASN A 60 -0.88 9.01 -0.73
C ASN A 60 0.18 8.21 -1.49
N ILE A 61 1.00 8.89 -2.27
CA ILE A 61 2.04 8.23 -3.05
C ILE A 61 3.40 8.40 -2.38
N LEU A 62 3.95 7.30 -1.88
CA LEU A 62 5.25 7.32 -1.22
C LEU A 62 6.15 6.21 -1.74
N GLU A 63 7.40 6.56 -2.05
CA GLU A 63 8.36 5.58 -2.56
C GLU A 63 9.47 5.33 -1.56
N LEU A 64 9.49 4.14 -0.98
CA LEU A 64 10.50 3.78 0.01
C LEU A 64 11.89 3.77 -0.61
N ASP A 65 11.93 3.77 -1.94
CA ASP A 65 13.20 3.77 -2.66
C ASP A 65 13.89 5.12 -2.56
N GLN A 66 13.10 6.16 -2.30
CA GLN A 66 13.63 7.51 -2.18
C GLN A 66 13.65 7.96 -0.72
N VAL A 67 13.22 7.07 0.17
CA VAL A 67 13.18 7.37 1.59
C VAL A 67 14.53 7.11 2.25
N ASP A 68 14.95 8.00 3.14
CA ASP A 68 16.22 7.86 3.83
C ASP A 68 16.32 6.49 4.49
N ASP A 69 15.22 6.02 5.06
CA ASP A 69 15.18 4.73 5.73
C ASP A 69 14.73 3.63 4.76
N GLY A 70 15.03 3.81 3.49
CA GLY A 70 14.65 2.84 2.49
C GLY A 70 15.07 1.43 2.87
N ALA A 71 16.05 1.32 3.76
CA ALA A 71 16.54 0.03 4.20
C ALA A 71 15.57 -0.61 5.19
N SER A 72 15.31 0.09 6.28
CA SER A 72 14.40 -0.41 7.32
C SER A 72 12.95 -0.32 6.85
N VAL A 73 12.57 0.83 6.31
CA VAL A 73 11.21 1.04 5.82
C VAL A 73 10.76 -0.12 4.95
N GLN A 74 11.67 -0.63 4.12
CA GLN A 74 11.35 -1.74 3.24
C GLN A 74 11.56 -3.08 3.94
N GLU A 75 12.43 -3.08 4.94
CA GLU A 75 12.73 -4.29 5.69
C GLU A 75 11.48 -4.80 6.41
N VAL A 76 10.74 -3.89 7.04
CA VAL A 76 9.52 -4.25 7.75
C VAL A 76 8.32 -4.27 6.82
N LEU A 77 8.44 -3.56 5.70
CA LEU A 77 7.36 -3.49 4.72
C LEU A 77 7.31 -4.77 3.88
N THR A 78 8.47 -5.19 3.39
CA THR A 78 8.56 -6.39 2.57
C THR A 78 8.01 -7.60 3.31
N GLU A 79 8.02 -7.53 4.64
CA GLU A 79 7.53 -8.62 5.47
C GLU A 79 6.01 -8.55 5.62
N ILE A 80 5.44 -7.42 5.20
CA ILE A 80 3.99 -7.22 5.29
C ILE A 80 3.26 -8.08 4.27
N SER A 81 3.83 -8.19 3.08
CA SER A 81 3.22 -8.98 2.01
C SER A 81 4.14 -10.12 1.60
N ASN A 82 5.40 -10.05 2.02
CA ASN A 82 6.39 -11.08 1.70
C ASN A 82 6.48 -11.28 0.19
N GLN A 83 6.48 -10.17 -0.55
CA GLN A 83 6.58 -10.22 -2.00
C GLN A 83 7.83 -9.51 -2.50
N LYS A 84 8.33 -9.94 -3.65
CA LYS A 84 9.53 -9.35 -4.25
C LYS A 84 9.47 -7.83 -4.18
N THR A 85 8.30 -7.27 -4.46
CA THR A 85 8.10 -5.83 -4.44
C THR A 85 7.62 -5.36 -3.07
N VAL A 86 7.31 -4.08 -2.97
CA VAL A 86 6.82 -3.50 -1.72
C VAL A 86 5.39 -2.99 -1.87
N PRO A 87 4.50 -3.86 -2.35
CA PRO A 87 3.09 -3.53 -2.54
C PRO A 87 2.34 -3.35 -1.22
N ASN A 88 1.77 -2.17 -1.03
CA ASN A 88 1.03 -1.88 0.20
C ASN A 88 -0.32 -1.25 -0.12
N ILE A 89 -1.39 -1.93 0.27
CA ILE A 89 -2.75 -1.44 0.02
C ILE A 89 -3.61 -1.58 1.28
N PHE A 90 -3.87 -0.46 1.94
CA PHE A 90 -4.68 -0.45 3.14
C PHE A 90 -5.55 0.81 3.20
N VAL A 91 -6.86 0.61 3.17
CA VAL A 91 -7.81 1.72 3.23
C VAL A 91 -8.71 1.61 4.45
N ASN A 92 -9.03 2.77 5.04
CA ASN A 92 -9.88 2.80 6.22
C ASN A 92 -9.34 1.91 7.32
N LYS A 93 -8.01 1.89 7.45
CA LYS A 93 -7.35 1.07 8.47
C LYS A 93 -7.62 -0.41 8.23
N VAL A 94 -7.96 -0.76 6.98
CA VAL A 94 -8.22 -2.14 6.62
C VAL A 94 -7.17 -2.67 5.66
N HIS A 95 -7.04 -3.99 5.58
CA HIS A 95 -6.07 -4.63 4.70
C HIS A 95 -6.72 -5.04 3.39
N VAL A 96 -6.13 -4.61 2.28
CA VAL A 96 -6.65 -4.94 0.95
C VAL A 96 -6.10 -6.27 0.46
N GLY A 97 -4.79 -6.42 0.56
CA GLY A 97 -4.15 -7.66 0.12
C GLY A 97 -2.93 -7.39 -0.75
N GLY A 98 -3.06 -7.67 -2.04
CA GLY A 98 -1.96 -7.46 -2.96
C GLY A 98 -2.35 -7.69 -4.41
N CYS A 99 -1.41 -8.18 -5.20
CA CYS A 99 -1.66 -8.44 -6.61
C CYS A 99 -2.69 -9.56 -6.79
N ASP A 100 -3.01 -10.23 -5.68
CA ASP A 100 -3.97 -11.32 -5.71
C ASP A 100 -5.34 -10.85 -5.21
N ARG A 101 -5.34 -10.13 -4.09
CA ARG A 101 -6.57 -9.62 -3.52
C ARG A 101 -6.97 -8.30 -4.16
N THR A 102 -6.08 -7.31 -4.07
CA THR A 102 -6.35 -6.00 -4.64
C THR A 102 -6.74 -6.10 -6.11
N PHE A 103 -6.33 -7.19 -6.75
CA PHE A 103 -6.64 -7.41 -8.15
C PHE A 103 -8.02 -8.03 -8.32
N GLN A 104 -8.20 -9.23 -7.76
CA GLN A 104 -9.47 -9.93 -7.84
C GLN A 104 -10.62 -9.02 -7.40
N ALA A 105 -10.53 -8.51 -6.17
CA ALA A 105 -11.55 -7.63 -5.63
C ALA A 105 -11.89 -6.52 -6.61
N HIS A 106 -10.91 -6.12 -7.41
CA HIS A 106 -11.10 -5.06 -8.40
C HIS A 106 -12.09 -5.49 -9.48
N GLN A 107 -11.95 -6.73 -9.94
CA GLN A 107 -12.82 -7.27 -10.98
C GLN A 107 -14.07 -7.88 -10.36
N ASN A 108 -13.99 -8.23 -9.08
CA ASN A 108 -15.12 -8.83 -8.38
C ASN A 108 -16.01 -7.76 -7.77
N GLY A 109 -15.47 -6.54 -7.66
CA GLY A 109 -16.23 -5.46 -7.08
C GLY A 109 -16.01 -5.33 -5.59
N LEU A 110 -15.35 -6.30 -5.00
CA LEU A 110 -15.07 -6.30 -3.57
C LEU A 110 -14.10 -5.18 -3.21
N LEU A 111 -13.40 -4.66 -4.20
CA LEU A 111 -12.44 -3.58 -3.99
C LEU A 111 -13.13 -2.22 -4.06
N GLN A 112 -13.87 -1.99 -5.15
CA GLN A 112 -14.57 -0.73 -5.34
C GLN A 112 -15.51 -0.45 -4.17
N LYS A 113 -16.10 -1.52 -3.63
CA LYS A 113 -17.03 -1.39 -2.51
C LYS A 113 -16.27 -1.13 -1.21
N LEU A 114 -15.02 -1.56 -1.16
CA LEU A 114 -14.19 -1.38 0.01
C LEU A 114 -13.69 0.06 0.12
N LEU A 115 -13.20 0.60 -1.00
CA LEU A 115 -12.70 1.96 -1.04
C LEU A 115 -13.85 2.96 -1.02
N GLN A 116 -15.03 2.52 -1.44
CA GLN A 116 -16.21 3.37 -1.46
C GLN A 116 -16.75 3.61 -0.05
N ASP A 117 -16.47 2.67 0.84
CA ASP A 117 -16.92 2.77 2.23
C ASP A 117 -16.47 1.57 3.04
N ASP A 118 -16.73 0.38 2.53
CA ASP A 118 -16.34 -0.85 3.21
C ASP A 118 -16.74 -2.08 2.40
N ALA A 17 15.03 0.99 17.56
CA ALA A 17 14.47 1.98 16.65
C ALA A 17 13.68 1.32 15.52
N ARG A 18 13.95 0.04 15.29
CA ARG A 18 13.27 -0.71 14.24
C ARG A 18 11.76 -0.56 14.36
N GLU A 19 11.27 -0.39 15.58
CA GLU A 19 9.85 -0.22 15.84
C GLU A 19 9.38 1.17 15.45
N GLU A 20 10.23 2.16 15.68
CA GLU A 20 9.91 3.55 15.36
C GLU A 20 9.47 3.69 13.91
N LEU A 21 10.33 3.23 13.00
CA LEU A 21 10.04 3.30 11.57
C LEU A 21 8.69 2.65 11.26
N ARG A 22 8.57 1.38 11.60
CA ARG A 22 7.34 0.64 11.36
C ARG A 22 6.13 1.40 11.91
N ARG A 23 6.30 2.02 13.07
CA ARG A 23 5.24 2.77 13.70
C ARG A 23 4.68 3.83 12.74
N ARG A 24 5.51 4.28 11.81
CA ARG A 24 5.10 5.29 10.84
C ARG A 24 4.43 4.63 9.64
N LEU A 25 4.88 3.42 9.29
CA LEU A 25 4.32 2.70 8.16
C LEU A 25 2.90 2.22 8.46
N ARG A 26 2.66 1.86 9.71
CA ARG A 26 1.34 1.39 10.13
C ARG A 26 0.43 2.57 10.47
N ASP A 27 1.03 3.66 10.95
CA ASP A 27 0.27 4.84 11.31
C ASP A 27 -0.08 5.66 10.07
N LEU A 28 0.84 5.71 9.12
CA LEU A 28 0.63 6.45 7.88
C LEU A 28 -0.64 5.99 7.17
N ILE A 29 -1.07 4.77 7.48
CA ILE A 29 -2.27 4.21 6.88
C ILE A 29 -3.53 4.77 7.53
N GLU A 30 -3.40 5.19 8.79
CA GLU A 30 -4.53 5.74 9.53
C GLU A 30 -4.68 7.23 9.25
N GLY A 31 -3.55 7.94 9.22
CA GLY A 31 -3.57 9.37 8.97
C GLY A 31 -4.13 9.70 7.60
N ASN A 32 -4.18 8.72 6.72
CA ASN A 32 -4.69 8.91 5.37
C ASN A 32 -5.68 7.82 4.99
N ARG A 33 -6.79 8.21 4.38
CA ARG A 33 -7.81 7.26 3.97
C ARG A 33 -7.20 6.08 3.21
N VAL A 34 -6.43 6.40 2.17
CA VAL A 34 -5.78 5.37 1.36
C VAL A 34 -4.31 5.71 1.11
N MET A 35 -3.42 4.89 1.63
CA MET A 35 -1.98 5.10 1.47
C MET A 35 -1.29 3.81 1.05
N ILE A 36 -0.52 3.88 -0.03
CA ILE A 36 0.21 2.72 -0.53
C ILE A 36 1.70 3.01 -0.66
N PHE A 37 2.52 1.98 -0.47
CA PHE A 37 3.97 2.12 -0.56
C PHE A 37 4.50 1.46 -1.84
N SER A 38 5.46 2.13 -2.48
CA SER A 38 6.05 1.61 -3.70
C SER A 38 7.53 1.97 -3.80
N LYS A 39 8.11 1.80 -4.99
CA LYS A 39 9.51 2.12 -5.20
C LYS A 39 9.71 2.82 -6.54
N SER A 40 10.96 3.02 -6.93
CA SER A 40 11.28 3.68 -8.19
C SER A 40 11.17 2.71 -9.35
N TYR A 41 11.79 1.55 -9.22
CA TYR A 41 11.76 0.53 -10.26
C TYR A 41 11.27 -0.81 -9.71
N CYS A 42 10.00 -0.86 -9.33
CA CYS A 42 9.41 -2.08 -8.79
C CYS A 42 7.97 -2.24 -9.25
N PRO A 43 7.77 -3.07 -10.29
CA PRO A 43 6.45 -3.33 -10.86
C PRO A 43 5.56 -4.14 -9.92
N HIS A 44 4.28 -4.24 -10.25
CA HIS A 44 3.33 -4.99 -9.43
C HIS A 44 2.91 -4.18 -8.20
N SER A 45 3.89 -3.65 -7.48
CA SER A 45 3.62 -2.87 -6.29
C SER A 45 3.14 -1.47 -6.67
N THR A 46 3.56 -0.99 -7.83
CA THR A 46 3.17 0.33 -8.31
C THR A 46 1.82 0.29 -9.01
N ARG A 47 1.61 -0.75 -9.81
CA ARG A 47 0.36 -0.91 -10.55
C ARG A 47 -0.83 -0.94 -9.60
N VAL A 48 -0.68 -1.69 -8.50
CA VAL A 48 -1.74 -1.80 -7.51
C VAL A 48 -2.22 -0.43 -7.04
N LYS A 49 -1.35 0.57 -7.18
CA LYS A 49 -1.69 1.93 -6.78
C LYS A 49 -2.64 2.58 -7.78
N GLU A 50 -2.53 2.17 -9.04
CA GLU A 50 -3.38 2.71 -10.10
C GLU A 50 -4.83 2.29 -9.89
N LEU A 51 -5.04 1.24 -9.11
CA LEU A 51 -6.38 0.74 -8.82
C LEU A 51 -7.22 1.81 -8.12
N PHE A 52 -6.78 2.21 -6.94
CA PHE A 52 -7.49 3.23 -6.17
C PHE A 52 -7.84 4.43 -7.03
N SER A 53 -6.86 4.90 -7.80
CA SER A 53 -7.05 6.05 -8.67
C SER A 53 -8.27 5.84 -9.58
N SER A 54 -8.34 4.68 -10.21
CA SER A 54 -9.43 4.35 -11.10
C SER A 54 -10.69 3.96 -10.31
N LEU A 55 -10.55 3.90 -9.00
CA LEU A 55 -11.65 3.54 -8.13
C LEU A 55 -12.41 4.78 -7.67
N GLY A 56 -12.15 5.91 -8.33
CA GLY A 56 -12.82 7.15 -7.97
C GLY A 56 -12.45 7.63 -6.59
N VAL A 57 -11.44 7.00 -5.99
CA VAL A 57 -10.99 7.39 -4.66
C VAL A 57 -9.62 8.06 -4.71
N VAL A 58 -9.23 8.68 -3.60
CA VAL A 58 -7.95 9.36 -3.52
C VAL A 58 -7.01 8.65 -2.55
N TYR A 59 -5.72 8.69 -2.85
CA TYR A 59 -4.72 8.05 -2.00
C TYR A 59 -3.38 8.77 -2.09
N ASN A 60 -2.45 8.41 -1.21
CA ASN A 60 -1.13 9.02 -1.20
C ASN A 60 -0.09 8.10 -1.82
N ILE A 61 0.71 8.64 -2.73
CA ILE A 61 1.75 7.86 -3.39
C ILE A 61 3.12 8.16 -2.81
N LEU A 62 3.74 7.15 -2.20
CA LEU A 62 5.06 7.29 -1.59
C LEU A 62 5.99 6.19 -2.04
N GLU A 63 7.23 6.55 -2.35
CA GLU A 63 8.22 5.58 -2.80
C GLU A 63 9.34 5.42 -1.76
N LEU A 64 9.42 4.24 -1.16
CA LEU A 64 10.43 3.97 -0.15
C LEU A 64 11.82 3.93 -0.77
N ASP A 65 11.86 3.87 -2.10
CA ASP A 65 13.13 3.82 -2.82
C ASP A 65 13.73 5.23 -2.96
N GLN A 66 12.95 6.24 -2.58
CA GLN A 66 13.39 7.62 -2.66
C GLN A 66 13.62 8.20 -1.28
N VAL A 67 13.10 7.53 -0.26
CA VAL A 67 13.24 7.99 1.12
C VAL A 67 14.67 7.81 1.61
N ASP A 68 14.88 8.05 2.90
CA ASP A 68 16.21 7.92 3.49
C ASP A 68 16.33 6.60 4.26
N ASP A 69 15.18 6.03 4.63
CA ASP A 69 15.17 4.78 5.36
C ASP A 69 14.74 3.62 4.46
N GLY A 70 15.03 3.75 3.18
CA GLY A 70 14.67 2.70 2.23
C GLY A 70 15.12 1.33 2.68
N ALA A 71 16.12 1.29 3.56
CA ALA A 71 16.64 0.03 4.08
C ALA A 71 15.68 -0.58 5.10
N SER A 72 15.41 0.17 6.16
CA SER A 72 14.52 -0.29 7.22
C SER A 72 13.05 -0.23 6.77
N VAL A 73 12.66 0.93 6.24
CA VAL A 73 11.30 1.12 5.77
C VAL A 73 10.84 -0.05 4.90
N GLN A 74 11.76 -0.57 4.08
CA GLN A 74 11.44 -1.68 3.20
C GLN A 74 11.67 -3.01 3.91
N GLU A 75 12.52 -3.00 4.93
CA GLU A 75 12.82 -4.21 5.69
C GLU A 75 11.57 -4.71 6.43
N VAL A 76 10.85 -3.78 7.05
CA VAL A 76 9.64 -4.13 7.78
C VAL A 76 8.42 -4.15 6.86
N LEU A 77 8.53 -3.46 5.73
CA LEU A 77 7.43 -3.40 4.77
C LEU A 77 7.40 -4.65 3.91
N THR A 78 8.56 -5.03 3.37
CA THR A 78 8.67 -6.21 2.52
C THR A 78 8.16 -7.46 3.25
N GLU A 79 8.19 -7.41 4.58
CA GLU A 79 7.75 -8.54 5.39
C GLU A 79 6.23 -8.53 5.53
N ILE A 80 5.62 -7.36 5.34
CA ILE A 80 4.18 -7.22 5.44
C ILE A 80 3.46 -8.16 4.48
N SER A 81 4.03 -8.30 3.27
CA SER A 81 3.45 -9.17 2.26
C SER A 81 4.43 -10.26 1.85
N ASN A 82 5.68 -10.11 2.27
CA ASN A 82 6.72 -11.08 1.95
C ASN A 82 6.83 -11.29 0.45
N GLN A 83 6.76 -10.20 -0.31
CA GLN A 83 6.85 -10.26 -1.76
C GLN A 83 8.09 -9.52 -2.26
N LYS A 84 8.62 -9.94 -3.40
CA LYS A 84 9.79 -9.31 -3.98
C LYS A 84 9.67 -7.79 -3.96
N THR A 85 8.47 -7.30 -4.27
CA THR A 85 8.21 -5.87 -4.29
C THR A 85 7.74 -5.37 -2.93
N VAL A 86 7.38 -4.09 -2.86
CA VAL A 86 6.91 -3.50 -1.62
C VAL A 86 5.44 -3.07 -1.75
N PRO A 87 4.58 -4.01 -2.15
CA PRO A 87 3.15 -3.75 -2.31
C PRO A 87 2.44 -3.53 -0.98
N ASN A 88 1.81 -2.36 -0.84
CA ASN A 88 1.10 -2.01 0.39
C ASN A 88 -0.24 -1.37 0.08
N ILE A 89 -1.31 -2.10 0.34
CA ILE A 89 -2.67 -1.60 0.09
C ILE A 89 -3.52 -1.67 1.35
N PHE A 90 -3.73 -0.53 1.99
CA PHE A 90 -4.53 -0.46 3.20
C PHE A 90 -5.35 0.82 3.23
N VAL A 91 -6.67 0.68 3.26
CA VAL A 91 -7.56 1.84 3.30
C VAL A 91 -8.47 1.78 4.52
N ASN A 92 -8.57 2.90 5.23
CA ASN A 92 -9.40 2.98 6.42
C ASN A 92 -8.88 2.05 7.51
N LYS A 93 -7.58 2.07 7.74
CA LYS A 93 -6.95 1.23 8.75
C LYS A 93 -7.28 -0.24 8.51
N VAL A 94 -7.58 -0.58 7.26
CA VAL A 94 -7.91 -1.95 6.90
C VAL A 94 -6.96 -2.48 5.82
N HIS A 95 -6.86 -3.80 5.72
CA HIS A 95 -5.99 -4.43 4.73
C HIS A 95 -6.79 -4.83 3.49
N VAL A 96 -6.24 -4.50 2.32
CA VAL A 96 -6.90 -4.82 1.07
C VAL A 96 -6.43 -6.18 0.53
N GLY A 97 -5.12 -6.36 0.49
CA GLY A 97 -4.56 -7.61 0.00
C GLY A 97 -3.32 -7.40 -0.86
N GLY A 98 -3.53 -7.17 -2.16
CA GLY A 98 -2.41 -6.96 -3.05
C GLY A 98 -2.18 -8.14 -3.98
N CYS A 99 -1.15 -8.04 -4.82
CA CYS A 99 -0.84 -9.11 -5.76
C CYS A 99 -1.90 -9.21 -6.85
N ASP A 100 -3.06 -9.74 -6.48
CA ASP A 100 -4.17 -9.90 -7.42
C ASP A 100 -5.50 -9.66 -6.74
N ARG A 101 -5.45 -9.19 -5.50
CA ARG A 101 -6.67 -8.92 -4.73
C ARG A 101 -7.18 -7.52 -5.00
N THR A 102 -6.33 -6.52 -4.75
CA THR A 102 -6.69 -5.13 -4.98
C THR A 102 -6.92 -4.85 -6.46
N PHE A 103 -6.33 -5.68 -7.31
CA PHE A 103 -6.47 -5.51 -8.75
C PHE A 103 -7.75 -6.17 -9.25
N GLN A 104 -7.96 -7.43 -8.85
CA GLN A 104 -9.14 -8.16 -9.27
C GLN A 104 -10.40 -7.59 -8.61
N ALA A 105 -10.33 -7.34 -7.31
CA ALA A 105 -11.45 -6.79 -6.57
C ALA A 105 -12.01 -5.55 -7.26
N HIS A 106 -11.14 -4.84 -7.98
CA HIS A 106 -11.54 -3.63 -8.68
C HIS A 106 -12.50 -3.97 -9.83
N GLN A 107 -12.16 -5.01 -10.58
CA GLN A 107 -12.98 -5.43 -11.71
C GLN A 107 -14.12 -6.34 -11.24
N ASN A 108 -13.95 -6.95 -10.08
CA ASN A 108 -14.95 -7.85 -9.51
C ASN A 108 -15.95 -7.08 -8.67
N GLY A 109 -15.59 -5.85 -8.29
CA GLY A 109 -16.47 -5.04 -7.48
C GLY A 109 -16.25 -5.26 -6.00
N LEU A 110 -15.32 -6.13 -5.65
CA LEU A 110 -15.02 -6.44 -4.26
C LEU A 110 -14.18 -5.33 -3.62
N LEU A 111 -13.59 -4.49 -4.47
CA LEU A 111 -12.77 -3.38 -4.01
C LEU A 111 -13.62 -2.15 -3.73
N GLN A 112 -14.48 -1.81 -4.67
CA GLN A 112 -15.35 -0.64 -4.53
C GLN A 112 -16.17 -0.74 -3.24
N LYS A 113 -16.54 -1.95 -2.87
CA LYS A 113 -17.34 -2.18 -1.67
C LYS A 113 -16.45 -2.11 -0.43
N LEU A 114 -15.16 -2.32 -0.60
CA LEU A 114 -14.21 -2.28 0.50
C LEU A 114 -13.89 -0.84 0.89
N LEU A 115 -13.63 0.00 -0.11
CA LEU A 115 -13.31 1.40 0.13
C LEU A 115 -14.51 2.14 0.73
N GLN A 116 -15.68 1.52 0.62
CA GLN A 116 -16.90 2.13 1.16
C GLN A 116 -16.80 2.30 2.68
N ASP A 117 -15.96 1.49 3.30
CA ASP A 117 -15.78 1.56 4.75
C ASP A 117 -14.76 0.52 5.21
N ASP A 118 -15.03 -0.74 4.87
CA ASP A 118 -14.14 -1.84 5.26
C ASP A 118 -14.66 -3.17 4.73
N ALA A 17 15.31 0.11 17.19
CA ALA A 17 14.70 1.22 16.45
C ALA A 17 13.86 0.72 15.28
N ARG A 18 14.13 -0.53 14.86
CA ARG A 18 13.40 -1.13 13.75
C ARG A 18 11.89 -1.01 13.96
N GLU A 19 11.48 -1.01 15.22
CA GLU A 19 10.06 -0.90 15.56
C GLU A 19 9.57 0.53 15.39
N GLU A 20 10.42 1.49 15.72
CA GLU A 20 10.08 2.90 15.60
C GLU A 20 9.61 3.24 14.19
N LEU A 21 10.46 2.92 13.20
CA LEU A 21 10.15 3.19 11.81
C LEU A 21 8.89 2.44 11.38
N ARG A 22 8.85 1.14 11.67
CA ARG A 22 7.70 0.32 11.33
C ARG A 22 6.42 0.89 11.91
N ARG A 23 6.55 1.67 12.98
CA ARG A 23 5.41 2.28 13.64
C ARG A 23 4.85 3.43 12.82
N ARG A 24 5.68 3.99 11.94
CA ARG A 24 5.28 5.10 11.10
C ARG A 24 4.58 4.59 9.84
N LEU A 25 5.10 3.51 9.26
CA LEU A 25 4.54 2.93 8.05
C LEU A 25 3.17 2.32 8.34
N ARG A 26 2.99 1.85 9.56
CA ARG A 26 1.72 1.24 9.97
C ARG A 26 0.72 2.30 10.41
N ASP A 27 1.23 3.43 10.89
CA ASP A 27 0.38 4.52 11.33
C ASP A 27 -0.14 5.33 10.14
N LEU A 28 0.66 5.39 9.09
CA LEU A 28 0.30 6.13 7.89
C LEU A 28 -1.04 5.64 7.33
N ILE A 29 -1.40 4.42 7.69
CA ILE A 29 -2.67 3.84 7.23
C ILE A 29 -3.86 4.54 7.87
N GLU A 30 -3.64 5.14 9.04
CA GLU A 30 -4.69 5.85 9.74
C GLU A 30 -4.74 7.32 9.33
N GLY A 31 -3.56 7.92 9.17
CA GLY A 31 -3.49 9.31 8.78
C GLY A 31 -4.12 9.57 7.44
N ASN A 32 -4.28 8.51 6.64
CA ASN A 32 -4.87 8.64 5.32
C ASN A 32 -5.77 7.44 5.01
N ARG A 33 -6.96 7.72 4.49
CA ARG A 33 -7.91 6.66 4.16
C ARG A 33 -7.23 5.55 3.36
N VAL A 34 -6.56 5.92 2.29
CA VAL A 34 -5.85 4.96 1.44
C VAL A 34 -4.34 5.18 1.48
N MET A 35 -3.61 4.09 1.69
CA MET A 35 -2.15 4.17 1.76
C MET A 35 -1.51 3.12 0.86
N ILE A 36 -0.63 3.56 -0.04
CA ILE A 36 0.05 2.66 -0.96
C ILE A 36 1.54 2.96 -1.03
N PHE A 37 2.36 1.94 -0.81
CA PHE A 37 3.81 2.11 -0.85
C PHE A 37 4.39 1.50 -2.13
N SER A 38 5.46 2.10 -2.63
CA SER A 38 6.11 1.62 -3.84
C SER A 38 7.59 1.99 -3.85
N LYS A 39 8.20 1.94 -5.03
CA LYS A 39 9.61 2.27 -5.18
C LYS A 39 9.88 2.97 -6.50
N SER A 40 11.15 3.17 -6.83
CA SER A 40 11.53 3.82 -8.07
C SER A 40 11.44 2.86 -9.25
N TYR A 41 12.05 1.69 -9.10
CA TYR A 41 12.04 0.68 -10.15
C TYR A 41 11.54 -0.66 -9.61
N CYS A 42 10.26 -0.71 -9.25
CA CYS A 42 9.66 -1.93 -8.72
C CYS A 42 8.22 -2.08 -9.20
N PRO A 43 8.04 -2.88 -10.25
CA PRO A 43 6.71 -3.13 -10.83
C PRO A 43 5.82 -3.97 -9.91
N HIS A 44 4.54 -4.04 -10.25
CA HIS A 44 3.59 -4.81 -9.45
C HIS A 44 3.15 -4.01 -8.23
N SER A 45 4.12 -3.49 -7.47
CA SER A 45 3.82 -2.72 -6.28
C SER A 45 3.31 -1.32 -6.64
N THR A 46 3.70 -0.84 -7.82
CA THR A 46 3.29 0.47 -8.28
C THR A 46 1.92 0.42 -8.95
N ARG A 47 1.73 -0.58 -9.80
CA ARG A 47 0.47 -0.75 -10.51
C ARG A 47 -0.71 -0.74 -9.53
N VAL A 48 -0.55 -1.45 -8.41
CA VAL A 48 -1.59 -1.52 -7.40
C VAL A 48 -2.05 -0.13 -6.98
N LYS A 49 -1.18 0.86 -7.18
CA LYS A 49 -1.50 2.24 -6.83
C LYS A 49 -2.45 2.86 -7.85
N GLU A 50 -2.34 2.40 -9.10
CA GLU A 50 -3.18 2.93 -10.17
C GLU A 50 -4.64 2.48 -9.98
N LEU A 51 -4.82 1.43 -9.20
CA LEU A 51 -6.16 0.89 -8.94
C LEU A 51 -7.03 1.94 -8.25
N PHE A 52 -6.62 2.36 -7.06
CA PHE A 52 -7.37 3.36 -6.30
C PHE A 52 -7.68 4.58 -7.16
N SER A 53 -6.67 5.05 -7.90
CA SER A 53 -6.83 6.21 -8.76
C SER A 53 -8.03 6.03 -9.70
N SER A 54 -8.08 4.89 -10.36
CA SER A 54 -9.17 4.59 -11.29
C SER A 54 -10.43 4.20 -10.54
N LEU A 55 -10.33 4.11 -9.21
CA LEU A 55 -11.46 3.74 -8.37
C LEU A 55 -12.22 4.98 -7.91
N GLY A 56 -11.90 6.13 -8.51
CA GLY A 56 -12.57 7.36 -8.16
C GLY A 56 -12.22 7.83 -6.76
N VAL A 57 -11.25 7.16 -6.14
CA VAL A 57 -10.83 7.50 -4.79
C VAL A 57 -9.45 8.17 -4.80
N VAL A 58 -9.08 8.77 -3.67
CA VAL A 58 -7.79 9.44 -3.55
C VAL A 58 -6.87 8.71 -2.59
N TYR A 59 -5.57 8.75 -2.87
CA TYR A 59 -4.58 8.09 -2.04
C TYR A 59 -3.25 8.85 -2.05
N ASN A 60 -2.31 8.38 -1.24
CA ASN A 60 -0.99 9.01 -1.17
C ASN A 60 0.06 8.13 -1.83
N ILE A 61 1.03 8.77 -2.49
CA ILE A 61 2.10 8.06 -3.16
C ILE A 61 3.40 8.15 -2.37
N LEU A 62 3.90 7.01 -1.91
CA LEU A 62 5.13 6.96 -1.15
C LEU A 62 6.10 5.92 -1.72
N GLU A 63 7.32 6.34 -2.00
CA GLU A 63 8.33 5.44 -2.55
C GLU A 63 9.47 5.22 -1.56
N LEU A 64 9.62 3.99 -1.09
CA LEU A 64 10.66 3.66 -0.14
C LEU A 64 12.05 3.80 -0.77
N ASP A 65 12.08 3.89 -2.10
CA ASP A 65 13.34 4.05 -2.82
C ASP A 65 13.68 5.51 -3.02
N GLN A 66 12.84 6.39 -2.47
CA GLN A 66 13.05 7.83 -2.58
C GLN A 66 13.48 8.42 -1.24
N VAL A 67 12.92 7.89 -0.16
CA VAL A 67 13.25 8.37 1.18
C VAL A 67 14.70 8.08 1.53
N ASP A 68 15.08 8.43 2.76
CA ASP A 68 16.45 8.20 3.22
C ASP A 68 16.57 6.87 3.94
N ASP A 69 15.46 6.42 4.52
CA ASP A 69 15.43 5.15 5.24
C ASP A 69 14.96 4.01 4.33
N GLY A 70 15.22 4.15 3.04
CA GLY A 70 14.82 3.12 2.09
C GLY A 70 15.25 1.74 2.52
N ALA A 71 16.26 1.67 3.38
CA ALA A 71 16.76 0.39 3.87
C ALA A 71 15.82 -0.22 4.90
N SER A 72 15.56 0.53 5.97
CA SER A 72 14.67 0.07 7.04
C SER A 72 13.21 0.21 6.63
N VAL A 73 12.85 1.40 6.14
CA VAL A 73 11.49 1.67 5.71
C VAL A 73 10.97 0.57 4.79
N GLN A 74 11.86 0.06 3.93
CA GLN A 74 11.49 -1.00 2.99
C GLN A 74 11.63 -2.37 3.64
N GLU A 75 12.49 -2.45 4.66
CA GLU A 75 12.72 -3.71 5.36
C GLU A 75 11.48 -4.14 6.12
N VAL A 76 11.05 -3.31 7.07
CA VAL A 76 9.87 -3.62 7.87
C VAL A 76 8.63 -3.71 7.01
N LEU A 77 8.68 -3.07 5.84
CA LEU A 77 7.55 -3.09 4.91
C LEU A 77 7.55 -4.36 4.07
N THR A 78 8.71 -4.70 3.54
CA THR A 78 8.85 -5.90 2.71
C THR A 78 8.38 -7.15 3.46
N GLU A 79 8.39 -7.07 4.79
CA GLU A 79 7.98 -8.20 5.62
C GLU A 79 6.46 -8.23 5.76
N ILE A 80 5.82 -7.07 5.58
CA ILE A 80 4.38 -6.97 5.69
C ILE A 80 3.69 -7.89 4.69
N SER A 81 4.26 -7.99 3.49
CA SER A 81 3.70 -8.84 2.45
C SER A 81 4.67 -9.95 2.06
N ASN A 82 5.92 -9.82 2.52
CA ASN A 82 6.95 -10.81 2.23
C ASN A 82 7.06 -11.04 0.72
N GLN A 83 7.03 -9.96 -0.04
CA GLN A 83 7.13 -10.04 -1.50
C GLN A 83 8.33 -9.25 -2.01
N LYS A 84 8.90 -9.71 -3.12
CA LYS A 84 10.05 -9.05 -3.72
C LYS A 84 9.86 -7.53 -3.75
N THR A 85 8.65 -7.10 -4.13
CA THR A 85 8.34 -5.69 -4.21
C THR A 85 7.82 -5.17 -2.88
N VAL A 86 7.39 -3.91 -2.87
CA VAL A 86 6.87 -3.29 -1.65
C VAL A 86 5.40 -2.93 -1.81
N PRO A 87 4.59 -3.92 -2.20
CA PRO A 87 3.14 -3.74 -2.40
C PRO A 87 2.40 -3.52 -1.08
N ASN A 88 1.69 -2.41 -0.98
CA ASN A 88 0.93 -2.08 0.22
C ASN A 88 -0.46 -1.57 -0.13
N ILE A 89 -1.48 -2.32 0.29
CA ILE A 89 -2.86 -1.94 0.02
C ILE A 89 -3.71 -2.02 1.28
N PHE A 90 -3.99 -0.87 1.89
CA PHE A 90 -4.79 -0.82 3.10
C PHE A 90 -5.68 0.42 3.12
N VAL A 91 -6.99 0.22 3.04
CA VAL A 91 -7.94 1.32 3.04
C VAL A 91 -8.86 1.24 4.25
N ASN A 92 -9.20 2.41 4.80
CA ASN A 92 -10.07 2.48 5.97
C ASN A 92 -9.50 1.65 7.13
N LYS A 93 -8.18 1.69 7.27
CA LYS A 93 -7.50 0.95 8.34
C LYS A 93 -7.80 -0.54 8.23
N VAL A 94 -7.78 -1.06 7.00
CA VAL A 94 -8.05 -2.47 6.77
C VAL A 94 -7.07 -3.05 5.74
N HIS A 95 -6.92 -4.36 5.75
CA HIS A 95 -6.02 -5.04 4.81
C HIS A 95 -6.78 -5.52 3.58
N VAL A 96 -6.28 -5.16 2.41
CA VAL A 96 -6.91 -5.56 1.15
C VAL A 96 -6.20 -6.76 0.54
N GLY A 97 -4.87 -6.75 0.61
CA GLY A 97 -4.08 -7.84 0.05
C GLY A 97 -3.18 -7.39 -1.08
N GLY A 98 -3.69 -7.46 -2.30
CA GLY A 98 -2.91 -7.06 -3.46
C GLY A 98 -2.36 -8.24 -4.24
N CYS A 99 -1.97 -8.00 -5.48
CA CYS A 99 -1.43 -9.05 -6.33
C CYS A 99 -2.50 -10.09 -6.65
N ASP A 100 -3.75 -9.77 -6.31
CA ASP A 100 -4.87 -10.68 -6.57
C ASP A 100 -6.16 -10.14 -5.95
N ARG A 101 -6.06 -9.64 -4.73
CA ARG A 101 -7.22 -9.09 -4.04
C ARG A 101 -7.55 -7.69 -4.55
N THR A 102 -6.59 -6.78 -4.43
CA THR A 102 -6.78 -5.40 -4.87
C THR A 102 -7.05 -5.35 -6.37
N PHE A 103 -6.63 -6.39 -7.09
CA PHE A 103 -6.82 -6.46 -8.52
C PHE A 103 -8.19 -7.03 -8.87
N GLN A 104 -8.49 -8.21 -8.32
CA GLN A 104 -9.78 -8.85 -8.57
C GLN A 104 -10.92 -8.05 -7.96
N ALA A 105 -10.78 -7.72 -6.68
CA ALA A 105 -11.81 -6.95 -5.98
C ALA A 105 -12.27 -5.75 -6.80
N HIS A 106 -11.36 -5.23 -7.62
CA HIS A 106 -11.66 -4.08 -8.46
C HIS A 106 -12.65 -4.47 -9.57
N GLN A 107 -12.37 -5.57 -10.24
CA GLN A 107 -13.22 -6.05 -11.32
C GLN A 107 -14.43 -6.80 -10.76
N ASN A 108 -14.32 -7.24 -9.52
CA ASN A 108 -15.41 -7.98 -8.87
C ASN A 108 -16.30 -7.03 -8.08
N GLY A 109 -15.81 -5.82 -7.82
CA GLY A 109 -16.57 -4.85 -7.08
C GLY A 109 -16.30 -4.91 -5.58
N LEU A 110 -15.60 -5.95 -5.16
CA LEU A 110 -15.28 -6.14 -3.75
C LEU A 110 -14.38 -5.01 -3.25
N LEU A 111 -13.74 -4.32 -4.18
CA LEU A 111 -12.85 -3.20 -3.83
C LEU A 111 -13.62 -1.90 -3.71
N GLN A 112 -14.39 -1.57 -4.75
CA GLN A 112 -15.18 -0.35 -4.75
C GLN A 112 -16.13 -0.31 -3.55
N LYS A 113 -16.64 -1.47 -3.17
CA LYS A 113 -17.55 -1.57 -2.04
C LYS A 113 -16.80 -1.45 -0.72
N LEU A 114 -15.50 -1.74 -0.75
CA LEU A 114 -14.66 -1.67 0.44
C LEU A 114 -14.21 -0.24 0.69
N LEU A 115 -13.79 0.45 -0.37
CA LEU A 115 -13.32 1.83 -0.26
C LEU A 115 -14.44 2.74 0.22
N GLN A 116 -15.69 2.32 0.00
CA GLN A 116 -16.84 3.10 0.42
C GLN A 116 -16.93 3.18 1.94
N ASP A 117 -16.29 2.23 2.60
CA ASP A 117 -16.30 2.19 4.07
C ASP A 117 -15.48 1.00 4.58
N ASP A 118 -15.79 -0.19 4.06
CA ASP A 118 -15.09 -1.40 4.47
C ASP A 118 -15.61 -2.61 3.68
N ALA A 17 15.44 2.65 17.53
CA ALA A 17 14.65 3.46 16.60
C ALA A 17 14.07 2.59 15.48
N ARG A 18 14.65 1.42 15.30
CA ARG A 18 14.19 0.49 14.26
C ARG A 18 12.68 0.28 14.36
N GLU A 19 12.16 0.35 15.58
CA GLU A 19 10.73 0.16 15.80
C GLU A 19 9.94 1.40 15.40
N GLU A 20 10.53 2.57 15.63
CA GLU A 20 9.88 3.82 15.29
C GLU A 20 9.46 3.84 13.83
N LEU A 21 10.35 3.38 12.95
CA LEU A 21 10.06 3.34 11.52
C LEU A 21 8.79 2.56 11.24
N ARG A 22 8.77 1.30 11.65
CA ARG A 22 7.61 0.45 11.44
C ARG A 22 6.34 1.11 11.98
N ARG A 23 6.45 1.70 13.16
CA ARG A 23 5.31 2.36 13.79
C ARG A 23 4.77 3.47 12.89
N ARG A 24 5.61 3.97 11.99
CA ARG A 24 5.22 5.03 11.07
C ARG A 24 4.54 4.45 9.83
N LEU A 25 5.07 3.33 9.34
CA LEU A 25 4.53 2.68 8.16
C LEU A 25 3.07 2.28 8.39
N ARG A 26 2.78 1.77 9.58
CA ARG A 26 1.43 1.34 9.93
C ARG A 26 0.55 2.55 10.26
N ASP A 27 1.13 3.53 10.95
CA ASP A 27 0.39 4.72 11.33
C ASP A 27 0.00 5.53 10.10
N LEU A 28 0.86 5.50 9.08
CA LEU A 28 0.61 6.23 7.84
C LEU A 28 -0.74 5.86 7.25
N ILE A 29 -1.16 4.61 7.47
CA ILE A 29 -2.44 4.13 6.96
C ILE A 29 -3.59 4.65 7.81
N GLU A 30 -3.29 5.02 9.05
CA GLU A 30 -4.31 5.55 9.95
C GLU A 30 -4.52 7.04 9.74
N GLY A 31 -3.45 7.73 9.32
CA GLY A 31 -3.54 9.16 9.09
C GLY A 31 -4.24 9.49 7.79
N ASN A 32 -4.41 8.49 6.94
CA ASN A 32 -5.07 8.69 5.65
C ASN A 32 -5.94 7.49 5.30
N ARG A 33 -7.11 7.76 4.73
CA ARG A 33 -8.03 6.70 4.35
C ARG A 33 -7.32 5.60 3.57
N VAL A 34 -6.67 5.99 2.47
CA VAL A 34 -5.94 5.03 1.64
C VAL A 34 -4.45 5.30 1.68
N MET A 35 -3.67 4.27 1.99
CA MET A 35 -2.22 4.40 2.05
C MET A 35 -1.54 3.27 1.29
N ILE A 36 -0.59 3.63 0.43
CA ILE A 36 0.14 2.64 -0.37
C ILE A 36 1.61 3.02 -0.49
N PHE A 37 2.46 2.01 -0.67
CA PHE A 37 3.89 2.22 -0.81
C PHE A 37 4.42 1.64 -2.11
N SER A 38 5.43 2.29 -2.68
CA SER A 38 6.02 1.84 -3.94
C SER A 38 7.51 2.16 -3.98
N LYS A 39 8.09 2.10 -5.18
CA LYS A 39 9.50 2.37 -5.35
C LYS A 39 9.74 3.16 -6.65
N SER A 40 11.01 3.29 -7.03
CA SER A 40 11.36 4.02 -8.24
C SER A 40 11.24 3.13 -9.47
N TYR A 41 11.85 1.96 -9.42
CA TYR A 41 11.80 1.01 -10.52
C TYR A 41 11.36 -0.36 -10.06
N CYS A 42 10.10 -0.47 -9.67
CA CYS A 42 9.54 -1.73 -9.19
C CYS A 42 8.10 -1.90 -9.65
N PRO A 43 7.91 -2.73 -10.68
CA PRO A 43 6.57 -3.00 -11.24
C PRO A 43 5.71 -3.82 -10.29
N HIS A 44 4.41 -3.92 -10.62
CA HIS A 44 3.48 -4.68 -9.80
C HIS A 44 3.07 -3.88 -8.56
N SER A 45 4.07 -3.38 -7.83
CA SER A 45 3.80 -2.61 -6.62
C SER A 45 3.30 -1.21 -6.98
N THR A 46 3.69 -0.73 -8.16
CA THR A 46 3.28 0.59 -8.61
C THR A 46 1.90 0.54 -9.27
N ARG A 47 1.69 -0.46 -10.10
CA ARG A 47 0.42 -0.63 -10.80
C ARG A 47 -0.75 -0.54 -9.82
N VAL A 48 -0.63 -1.23 -8.70
CA VAL A 48 -1.68 -1.23 -7.68
C VAL A 48 -2.11 0.19 -7.34
N LYS A 49 -1.20 1.14 -7.49
CA LYS A 49 -1.48 2.54 -7.22
C LYS A 49 -2.56 3.08 -8.17
N GLU A 50 -2.49 2.65 -9.42
CA GLU A 50 -3.44 3.09 -10.43
C GLU A 50 -4.85 2.60 -10.10
N LEU A 51 -4.92 1.58 -9.26
CA LEU A 51 -6.20 1.00 -8.87
C LEU A 51 -7.06 2.02 -8.14
N PHE A 52 -6.58 2.48 -6.98
CA PHE A 52 -7.30 3.46 -6.19
C PHE A 52 -7.68 4.67 -7.03
N SER A 53 -6.71 5.17 -7.80
CA SER A 53 -6.93 6.33 -8.64
C SER A 53 -8.14 6.11 -9.56
N SER A 54 -8.18 4.96 -10.21
CA SER A 54 -9.28 4.64 -11.11
C SER A 54 -10.54 4.28 -10.33
N LEU A 55 -10.40 4.19 -9.01
CA LEU A 55 -11.52 3.85 -8.15
C LEU A 55 -12.22 5.11 -7.64
N GLY A 56 -11.88 6.25 -8.24
CA GLY A 56 -12.47 7.51 -7.84
C GLY A 56 -12.13 7.89 -6.42
N VAL A 57 -11.16 7.18 -5.83
CA VAL A 57 -10.74 7.45 -4.47
C VAL A 57 -9.30 7.98 -4.43
N VAL A 58 -9.03 8.89 -3.50
CA VAL A 58 -7.71 9.47 -3.36
C VAL A 58 -6.83 8.61 -2.45
N TYR A 59 -5.53 8.63 -2.71
CA TYR A 59 -4.58 7.87 -1.92
C TYR A 59 -3.22 8.56 -1.86
N ASN A 60 -2.35 8.09 -0.97
CA ASN A 60 -1.02 8.66 -0.82
C ASN A 60 0.04 7.74 -1.41
N ILE A 61 0.85 8.28 -2.32
CA ILE A 61 1.90 7.50 -2.95
C ILE A 61 3.28 7.89 -2.42
N LEU A 62 3.95 6.93 -1.77
CA LEU A 62 5.27 7.18 -1.21
C LEU A 62 6.26 6.09 -1.64
N GLU A 63 7.40 6.52 -2.16
CA GLU A 63 8.43 5.58 -2.61
C GLU A 63 9.54 5.47 -1.58
N LEU A 64 9.71 4.26 -1.04
CA LEU A 64 10.74 4.01 -0.03
C LEU A 64 12.08 3.74 -0.69
N ASP A 65 12.11 3.78 -2.02
CA ASP A 65 13.33 3.55 -2.77
C ASP A 65 14.14 4.83 -2.91
N GLN A 66 13.54 5.95 -2.53
CA GLN A 66 14.21 7.24 -2.60
C GLN A 66 14.40 7.84 -1.23
N VAL A 67 13.61 7.36 -0.26
CA VAL A 67 13.69 7.86 1.10
C VAL A 67 15.09 7.63 1.69
N ASP A 68 15.23 7.93 2.97
CA ASP A 68 16.51 7.76 3.66
C ASP A 68 16.59 6.39 4.32
N ASP A 69 15.47 5.93 4.85
CA ASP A 69 15.41 4.63 5.52
C ASP A 69 14.92 3.55 4.55
N GLY A 70 15.19 3.74 3.27
CA GLY A 70 14.77 2.77 2.27
C GLY A 70 15.18 1.36 2.63
N ALA A 71 16.18 1.23 3.48
CA ALA A 71 16.66 -0.08 3.91
C ALA A 71 15.74 -0.69 4.96
N SER A 72 15.55 0.02 6.06
CA SER A 72 14.70 -0.46 7.14
C SER A 72 13.22 -0.34 6.76
N VAL A 73 12.84 0.82 6.24
CA VAL A 73 11.46 1.05 5.83
C VAL A 73 10.94 -0.08 4.96
N GLN A 74 11.80 -0.58 4.07
CA GLN A 74 11.43 -1.68 3.18
C GLN A 74 11.68 -3.03 3.84
N GLU A 75 12.54 -3.03 4.86
CA GLU A 75 12.87 -4.26 5.58
C GLU A 75 11.66 -4.77 6.36
N VAL A 76 10.97 -3.86 7.04
CA VAL A 76 9.79 -4.22 7.82
C VAL A 76 8.54 -4.22 6.96
N LEU A 77 8.59 -3.50 5.84
CA LEU A 77 7.46 -3.42 4.93
C LEU A 77 7.40 -4.63 4.01
N THR A 78 8.54 -4.95 3.41
CA THR A 78 8.64 -6.09 2.50
C THR A 78 8.15 -7.37 3.17
N GLU A 79 8.18 -7.39 4.50
CA GLU A 79 7.74 -8.55 5.25
C GLU A 79 6.21 -8.56 5.40
N ILE A 80 5.62 -7.37 5.39
CA ILE A 80 4.17 -7.24 5.52
C ILE A 80 3.45 -8.04 4.44
N SER A 81 4.01 -8.03 3.23
CA SER A 81 3.42 -8.74 2.11
C SER A 81 4.32 -9.90 1.67
N ASN A 82 5.57 -9.87 2.13
CA ASN A 82 6.52 -10.92 1.79
C ASN A 82 6.59 -11.12 0.28
N GLN A 83 6.63 -10.01 -0.46
CA GLN A 83 6.70 -10.07 -1.92
C GLN A 83 7.94 -9.34 -2.43
N LYS A 84 8.46 -9.81 -3.56
CA LYS A 84 9.64 -9.20 -4.16
C LYS A 84 9.53 -7.69 -4.17
N THR A 85 8.37 -7.18 -4.58
CA THR A 85 8.13 -5.74 -4.62
C THR A 85 7.67 -5.21 -3.27
N VAL A 86 7.29 -3.95 -3.25
CA VAL A 86 6.84 -3.31 -2.02
C VAL A 86 5.36 -2.89 -2.12
N PRO A 87 4.51 -3.86 -2.48
CA PRO A 87 3.07 -3.62 -2.63
C PRO A 87 2.38 -3.38 -1.30
N ASN A 88 1.72 -2.23 -1.18
CA ASN A 88 1.02 -1.88 0.06
C ASN A 88 -0.36 -1.33 -0.25
N ILE A 89 -1.39 -2.06 0.19
CA ILE A 89 -2.77 -1.64 -0.04
C ILE A 89 -3.59 -1.77 1.24
N PHE A 90 -3.86 -0.64 1.89
CA PHE A 90 -4.63 -0.63 3.12
C PHE A 90 -5.54 0.60 3.18
N VAL A 91 -6.84 0.36 3.13
CA VAL A 91 -7.83 1.45 3.18
C VAL A 91 -8.67 1.36 4.44
N ASN A 92 -9.01 2.52 5.00
CA ASN A 92 -9.82 2.58 6.21
C ASN A 92 -9.24 1.68 7.30
N LYS A 93 -7.93 1.76 7.48
CA LYS A 93 -7.25 0.95 8.49
C LYS A 93 -7.52 -0.54 8.27
N VAL A 94 -7.78 -0.90 7.02
CA VAL A 94 -8.05 -2.30 6.68
C VAL A 94 -6.99 -2.84 5.74
N HIS A 95 -6.84 -4.18 5.72
CA HIS A 95 -5.86 -4.82 4.86
C HIS A 95 -6.52 -5.33 3.58
N VAL A 96 -5.94 -4.95 2.44
CA VAL A 96 -6.46 -5.37 1.14
C VAL A 96 -5.75 -6.61 0.64
N GLY A 97 -4.43 -6.65 0.81
CA GLY A 97 -3.65 -7.79 0.36
C GLY A 97 -2.53 -7.39 -0.58
N GLY A 98 -2.81 -7.46 -1.88
CA GLY A 98 -1.82 -7.11 -2.88
C GLY A 98 -1.59 -8.22 -3.89
N CYS A 99 -1.48 -9.46 -3.41
CA CYS A 99 -1.26 -10.60 -4.28
C CYS A 99 -2.52 -10.92 -5.09
N ASP A 100 -2.83 -10.07 -6.06
CA ASP A 100 -4.00 -10.26 -6.91
C ASP A 100 -5.28 -10.02 -6.12
N ARG A 101 -5.13 -9.46 -4.93
CA ARG A 101 -6.28 -9.17 -4.07
C ARG A 101 -6.92 -7.84 -4.44
N THR A 102 -6.12 -6.77 -4.39
CA THR A 102 -6.60 -5.45 -4.73
C THR A 102 -7.01 -5.36 -6.19
N PHE A 103 -6.51 -6.29 -7.00
CA PHE A 103 -6.81 -6.31 -8.43
C PHE A 103 -8.12 -7.06 -8.69
N GLN A 104 -8.30 -8.18 -7.99
CA GLN A 104 -9.51 -8.98 -8.15
C GLN A 104 -10.75 -8.20 -7.72
N ALA A 105 -10.80 -7.85 -6.44
CA ALA A 105 -11.93 -7.09 -5.90
C ALA A 105 -12.20 -5.85 -6.73
N HIS A 106 -11.15 -5.32 -7.36
CA HIS A 106 -11.27 -4.11 -8.18
C HIS A 106 -12.13 -4.40 -9.41
N GLN A 107 -11.88 -5.53 -10.06
CA GLN A 107 -12.62 -5.91 -11.25
C GLN A 107 -13.88 -6.69 -10.89
N ASN A 108 -13.93 -7.18 -9.65
CA ASN A 108 -15.07 -7.94 -9.18
C ASN A 108 -16.10 -7.03 -8.53
N GLY A 109 -15.67 -5.82 -8.18
CA GLY A 109 -16.56 -4.86 -7.55
C GLY A 109 -16.59 -4.99 -6.04
N LEU A 110 -15.83 -5.96 -5.52
CA LEU A 110 -15.77 -6.19 -4.09
C LEU A 110 -14.90 -5.14 -3.41
N LEU A 111 -14.09 -4.44 -4.20
CA LEU A 111 -13.21 -3.40 -3.67
C LEU A 111 -13.92 -2.05 -3.62
N GLN A 112 -14.56 -1.69 -4.73
CA GLN A 112 -15.28 -0.42 -4.81
C GLN A 112 -16.29 -0.30 -3.68
N LYS A 113 -16.89 -1.42 -3.30
CA LYS A 113 -17.88 -1.45 -2.22
C LYS A 113 -17.20 -1.37 -0.86
N LEU A 114 -15.93 -1.74 -0.81
CA LEU A 114 -15.17 -1.70 0.43
C LEU A 114 -14.62 -0.31 0.70
N LEU A 115 -14.06 0.32 -0.34
CA LEU A 115 -13.51 1.66 -0.21
C LEU A 115 -14.58 2.66 0.19
N GLN A 116 -15.83 2.34 -0.12
CA GLN A 116 -16.95 3.21 0.20
C GLN A 116 -17.27 3.14 1.70
N ASP A 117 -17.05 1.98 2.30
CA ASP A 117 -17.31 1.79 3.71
C ASP A 117 -16.96 0.37 4.14
N ASP A 118 -17.56 -0.61 3.48
CA ASP A 118 -17.31 -2.01 3.79
C ASP A 118 -17.70 -2.91 2.62
N ALA A 17 14.99 1.84 17.82
CA ALA A 17 14.25 2.73 16.93
C ALA A 17 13.61 1.94 15.78
N ARG A 18 14.11 0.73 15.55
CA ARG A 18 13.59 -0.12 14.49
C ARG A 18 12.07 -0.25 14.60
N GLU A 19 11.56 -0.19 15.82
CA GLU A 19 10.13 -0.30 16.07
C GLU A 19 9.41 0.99 15.69
N GLU A 20 10.06 2.12 15.94
CA GLU A 20 9.49 3.43 15.63
C GLU A 20 9.11 3.51 14.15
N LEU A 21 10.05 3.15 13.29
CA LEU A 21 9.82 3.20 11.85
C LEU A 21 8.56 2.42 11.48
N ARG A 22 8.54 1.14 11.80
CA ARG A 22 7.40 0.29 11.50
C ARG A 22 6.11 0.91 12.04
N ARG A 23 6.16 1.39 13.28
CA ARG A 23 5.00 2.01 13.91
C ARG A 23 4.47 3.16 13.06
N ARG A 24 5.34 3.72 12.22
CA ARG A 24 4.96 4.84 11.36
C ARG A 24 4.35 4.32 10.06
N LEU A 25 4.88 3.22 9.56
CA LEU A 25 4.38 2.64 8.32
C LEU A 25 2.95 2.13 8.47
N ARG A 26 2.64 1.62 9.67
CA ARG A 26 1.31 1.11 9.97
C ARG A 26 0.36 2.25 10.36
N ASP A 27 0.94 3.33 10.88
CA ASP A 27 0.15 4.48 11.30
C ASP A 27 -0.16 5.40 10.13
N LEU A 28 0.73 5.39 9.14
CA LEU A 28 0.56 6.22 7.95
C LEU A 28 -0.77 5.94 7.26
N ILE A 29 -1.29 4.73 7.49
CA ILE A 29 -2.57 4.33 6.90
C ILE A 29 -3.74 4.93 7.67
N GLU A 30 -3.49 5.28 8.93
CA GLU A 30 -4.54 5.86 9.78
C GLU A 30 -4.63 7.36 9.56
N GLY A 31 -3.49 7.98 9.26
CA GLY A 31 -3.48 9.42 9.04
C GLY A 31 -4.02 9.81 7.67
N ASN A 32 -4.18 8.82 6.80
CA ASN A 32 -4.71 9.06 5.46
C ASN A 32 -5.68 7.97 5.05
N ARG A 33 -6.77 8.37 4.40
CA ARG A 33 -7.79 7.43 3.95
C ARG A 33 -7.16 6.24 3.24
N VAL A 34 -6.35 6.53 2.22
CA VAL A 34 -5.67 5.49 1.45
C VAL A 34 -4.17 5.76 1.34
N MET A 35 -3.36 4.86 1.87
CA MET A 35 -1.92 5.01 1.82
C MET A 35 -1.27 3.80 1.16
N ILE A 36 -0.42 4.06 0.17
CA ILE A 36 0.27 2.99 -0.55
C ILE A 36 1.76 3.26 -0.63
N PHE A 37 2.55 2.19 -0.74
CA PHE A 37 3.99 2.32 -0.83
C PHE A 37 4.52 1.66 -2.10
N SER A 38 5.55 2.26 -2.68
CA SER A 38 6.15 1.74 -3.92
C SER A 38 7.64 2.04 -3.97
N LYS A 39 8.23 1.89 -5.14
CA LYS A 39 9.66 2.13 -5.33
C LYS A 39 9.91 2.91 -6.61
N SER A 40 11.18 3.07 -6.96
CA SER A 40 11.56 3.80 -8.17
C SER A 40 11.40 2.92 -9.41
N TYR A 41 11.97 1.72 -9.35
CA TYR A 41 11.89 0.79 -10.47
C TYR A 41 11.40 -0.58 -10.01
N CYS A 42 10.13 -0.63 -9.60
CA CYS A 42 9.53 -1.88 -9.13
C CYS A 42 8.09 -2.00 -9.60
N PRO A 43 7.88 -2.77 -10.68
CA PRO A 43 6.55 -3.00 -11.25
C PRO A 43 5.67 -3.84 -10.36
N HIS A 44 4.37 -3.88 -10.67
CA HIS A 44 3.42 -4.65 -9.88
C HIS A 44 2.97 -3.88 -8.64
N SER A 45 3.94 -3.36 -7.90
CA SER A 45 3.64 -2.60 -6.68
C SER A 45 3.18 -1.19 -7.03
N THR A 46 3.61 -0.69 -8.19
CA THR A 46 3.24 0.64 -8.63
C THR A 46 1.89 0.63 -9.33
N ARG A 47 1.67 -0.37 -10.18
CA ARG A 47 0.43 -0.50 -10.92
C ARG A 47 -0.78 -0.39 -9.98
N VAL A 48 -0.68 -1.04 -8.83
CA VAL A 48 -1.76 -1.01 -7.84
C VAL A 48 -2.20 0.42 -7.56
N LYS A 49 -1.29 1.36 -7.77
CA LYS A 49 -1.60 2.77 -7.53
C LYS A 49 -2.53 3.31 -8.60
N GLU A 50 -2.34 2.87 -9.84
CA GLU A 50 -3.17 3.31 -10.95
C GLU A 50 -4.60 2.81 -10.80
N LEU A 51 -4.78 1.79 -9.96
CA LEU A 51 -6.10 1.22 -9.72
C LEU A 51 -6.94 2.14 -8.85
N PHE A 52 -6.40 2.53 -7.70
CA PHE A 52 -7.11 3.40 -6.78
C PHE A 52 -7.65 4.63 -7.51
N SER A 53 -6.80 5.24 -8.33
CA SER A 53 -7.19 6.43 -9.08
C SER A 53 -8.47 6.17 -9.88
N SER A 54 -8.51 5.04 -10.57
CA SER A 54 -9.68 4.68 -11.37
C SER A 54 -10.82 4.19 -10.49
N LEU A 55 -10.54 4.06 -9.19
CA LEU A 55 -11.55 3.60 -8.24
C LEU A 55 -12.29 4.79 -7.63
N GLY A 56 -12.11 5.97 -8.23
CA GLY A 56 -12.77 7.15 -7.73
C GLY A 56 -12.31 7.55 -6.34
N VAL A 57 -11.25 6.90 -5.88
CA VAL A 57 -10.71 7.18 -4.55
C VAL A 57 -9.32 7.82 -4.65
N VAL A 58 -9.00 8.66 -3.66
CA VAL A 58 -7.71 9.34 -3.63
C VAL A 58 -6.72 8.61 -2.72
N TYR A 59 -5.44 8.69 -3.07
CA TYR A 59 -4.40 8.04 -2.29
C TYR A 59 -3.10 8.82 -2.37
N ASN A 60 -2.17 8.51 -1.46
CA ASN A 60 -0.89 9.19 -1.41
C ASN A 60 0.19 8.35 -2.09
N ILE A 61 1.22 9.02 -2.59
CA ILE A 61 2.32 8.33 -3.27
C ILE A 61 3.58 8.32 -2.40
N LEU A 62 4.02 7.12 -2.04
CA LEU A 62 5.22 6.96 -1.21
C LEU A 62 6.20 5.99 -1.85
N GLU A 63 7.45 6.41 -1.96
CA GLU A 63 8.49 5.57 -2.55
C GLU A 63 9.54 5.19 -1.52
N LEU A 64 9.59 3.91 -1.17
CA LEU A 64 10.55 3.42 -0.19
C LEU A 64 11.95 3.33 -0.78
N ASP A 65 12.05 3.58 -2.08
CA ASP A 65 13.33 3.54 -2.78
C ASP A 65 14.02 4.90 -2.72
N GLN A 66 13.25 5.93 -2.38
CA GLN A 66 13.79 7.29 -2.29
C GLN A 66 13.82 7.77 -0.85
N VAL A 67 13.25 6.97 0.04
CA VAL A 67 13.22 7.31 1.47
C VAL A 67 14.57 7.07 2.12
N ASP A 68 14.97 7.99 2.99
CA ASP A 68 16.25 7.88 3.69
C ASP A 68 16.37 6.51 4.38
N ASP A 69 15.28 6.05 4.98
CA ASP A 69 15.26 4.77 5.67
C ASP A 69 14.78 3.66 4.73
N GLY A 70 15.01 3.84 3.44
CA GLY A 70 14.57 2.84 2.47
C GLY A 70 15.02 1.44 2.84
N ALA A 71 16.05 1.36 3.67
CA ALA A 71 16.58 0.06 4.09
C ALA A 71 15.67 -0.58 5.13
N SER A 72 15.45 0.11 6.24
CA SER A 72 14.61 -0.39 7.30
C SER A 72 13.12 -0.26 6.94
N VAL A 73 12.73 0.92 6.49
CA VAL A 73 11.36 1.18 6.11
C VAL A 73 10.83 0.08 5.19
N GLN A 74 11.67 -0.38 4.28
CA GLN A 74 11.29 -1.43 3.34
C GLN A 74 11.54 -2.80 3.94
N GLU A 75 12.44 -2.87 4.92
CA GLU A 75 12.78 -4.13 5.57
C GLU A 75 11.58 -4.68 6.34
N VAL A 76 10.89 -3.80 7.06
CA VAL A 76 9.72 -4.20 7.84
C VAL A 76 8.45 -4.18 6.98
N LEU A 77 8.50 -3.42 5.89
CA LEU A 77 7.36 -3.31 4.99
C LEU A 77 7.30 -4.50 4.05
N THR A 78 8.42 -4.84 3.44
CA THR A 78 8.49 -5.98 2.52
C THR A 78 7.99 -7.25 3.19
N GLU A 79 8.06 -7.29 4.51
CA GLU A 79 7.62 -8.46 5.26
C GLU A 79 6.10 -8.46 5.42
N ILE A 80 5.51 -7.27 5.42
CA ILE A 80 4.06 -7.14 5.56
C ILE A 80 3.34 -7.94 4.49
N SER A 81 3.87 -7.91 3.27
CA SER A 81 3.26 -8.64 2.15
C SER A 81 4.15 -9.81 1.72
N ASN A 82 5.40 -9.78 2.16
CA ASN A 82 6.35 -10.84 1.82
C ASN A 82 6.38 -11.07 0.31
N GLN A 83 6.44 -9.99 -0.45
CA GLN A 83 6.48 -10.08 -1.91
C GLN A 83 7.72 -9.39 -2.46
N LYS A 84 8.21 -9.89 -3.60
CA LYS A 84 9.38 -9.33 -4.23
C LYS A 84 9.33 -7.81 -4.25
N THR A 85 8.17 -7.27 -4.60
CA THR A 85 7.98 -5.82 -4.66
C THR A 85 7.54 -5.27 -3.31
N VAL A 86 7.21 -3.99 -3.27
CA VAL A 86 6.77 -3.33 -2.04
C VAL A 86 5.32 -2.86 -2.16
N PRO A 87 4.43 -3.79 -2.53
CA PRO A 87 3.00 -3.49 -2.68
C PRO A 87 2.32 -3.22 -1.35
N ASN A 88 1.69 -2.06 -1.22
CA ASN A 88 1.00 -1.69 0.00
C ASN A 88 -0.38 -1.11 -0.30
N ILE A 89 -1.42 -1.85 0.06
CA ILE A 89 -2.79 -1.42 -0.18
C ILE A 89 -3.61 -1.50 1.11
N PHE A 90 -3.83 -0.36 1.74
CA PHE A 90 -4.61 -0.30 2.98
C PHE A 90 -5.44 0.97 3.03
N VAL A 91 -6.75 0.80 3.16
CA VAL A 91 -7.67 1.94 3.22
C VAL A 91 -8.57 1.85 4.44
N ASN A 92 -8.85 3.00 5.06
CA ASN A 92 -9.70 3.05 6.24
C ASN A 92 -9.13 2.18 7.36
N LYS A 93 -7.81 2.25 7.54
CA LYS A 93 -7.14 1.47 8.57
C LYS A 93 -7.32 -0.03 8.34
N VAL A 94 -7.70 -0.38 7.12
CA VAL A 94 -7.92 -1.78 6.76
C VAL A 94 -6.96 -2.22 5.66
N HIS A 95 -6.73 -3.52 5.57
CA HIS A 95 -5.84 -4.07 4.55
C HIS A 95 -6.64 -4.61 3.36
N VAL A 96 -6.10 -4.41 2.17
CA VAL A 96 -6.75 -4.88 0.95
C VAL A 96 -6.25 -6.26 0.54
N GLY A 97 -4.94 -6.39 0.39
CA GLY A 97 -4.36 -7.66 0.01
C GLY A 97 -3.13 -7.50 -0.86
N GLY A 98 -3.34 -7.37 -2.17
CA GLY A 98 -2.23 -7.21 -3.09
C GLY A 98 -2.05 -8.40 -4.00
N CYS A 99 -1.05 -8.35 -4.87
CA CYS A 99 -0.79 -9.43 -5.81
C CYS A 99 -1.89 -9.54 -6.84
N ASP A 100 -3.03 -10.11 -6.44
CA ASP A 100 -4.16 -10.28 -7.33
C ASP A 100 -5.47 -10.01 -6.59
N ARG A 101 -5.37 -9.53 -5.36
CA ARG A 101 -6.55 -9.25 -4.54
C ARG A 101 -7.09 -7.85 -4.83
N THR A 102 -6.24 -6.84 -4.65
CA THR A 102 -6.62 -5.46 -4.90
C THR A 102 -7.14 -5.27 -6.32
N PHE A 103 -6.62 -6.08 -7.24
CA PHE A 103 -7.02 -6.00 -8.64
C PHE A 103 -8.32 -6.76 -8.87
N GLN A 104 -8.29 -8.07 -8.61
CA GLN A 104 -9.47 -8.91 -8.79
C GLN A 104 -10.68 -8.32 -8.08
N ALA A 105 -10.46 -7.82 -6.87
CA ALA A 105 -11.53 -7.23 -6.07
C ALA A 105 -12.19 -6.07 -6.82
N HIS A 106 -11.42 -5.42 -7.69
CA HIS A 106 -11.92 -4.29 -8.46
C HIS A 106 -13.04 -4.74 -9.41
N GLN A 107 -12.72 -5.69 -10.28
CA GLN A 107 -13.69 -6.21 -11.24
C GLN A 107 -14.68 -7.16 -10.56
N ASN A 108 -14.31 -7.60 -9.36
CA ASN A 108 -15.17 -8.51 -8.60
C ASN A 108 -16.14 -7.74 -7.71
N GLY A 109 -15.84 -6.47 -7.47
CA GLY A 109 -16.69 -5.65 -6.64
C GLY A 109 -16.29 -5.70 -5.18
N LEU A 110 -15.33 -6.55 -4.85
CA LEU A 110 -14.86 -6.68 -3.48
C LEU A 110 -14.01 -5.49 -3.08
N LEU A 111 -13.52 -4.74 -4.07
CA LEU A 111 -12.70 -3.57 -3.82
C LEU A 111 -13.56 -2.33 -3.61
N GLN A 112 -14.48 -2.10 -4.55
CA GLN A 112 -15.37 -0.95 -4.48
C GLN A 112 -16.14 -0.94 -3.16
N LYS A 113 -16.48 -2.11 -2.67
CA LYS A 113 -17.22 -2.25 -1.42
C LYS A 113 -16.27 -2.13 -0.22
N LEU A 114 -14.99 -2.39 -0.46
CA LEU A 114 -13.99 -2.31 0.60
C LEU A 114 -13.61 -0.86 0.89
N LEU A 115 -13.45 -0.07 -0.18
CA LEU A 115 -13.09 1.33 -0.04
C LEU A 115 -14.24 2.14 0.54
N GLN A 116 -15.45 1.60 0.42
CA GLN A 116 -16.64 2.27 0.94
C GLN A 116 -16.55 2.44 2.45
N ASP A 117 -15.80 1.54 3.09
CA ASP A 117 -15.64 1.59 4.54
C ASP A 117 -14.72 0.46 5.02
N ASP A 118 -15.09 -0.77 4.67
CA ASP A 118 -14.31 -1.93 5.07
C ASP A 118 -14.82 -3.19 4.37
N ALA A 17 15.57 3.44 17.11
CA ALA A 17 14.67 4.13 16.19
C ALA A 17 13.96 3.14 15.27
N ARG A 18 14.52 1.94 15.15
CA ARG A 18 13.94 0.91 14.30
C ARG A 18 12.47 0.70 14.63
N GLU A 19 12.11 0.93 15.89
CA GLU A 19 10.73 0.77 16.32
C GLU A 19 9.86 1.94 15.87
N GLU A 20 10.45 3.14 15.85
CA GLU A 20 9.74 4.34 15.43
C GLU A 20 9.25 4.21 14.00
N LEU A 21 10.15 3.79 13.11
CA LEU A 21 9.81 3.63 11.69
C LEU A 21 8.64 2.66 11.53
N ARG A 22 8.81 1.44 12.06
CA ARG A 22 7.76 0.44 11.98
C ARG A 22 6.43 0.96 12.52
N ARG A 23 6.52 1.94 13.40
CA ARG A 23 5.34 2.54 14.00
C ARG A 23 4.70 3.57 13.07
N ARG A 24 5.50 4.08 12.14
CA ARG A 24 5.02 5.07 11.18
C ARG A 24 4.38 4.39 9.97
N LEU A 25 4.92 3.25 9.59
CA LEU A 25 4.41 2.49 8.44
C LEU A 25 2.99 2.00 8.72
N ARG A 26 2.76 1.53 9.94
CA ARG A 26 1.46 1.02 10.33
C ARG A 26 0.51 2.17 10.68
N ASP A 27 1.08 3.31 11.03
CA ASP A 27 0.29 4.49 11.38
C ASP A 27 -0.13 5.26 10.12
N LEU A 28 0.74 5.25 9.12
CA LEU A 28 0.47 5.96 7.88
C LEU A 28 -0.86 5.53 7.29
N ILE A 29 -1.15 4.23 7.36
CA ILE A 29 -2.39 3.69 6.84
C ILE A 29 -3.58 4.15 7.67
N GLU A 30 -3.33 4.51 8.93
CA GLU A 30 -4.37 4.97 9.83
C GLU A 30 -4.58 6.48 9.70
N GLY A 31 -3.51 7.19 9.35
CA GLY A 31 -3.58 8.62 9.20
C GLY A 31 -4.19 9.04 7.88
N ASN A 32 -4.30 8.09 6.96
CA ASN A 32 -4.87 8.35 5.64
C ASN A 32 -5.82 7.24 5.21
N ARG A 33 -6.92 7.61 4.57
CA ARG A 33 -7.90 6.64 4.11
C ARG A 33 -7.24 5.54 3.29
N VAL A 34 -6.45 5.95 2.29
CA VAL A 34 -5.75 5.01 1.43
C VAL A 34 -4.24 5.19 1.52
N MET A 35 -3.54 4.10 1.81
CA MET A 35 -2.09 4.13 1.92
C MET A 35 -1.45 3.00 1.12
N ILE A 36 -0.57 3.37 0.20
CA ILE A 36 0.12 2.38 -0.63
C ILE A 36 1.61 2.70 -0.75
N PHE A 37 2.43 1.67 -0.68
CA PHE A 37 3.88 1.84 -0.79
C PHE A 37 4.39 1.35 -2.14
N SER A 38 5.43 2.00 -2.65
CA SER A 38 6.01 1.63 -3.94
C SER A 38 7.50 1.94 -3.98
N LYS A 39 8.08 1.90 -5.17
CA LYS A 39 9.50 2.17 -5.35
C LYS A 39 9.76 2.90 -6.66
N SER A 40 11.04 3.05 -7.00
CA SER A 40 11.41 3.73 -8.24
C SER A 40 11.20 2.82 -9.44
N TYR A 41 11.75 1.61 -9.37
CA TYR A 41 11.63 0.64 -10.46
C TYR A 41 11.13 -0.70 -9.94
N CYS A 42 9.87 -0.73 -9.50
CA CYS A 42 9.27 -1.95 -8.98
C CYS A 42 7.83 -2.08 -9.44
N PRO A 43 7.62 -2.87 -10.50
CA PRO A 43 6.28 -3.10 -11.07
C PRO A 43 5.41 -3.94 -10.15
N HIS A 44 4.11 -4.01 -10.48
CA HIS A 44 3.17 -4.78 -9.68
C HIS A 44 2.78 -4.03 -8.41
N SER A 45 3.79 -3.56 -7.68
CA SER A 45 3.55 -2.83 -6.44
C SER A 45 3.07 -1.41 -6.73
N THR A 46 3.44 -0.90 -7.90
CA THR A 46 3.04 0.45 -8.30
C THR A 46 1.67 0.44 -8.96
N ARG A 47 1.45 -0.49 -9.87
CA ARG A 47 0.18 -0.61 -10.58
C ARG A 47 -0.98 -0.65 -9.59
N VAL A 48 -0.84 -1.48 -8.56
CA VAL A 48 -1.87 -1.62 -7.54
C VAL A 48 -2.34 -0.26 -7.04
N LYS A 49 -1.45 0.73 -7.12
CA LYS A 49 -1.78 2.08 -6.68
C LYS A 49 -2.70 2.78 -7.68
N GLU A 50 -2.39 2.61 -8.96
CA GLU A 50 -3.20 3.22 -10.02
C GLU A 50 -4.68 2.91 -9.83
N LEU A 51 -4.97 1.72 -9.31
CA LEU A 51 -6.35 1.30 -9.08
C LEU A 51 -7.11 2.36 -8.30
N PHE A 52 -6.61 2.70 -7.12
CA PHE A 52 -7.26 3.71 -6.29
C PHE A 52 -7.59 4.96 -7.10
N SER A 53 -6.59 5.46 -7.82
CA SER A 53 -6.77 6.66 -8.64
C SER A 53 -7.98 6.52 -9.55
N SER A 54 -8.04 5.41 -10.30
CA SER A 54 -9.14 5.16 -11.21
C SER A 54 -10.42 4.82 -10.44
N LEU A 55 -10.28 4.64 -9.13
CA LEU A 55 -11.42 4.30 -8.28
C LEU A 55 -12.09 5.56 -7.75
N GLY A 56 -11.72 6.71 -8.32
CA GLY A 56 -12.30 7.97 -7.89
C GLY A 56 -11.95 8.31 -6.46
N VAL A 57 -11.00 7.57 -5.89
CA VAL A 57 -10.56 7.80 -4.52
C VAL A 57 -9.13 8.31 -4.48
N VAL A 58 -8.85 9.19 -3.52
CA VAL A 58 -7.51 9.76 -3.36
C VAL A 58 -6.65 8.90 -2.44
N TYR A 59 -5.34 8.94 -2.66
CA TYR A 59 -4.41 8.17 -1.85
C TYR A 59 -3.06 8.87 -1.75
N ASN A 60 -2.17 8.29 -0.96
CA ASN A 60 -0.83 8.87 -0.76
C ASN A 60 0.21 8.06 -1.52
N ILE A 61 1.16 8.77 -2.14
CA ILE A 61 2.23 8.11 -2.89
C ILE A 61 3.55 8.17 -2.12
N LEU A 62 4.04 7.01 -1.72
CA LEU A 62 5.30 6.92 -0.99
C LEU A 62 6.20 5.85 -1.58
N GLU A 63 7.42 6.24 -1.94
CA GLU A 63 8.39 5.31 -2.51
C GLU A 63 9.57 5.10 -1.57
N LEU A 64 9.75 3.85 -1.13
CA LEU A 64 10.85 3.52 -0.23
C LEU A 64 12.19 3.65 -0.93
N ASP A 65 12.15 3.77 -2.24
CA ASP A 65 13.37 3.91 -3.04
C ASP A 65 13.78 5.37 -3.16
N GLN A 66 13.02 6.25 -2.51
CA GLN A 66 13.29 7.68 -2.55
C GLN A 66 13.53 8.23 -1.15
N VAL A 67 12.82 7.66 -0.17
CA VAL A 67 12.94 8.09 1.21
C VAL A 67 14.37 7.90 1.72
N ASP A 68 14.65 8.43 2.90
CA ASP A 68 15.97 8.32 3.50
C ASP A 68 16.15 6.98 4.19
N ASP A 69 15.08 6.49 4.80
CA ASP A 69 15.11 5.20 5.51
C ASP A 69 14.63 4.08 4.59
N GLY A 70 14.84 4.24 3.29
CA GLY A 70 14.43 3.23 2.34
C GLY A 70 14.92 1.85 2.71
N ALA A 71 15.95 1.79 3.55
CA ALA A 71 16.52 0.52 3.99
C ALA A 71 15.64 -0.12 5.06
N SER A 72 15.44 0.59 6.17
CA SER A 72 14.63 0.08 7.27
C SER A 72 13.15 0.14 6.91
N VAL A 73 12.71 1.28 6.39
CA VAL A 73 11.32 1.47 6.01
C VAL A 73 10.81 0.28 5.20
N GLN A 74 11.64 -0.21 4.28
CA GLN A 74 11.28 -1.34 3.43
C GLN A 74 11.65 -2.65 4.10
N GLU A 75 12.56 -2.59 5.05
CA GLU A 75 13.01 -3.78 5.77
C GLU A 75 11.82 -4.51 6.39
N VAL A 76 11.01 -3.78 7.14
CA VAL A 76 9.84 -4.36 7.79
C VAL A 76 8.64 -4.38 6.86
N LEU A 77 8.66 -3.51 5.85
CA LEU A 77 7.58 -3.43 4.88
C LEU A 77 7.57 -4.66 3.97
N THR A 78 8.73 -4.99 3.42
CA THR A 78 8.85 -6.16 2.54
C THR A 78 8.36 -7.42 3.22
N GLU A 79 8.39 -7.43 4.55
CA GLU A 79 7.93 -8.58 5.33
C GLU A 79 6.42 -8.59 5.44
N ILE A 80 5.81 -7.41 5.33
CA ILE A 80 4.36 -7.29 5.42
C ILE A 80 3.67 -8.17 4.39
N SER A 81 4.21 -8.19 3.19
CA SER A 81 3.64 -8.99 2.11
C SER A 81 4.59 -10.11 1.69
N ASN A 82 5.84 -10.00 2.12
CA ASN A 82 6.86 -11.00 1.80
C ASN A 82 6.88 -11.27 0.30
N GLN A 83 6.87 -10.22 -0.49
CA GLN A 83 6.90 -10.35 -1.95
C GLN A 83 8.09 -9.59 -2.54
N LYS A 84 8.56 -10.05 -3.70
CA LYS A 84 9.69 -9.42 -4.37
C LYS A 84 9.55 -7.90 -4.37
N THR A 85 8.34 -7.42 -4.63
CA THR A 85 8.07 -5.99 -4.65
C THR A 85 7.60 -5.49 -3.28
N VAL A 86 7.20 -4.23 -3.22
CA VAL A 86 6.73 -3.63 -1.98
C VAL A 86 5.26 -3.23 -2.09
N PRO A 87 4.41 -4.19 -2.47
CA PRO A 87 2.98 -3.97 -2.62
C PRO A 87 2.28 -3.77 -1.28
N ASN A 88 1.63 -2.61 -1.13
CA ASN A 88 0.91 -2.29 0.10
C ASN A 88 -0.47 -1.74 -0.20
N ILE A 89 -1.50 -2.51 0.16
CA ILE A 89 -2.88 -2.10 -0.07
C ILE A 89 -3.70 -2.18 1.21
N PHE A 90 -3.94 -1.04 1.84
CA PHE A 90 -4.71 -1.00 3.08
C PHE A 90 -5.53 0.29 3.16
N VAL A 91 -6.85 0.15 3.10
CA VAL A 91 -7.75 1.30 3.16
C VAL A 91 -8.62 1.25 4.41
N ASN A 92 -8.85 2.40 5.01
CA ASN A 92 -9.67 2.50 6.22
C ASN A 92 -9.11 1.61 7.32
N LYS A 93 -7.77 1.51 7.37
CA LYS A 93 -7.11 0.70 8.38
C LYS A 93 -7.44 -0.78 8.20
N VAL A 94 -7.78 -1.16 6.97
CA VAL A 94 -8.13 -2.55 6.66
C VAL A 94 -7.14 -3.15 5.66
N HIS A 95 -7.06 -4.47 5.64
CA HIS A 95 -6.17 -5.17 4.72
C HIS A 95 -6.91 -5.62 3.47
N VAL A 96 -6.34 -5.30 2.31
CA VAL A 96 -6.95 -5.67 1.04
C VAL A 96 -6.27 -6.89 0.44
N GLY A 97 -4.94 -6.91 0.51
CA GLY A 97 -4.18 -8.02 -0.03
C GLY A 97 -3.30 -7.61 -1.19
N GLY A 98 -3.82 -7.73 -2.41
CA GLY A 98 -3.05 -7.38 -3.58
C GLY A 98 -2.50 -8.58 -4.31
N CYS A 99 -2.14 -8.39 -5.58
CA CYS A 99 -1.61 -9.47 -6.39
C CYS A 99 -2.66 -10.56 -6.63
N ASP A 100 -3.90 -10.24 -6.29
CA ASP A 100 -5.01 -11.18 -6.46
C ASP A 100 -6.29 -10.63 -5.87
N ARG A 101 -6.19 -10.09 -4.65
CA ARG A 101 -7.35 -9.53 -3.96
C ARG A 101 -7.67 -8.13 -4.48
N THR A 102 -6.71 -7.22 -4.36
CA THR A 102 -6.89 -5.85 -4.83
C THR A 102 -7.06 -5.80 -6.34
N PHE A 103 -6.65 -6.87 -7.01
CA PHE A 103 -6.75 -6.95 -8.47
C PHE A 103 -8.13 -7.42 -8.89
N GLN A 104 -8.55 -8.56 -8.36
CA GLN A 104 -9.85 -9.13 -8.68
C GLN A 104 -10.98 -8.28 -8.09
N ALA A 105 -10.79 -7.85 -6.85
CA ALA A 105 -11.79 -7.02 -6.17
C ALA A 105 -12.15 -5.80 -7.00
N HIS A 106 -11.18 -5.29 -7.76
CA HIS A 106 -11.40 -4.13 -8.60
C HIS A 106 -12.26 -4.49 -9.81
N GLN A 107 -12.20 -5.76 -10.21
CA GLN A 107 -12.98 -6.23 -11.36
C GLN A 107 -14.36 -6.69 -10.93
N ASN A 108 -14.42 -7.40 -9.81
CA ASN A 108 -15.68 -7.91 -9.29
C ASN A 108 -16.44 -6.82 -8.52
N GLY A 109 -15.71 -5.76 -8.16
CA GLY A 109 -16.34 -4.67 -7.43
C GLY A 109 -16.11 -4.76 -5.93
N LEU A 110 -15.52 -5.88 -5.50
CA LEU A 110 -15.26 -6.09 -4.09
C LEU A 110 -14.33 -5.01 -3.54
N LEU A 111 -13.63 -4.33 -4.43
CA LEU A 111 -12.71 -3.27 -4.05
C LEU A 111 -13.43 -1.93 -3.93
N GLN A 112 -14.15 -1.56 -4.99
CA GLN A 112 -14.89 -0.31 -5.01
C GLN A 112 -15.89 -0.24 -3.86
N LYS A 113 -16.45 -1.39 -3.51
CA LYS A 113 -17.42 -1.48 -2.43
C LYS A 113 -16.72 -1.40 -1.07
N LEU A 114 -15.43 -1.73 -1.04
CA LEU A 114 -14.65 -1.70 0.18
C LEU A 114 -14.16 -0.28 0.48
N LEU A 115 -13.64 0.38 -0.55
CA LEU A 115 -13.13 1.74 -0.40
C LEU A 115 -14.23 2.69 0.07
N GLN A 116 -15.48 2.31 -0.19
CA GLN A 116 -16.62 3.13 0.20
C GLN A 116 -16.68 3.29 1.72
N ASP A 117 -16.04 2.36 2.43
CA ASP A 117 -16.01 2.41 3.89
C ASP A 117 -15.21 1.23 4.45
N ASP A 118 -15.55 0.03 4.03
CA ASP A 118 -14.87 -1.17 4.48
C ASP A 118 -13.36 -1.04 4.31
N ALA A 17 15.46 0.87 16.45
CA ALA A 17 14.65 1.82 15.69
C ALA A 17 13.70 1.10 14.73
N ARG A 18 14.02 -0.15 14.42
CA ARG A 18 13.20 -0.94 13.52
C ARG A 18 11.73 -0.92 13.94
N GLU A 19 11.50 -0.78 15.25
CA GLU A 19 10.15 -0.74 15.78
C GLU A 19 9.51 0.63 15.53
N GLU A 20 10.32 1.67 15.62
CA GLU A 20 9.83 3.03 15.42
C GLU A 20 9.38 3.23 13.97
N LEU A 21 10.22 2.81 13.03
CA LEU A 21 9.91 2.95 11.61
C LEU A 21 8.57 2.29 11.28
N ARG A 22 8.47 0.99 11.56
CA ARG A 22 7.25 0.24 11.30
C ARG A 22 6.05 0.92 11.95
N ARG A 23 6.26 1.47 13.14
CA ARG A 23 5.19 2.15 13.87
C ARG A 23 4.62 3.30 13.04
N ARG A 24 5.43 3.85 12.14
CA ARG A 24 5.00 4.94 11.29
C ARG A 24 4.30 4.43 10.05
N LEU A 25 4.76 3.30 9.53
CA LEU A 25 4.18 2.70 8.33
C LEU A 25 2.74 2.27 8.60
N ARG A 26 2.48 1.83 9.82
CA ARG A 26 1.14 1.39 10.20
C ARG A 26 0.25 2.57 10.55
N ASP A 27 0.87 3.69 10.93
CA ASP A 27 0.13 4.89 11.29
C ASP A 27 -0.21 5.71 10.04
N LEU A 28 0.58 5.53 8.99
CA LEU A 28 0.37 6.26 7.75
C LEU A 28 -1.03 5.98 7.19
N ILE A 29 -1.62 4.87 7.62
CA ILE A 29 -2.96 4.51 7.16
C ILE A 29 -4.02 5.27 7.93
N GLU A 30 -3.66 5.75 9.12
CA GLU A 30 -4.60 6.51 9.96
C GLU A 30 -4.63 7.98 9.53
N GLY A 31 -3.50 8.47 9.05
CA GLY A 31 -3.42 9.86 8.62
C GLY A 31 -4.01 10.07 7.24
N ASN A 32 -4.29 8.98 6.54
CA ASN A 32 -4.86 9.05 5.19
C ASN A 32 -5.77 7.86 4.93
N ARG A 33 -6.92 8.13 4.32
CA ARG A 33 -7.89 7.08 4.00
C ARG A 33 -7.20 5.91 3.31
N VAL A 34 -6.45 6.21 2.26
CA VAL A 34 -5.74 5.18 1.50
C VAL A 34 -4.23 5.32 1.67
N MET A 35 -3.55 4.20 1.85
CA MET A 35 -2.10 4.20 2.02
C MET A 35 -1.44 3.19 1.08
N ILE A 36 -0.54 3.66 0.24
CA ILE A 36 0.15 2.79 -0.71
C ILE A 36 1.63 3.19 -0.83
N PHE A 37 2.50 2.19 -0.81
CA PHE A 37 3.93 2.42 -0.92
C PHE A 37 4.50 1.80 -2.19
N SER A 38 5.52 2.43 -2.76
CA SER A 38 6.14 1.93 -3.97
C SER A 38 7.63 2.27 -4.00
N LYS A 39 8.24 2.15 -5.18
CA LYS A 39 9.66 2.44 -5.35
C LYS A 39 9.91 3.18 -6.65
N SER A 40 11.18 3.35 -6.99
CA SER A 40 11.56 4.04 -8.21
C SER A 40 11.38 3.13 -9.43
N TYR A 41 11.96 1.94 -9.37
CA TYR A 41 11.87 0.98 -10.46
C TYR A 41 11.41 -0.38 -9.95
N CYS A 42 10.16 -0.45 -9.53
CA CYS A 42 9.60 -1.70 -9.01
C CYS A 42 8.15 -1.86 -9.45
N PRO A 43 7.94 -2.64 -10.53
CA PRO A 43 6.60 -2.89 -11.07
C PRO A 43 5.75 -3.77 -10.15
N HIS A 44 4.46 -3.84 -10.44
CA HIS A 44 3.55 -4.66 -9.64
C HIS A 44 3.09 -3.88 -8.40
N SER A 45 4.05 -3.32 -7.68
CA SER A 45 3.75 -2.56 -6.46
C SER A 45 3.20 -1.18 -6.81
N THR A 46 3.59 -0.68 -7.97
CA THR A 46 3.15 0.64 -8.43
C THR A 46 1.79 0.56 -9.10
N ARG A 47 1.59 -0.47 -9.92
CA ARG A 47 0.33 -0.67 -10.64
C ARG A 47 -0.85 -0.59 -9.66
N VAL A 48 -0.70 -1.21 -8.50
CA VAL A 48 -1.75 -1.22 -7.50
C VAL A 48 -2.22 0.20 -7.18
N LYS A 49 -1.35 1.17 -7.43
CA LYS A 49 -1.66 2.57 -7.18
C LYS A 49 -2.67 3.10 -8.20
N GLU A 50 -2.61 2.55 -9.41
CA GLU A 50 -3.51 2.97 -10.47
C GLU A 50 -4.95 2.53 -10.19
N LEU A 51 -5.08 1.47 -9.39
CA LEU A 51 -6.39 0.95 -9.03
C LEU A 51 -7.21 1.99 -8.27
N PHE A 52 -6.72 2.39 -7.10
CA PHE A 52 -7.39 3.38 -6.29
C PHE A 52 -7.77 4.60 -7.12
N SER A 53 -6.83 5.08 -7.91
CA SER A 53 -7.05 6.25 -8.75
C SER A 53 -8.32 6.07 -9.60
N SER A 54 -8.41 4.93 -10.26
CA SER A 54 -9.56 4.64 -11.11
C SER A 54 -10.76 4.21 -10.27
N LEU A 55 -10.55 4.06 -8.97
CA LEU A 55 -11.60 3.67 -8.05
C LEU A 55 -12.32 4.88 -7.47
N GLY A 56 -12.07 6.05 -8.07
CA GLY A 56 -12.70 7.26 -7.60
C GLY A 56 -12.25 7.66 -6.21
N VAL A 57 -11.22 6.96 -5.71
CA VAL A 57 -10.70 7.24 -4.38
C VAL A 57 -9.31 7.85 -4.45
N VAL A 58 -9.01 8.77 -3.53
CA VAL A 58 -7.71 9.42 -3.49
C VAL A 58 -6.74 8.66 -2.59
N TYR A 59 -5.45 8.75 -2.91
CA TYR A 59 -4.43 8.07 -2.13
C TYR A 59 -3.12 8.86 -2.15
N ASN A 60 -2.16 8.42 -1.34
CA ASN A 60 -0.87 9.09 -1.26
C ASN A 60 0.21 8.26 -1.97
N ILE A 61 1.11 8.95 -2.66
CA ILE A 61 2.18 8.29 -3.38
C ILE A 61 3.51 8.45 -2.65
N LEU A 62 4.03 7.33 -2.13
CA LEU A 62 5.29 7.34 -1.41
C LEU A 62 6.25 6.29 -1.95
N GLU A 63 7.49 6.70 -2.22
CA GLU A 63 8.49 5.79 -2.75
C GLU A 63 9.60 5.55 -1.73
N LEU A 64 9.61 4.35 -1.16
CA LEU A 64 10.61 3.99 -0.16
C LEU A 64 12.01 3.94 -0.78
N ASP A 65 12.06 3.95 -2.12
CA ASP A 65 13.32 3.91 -2.83
C ASP A 65 13.94 5.29 -2.92
N GLN A 66 13.22 6.29 -2.43
CA GLN A 66 13.70 7.67 -2.45
C GLN A 66 13.84 8.23 -1.04
N VAL A 67 13.07 7.68 -0.11
CA VAL A 67 13.11 8.12 1.28
C VAL A 67 14.50 7.93 1.87
N ASP A 68 14.62 8.17 3.17
CA ASP A 68 15.90 8.02 3.86
C ASP A 68 16.04 6.64 4.48
N ASP A 69 14.92 6.11 4.97
CA ASP A 69 14.91 4.79 5.59
C ASP A 69 14.50 3.72 4.58
N GLY A 70 14.80 3.97 3.31
CA GLY A 70 14.46 3.01 2.27
C GLY A 70 14.93 1.60 2.59
N ALA A 71 15.91 1.50 3.48
CA ALA A 71 16.44 0.20 3.87
C ALA A 71 15.54 -0.48 4.88
N SER A 72 15.29 0.18 6.00
CA SER A 72 14.43 -0.37 7.05
C SER A 72 12.96 -0.32 6.64
N VAL A 73 12.53 0.84 6.15
CA VAL A 73 11.16 1.01 5.71
C VAL A 73 10.70 -0.15 4.83
N GLN A 74 11.59 -0.63 3.98
CA GLN A 74 11.29 -1.75 3.10
C GLN A 74 11.55 -3.08 3.78
N GLU A 75 12.46 -3.07 4.76
CA GLU A 75 12.80 -4.29 5.49
C GLU A 75 11.60 -4.83 6.25
N VAL A 76 10.88 -3.94 6.92
CA VAL A 76 9.70 -4.32 7.69
C VAL A 76 8.46 -4.36 6.80
N LEU A 77 8.51 -3.64 5.68
CA LEU A 77 7.39 -3.59 4.75
C LEU A 77 7.33 -4.86 3.90
N THR A 78 8.48 -5.26 3.37
CA THR A 78 8.56 -6.45 2.54
C THR A 78 8.01 -7.67 3.27
N GLU A 79 8.02 -7.61 4.60
CA GLU A 79 7.53 -8.71 5.43
C GLU A 79 6.02 -8.62 5.59
N ILE A 80 5.47 -7.44 5.37
CA ILE A 80 4.02 -7.22 5.50
C ILE A 80 3.26 -8.03 4.45
N SER A 81 3.82 -8.10 3.25
CA SER A 81 3.18 -8.83 2.16
C SER A 81 4.05 -10.01 1.72
N ASN A 82 5.30 -10.00 2.16
CA ASN A 82 6.23 -11.08 1.82
C ASN A 82 6.32 -11.26 0.30
N GLN A 83 6.34 -10.14 -0.42
CA GLN A 83 6.43 -10.17 -1.87
C GLN A 83 7.70 -9.49 -2.36
N LYS A 84 8.21 -9.94 -3.50
CA LYS A 84 9.42 -9.38 -4.08
C LYS A 84 9.37 -7.85 -4.05
N THR A 85 8.26 -7.29 -4.51
CA THR A 85 8.08 -5.84 -4.56
C THR A 85 7.63 -5.32 -3.20
N VAL A 86 7.29 -4.03 -3.16
CA VAL A 86 6.84 -3.40 -1.93
C VAL A 86 5.39 -2.95 -2.05
N PRO A 87 4.50 -3.89 -2.41
CA PRO A 87 3.07 -3.61 -2.56
C PRO A 87 2.39 -3.33 -1.23
N ASN A 88 1.77 -2.16 -1.12
CA ASN A 88 1.08 -1.77 0.11
C ASN A 88 -0.33 -1.25 -0.21
N ILE A 89 -1.33 -1.95 0.30
CA ILE A 89 -2.72 -1.56 0.08
C ILE A 89 -3.53 -1.64 1.37
N PHE A 90 -3.81 -0.48 1.96
CA PHE A 90 -4.58 -0.42 3.20
C PHE A 90 -5.50 0.79 3.21
N VAL A 91 -6.80 0.55 3.33
CA VAL A 91 -7.78 1.62 3.36
C VAL A 91 -8.57 1.61 4.66
N ASN A 92 -8.89 2.80 5.17
CA ASN A 92 -9.64 2.93 6.40
C ASN A 92 -9.04 2.06 7.50
N LYS A 93 -7.73 2.17 7.68
CA LYS A 93 -7.02 1.40 8.70
C LYS A 93 -7.33 -0.09 8.57
N VAL A 94 -7.44 -0.55 7.34
CA VAL A 94 -7.73 -1.97 7.07
C VAL A 94 -6.77 -2.54 6.03
N HIS A 95 -6.64 -3.87 6.04
CA HIS A 95 -5.74 -4.54 5.09
C HIS A 95 -6.52 -5.04 3.88
N VAL A 96 -6.08 -4.63 2.69
CA VAL A 96 -6.73 -5.03 1.45
C VAL A 96 -6.08 -6.27 0.87
N GLY A 97 -4.74 -6.31 0.90
CA GLY A 97 -4.02 -7.44 0.36
C GLY A 97 -3.20 -7.07 -0.86
N GLY A 98 -3.82 -7.16 -2.03
CA GLY A 98 -3.11 -6.85 -3.26
C GLY A 98 -2.38 -8.04 -3.83
N CYS A 99 -1.87 -7.88 -5.05
CA CYS A 99 -1.14 -8.96 -5.71
C CYS A 99 -2.07 -10.10 -6.10
N ASP A 100 -3.36 -9.89 -5.89
CA ASP A 100 -4.37 -10.90 -6.22
C ASP A 100 -5.74 -10.52 -5.66
N ARG A 101 -5.74 -9.94 -4.47
CA ARG A 101 -6.98 -9.52 -3.83
C ARG A 101 -7.41 -8.14 -4.31
N THR A 102 -6.54 -7.16 -4.13
CA THR A 102 -6.83 -5.79 -4.55
C THR A 102 -6.93 -5.70 -6.06
N PHE A 103 -6.21 -6.56 -6.76
CA PHE A 103 -6.22 -6.57 -8.22
C PHE A 103 -7.50 -7.21 -8.74
N GLN A 104 -7.85 -8.37 -8.19
CA GLN A 104 -9.05 -9.08 -8.61
C GLN A 104 -10.30 -8.35 -8.15
N ALA A 105 -10.36 -8.06 -6.85
CA ALA A 105 -11.51 -7.35 -6.28
C ALA A 105 -11.84 -6.09 -7.07
N HIS A 106 -10.81 -5.50 -7.69
CA HIS A 106 -10.98 -4.28 -8.48
C HIS A 106 -11.88 -4.56 -9.69
N GLN A 107 -11.61 -5.65 -10.40
CA GLN A 107 -12.39 -6.00 -11.57
C GLN A 107 -13.60 -6.85 -11.18
N ASN A 108 -13.59 -7.39 -9.96
CA ASN A 108 -14.68 -8.21 -9.47
C ASN A 108 -15.73 -7.35 -8.76
N GLY A 109 -15.34 -6.13 -8.40
CA GLY A 109 -16.25 -5.23 -7.72
C GLY A 109 -16.22 -5.39 -6.21
N LEU A 110 -15.40 -6.33 -5.75
CA LEU A 110 -15.27 -6.59 -4.31
C LEU A 110 -14.38 -5.53 -3.65
N LEU A 111 -13.65 -4.78 -4.48
CA LEU A 111 -12.76 -3.74 -3.97
C LEU A 111 -13.52 -2.43 -3.77
N GLN A 112 -14.33 -2.05 -4.76
CA GLN A 112 -15.11 -0.82 -4.69
C GLN A 112 -16.04 -0.84 -3.48
N LYS A 113 -16.54 -2.02 -3.14
CA LYS A 113 -17.44 -2.17 -2.00
C LYS A 113 -16.67 -2.07 -0.69
N LEU A 114 -15.38 -2.35 -0.74
CA LEU A 114 -14.54 -2.29 0.45
C LEU A 114 -14.14 -0.84 0.77
N LEU A 115 -13.80 -0.09 -0.27
CA LEU A 115 -13.40 1.30 -0.12
C LEU A 115 -14.60 2.17 0.29
N GLN A 116 -15.79 1.59 0.20
CA GLN A 116 -17.01 2.31 0.56
C GLN A 116 -16.99 2.73 2.03
N ASP A 117 -16.21 2.01 2.83
CA ASP A 117 -16.10 2.29 4.25
C ASP A 117 -15.16 1.32 4.93
N ASP A 118 -15.41 0.03 4.75
CA ASP A 118 -14.57 -1.01 5.34
C ASP A 118 -13.14 -0.94 4.80
N ALA A 17 16.05 0.32 16.57
CA ALA A 17 15.07 1.32 16.19
C ALA A 17 14.41 0.99 14.86
N ARG A 18 15.07 0.13 14.08
CA ARG A 18 14.56 -0.27 12.78
C ARG A 18 13.11 -0.76 12.90
N GLU A 19 12.76 -1.32 14.05
CA GLU A 19 11.42 -1.83 14.29
C GLU A 19 10.45 -0.68 14.55
N GLU A 20 10.93 0.36 15.22
CA GLU A 20 10.10 1.52 15.53
C GLU A 20 9.59 2.18 14.25
N LEU A 21 10.47 2.28 13.26
CA LEU A 21 10.10 2.89 11.98
C LEU A 21 8.82 2.28 11.42
N ARG A 22 8.62 0.99 11.71
CA ARG A 22 7.44 0.29 11.24
C ARG A 22 6.16 1.00 11.67
N ARG A 23 6.26 1.76 12.76
CA ARG A 23 5.10 2.50 13.28
C ARG A 23 4.74 3.66 12.36
N ARG A 24 5.72 4.10 11.56
CA ARG A 24 5.50 5.20 10.64
C ARG A 24 4.84 4.71 9.35
N LEU A 25 5.21 3.51 8.93
CA LEU A 25 4.66 2.91 7.71
C LEU A 25 3.22 2.46 7.93
N ARG A 26 2.90 2.09 9.17
CA ARG A 26 1.55 1.64 9.51
C ARG A 26 0.65 2.82 9.84
N ASP A 27 1.21 3.81 10.53
CA ASP A 27 0.45 5.00 10.90
C ASP A 27 0.08 5.82 9.66
N LEU A 28 0.95 5.76 8.65
CA LEU A 28 0.71 6.51 7.42
C LEU A 28 -0.63 6.13 6.79
N ILE A 29 -1.12 4.94 7.15
CA ILE A 29 -2.39 4.46 6.63
C ILE A 29 -3.57 5.03 7.43
N GLU A 30 -3.29 5.44 8.67
CA GLU A 30 -4.32 5.99 9.53
C GLU A 30 -4.49 7.49 9.28
N GLY A 31 -3.39 8.16 8.98
CA GLY A 31 -3.44 9.58 8.71
C GLY A 31 -4.11 9.92 7.39
N ASN A 32 -4.26 8.91 6.55
CA ASN A 32 -4.89 9.10 5.25
C ASN A 32 -5.81 7.92 4.90
N ARG A 33 -6.95 8.24 4.30
CA ARG A 33 -7.92 7.20 3.93
C ARG A 33 -7.22 6.04 3.23
N VAL A 34 -6.50 6.34 2.16
CA VAL A 34 -5.80 5.33 1.39
C VAL A 34 -4.29 5.58 1.40
N MET A 35 -3.51 4.56 1.71
CA MET A 35 -2.06 4.67 1.74
C MET A 35 -1.40 3.55 0.95
N ILE A 36 -0.52 3.90 0.03
CA ILE A 36 0.17 2.92 -0.79
C ILE A 36 1.68 3.19 -0.83
N PHE A 37 2.47 2.13 -0.72
CA PHE A 37 3.92 2.26 -0.74
C PHE A 37 4.51 1.61 -2.00
N SER A 38 5.50 2.26 -2.59
CA SER A 38 6.15 1.75 -3.79
C SER A 38 7.63 2.06 -3.79
N LYS A 39 8.28 1.87 -4.94
CA LYS A 39 9.71 2.14 -5.07
C LYS A 39 9.99 2.88 -6.38
N SER A 40 11.27 3.02 -6.69
CA SER A 40 11.69 3.71 -7.91
C SER A 40 11.49 2.82 -9.13
N TYR A 41 12.03 1.61 -9.06
CA TYR A 41 11.91 0.66 -10.16
C TYR A 41 11.39 -0.69 -9.66
N CYS A 42 10.11 -0.71 -9.26
CA CYS A 42 9.50 -1.94 -8.76
C CYS A 42 8.05 -2.04 -9.24
N PRO A 43 7.84 -2.80 -10.32
CA PRO A 43 6.50 -3.00 -10.89
C PRO A 43 5.61 -3.85 -10.00
N HIS A 44 4.31 -3.87 -10.31
CA HIS A 44 3.36 -4.64 -9.54
C HIS A 44 2.91 -3.88 -8.29
N SER A 45 3.90 -3.38 -7.54
CA SER A 45 3.61 -2.64 -6.32
C SER A 45 3.16 -1.21 -6.65
N THR A 46 3.57 -0.72 -7.81
CA THR A 46 3.21 0.63 -8.24
C THR A 46 1.85 0.63 -8.94
N ARG A 47 1.58 -0.41 -9.70
CA ARG A 47 0.33 -0.53 -10.43
C ARG A 47 -0.85 -0.58 -9.47
N VAL A 48 -0.71 -1.33 -8.38
CA VAL A 48 -1.76 -1.46 -7.38
C VAL A 48 -2.30 -0.08 -6.98
N LYS A 49 -1.46 0.94 -7.12
CA LYS A 49 -1.85 2.31 -6.77
C LYS A 49 -2.82 2.86 -7.80
N GLU A 50 -2.52 2.65 -9.08
CA GLU A 50 -3.38 3.13 -10.16
C GLU A 50 -4.83 2.72 -9.94
N LEU A 51 -5.01 1.53 -9.37
CA LEU A 51 -6.35 1.02 -9.11
C LEU A 51 -7.20 2.05 -8.37
N PHE A 52 -6.75 2.43 -7.17
CA PHE A 52 -7.46 3.42 -6.37
C PHE A 52 -7.83 4.64 -7.21
N SER A 53 -6.88 5.11 -8.00
CA SER A 53 -7.10 6.28 -8.85
C SER A 53 -8.34 6.10 -9.71
N SER A 54 -8.44 4.92 -10.34
CA SER A 54 -9.58 4.62 -11.21
C SER A 54 -10.80 4.23 -10.38
N LEU A 55 -10.62 4.16 -9.07
CA LEU A 55 -11.70 3.79 -8.16
C LEU A 55 -12.45 5.03 -7.68
N GLY A 56 -12.20 6.16 -8.34
CA GLY A 56 -12.86 7.40 -7.97
C GLY A 56 -12.45 7.88 -6.59
N VAL A 57 -11.43 7.24 -6.02
CA VAL A 57 -10.94 7.60 -4.70
C VAL A 57 -9.55 8.25 -4.79
N VAL A 58 -9.14 8.89 -3.70
CA VAL A 58 -7.84 9.54 -3.65
C VAL A 58 -6.90 8.85 -2.68
N TYR A 59 -5.62 8.87 -2.97
CA TYR A 59 -4.62 8.23 -2.12
C TYR A 59 -3.28 8.96 -2.19
N ASN A 60 -2.34 8.55 -1.37
CA ASN A 60 -1.01 9.16 -1.34
C ASN A 60 0.03 8.24 -1.96
N ILE A 61 0.87 8.81 -2.82
CA ILE A 61 1.92 8.04 -3.49
C ILE A 61 3.28 8.33 -2.89
N LEU A 62 3.87 7.32 -2.24
CA LEU A 62 5.18 7.47 -1.62
C LEU A 62 6.10 6.33 -2.01
N GLU A 63 7.35 6.66 -2.33
CA GLU A 63 8.34 5.65 -2.72
C GLU A 63 9.42 5.51 -1.65
N LEU A 64 9.43 4.37 -0.96
CA LEU A 64 10.41 4.12 0.08
C LEU A 64 11.83 4.09 -0.51
N ASP A 65 11.91 3.95 -1.82
CA ASP A 65 13.20 3.91 -2.50
C ASP A 65 13.80 5.31 -2.63
N GLN A 66 13.04 6.31 -2.20
CA GLN A 66 13.49 7.70 -2.27
C GLN A 66 13.59 8.30 -0.87
N VAL A 67 12.88 7.70 0.08
CA VAL A 67 12.88 8.19 1.45
C VAL A 67 14.29 8.17 2.04
N ASP A 68 14.40 8.42 3.34
CA ASP A 68 15.68 8.43 4.03
C ASP A 68 15.95 7.08 4.70
N ASP A 69 14.93 6.56 5.38
CA ASP A 69 15.06 5.28 6.08
C ASP A 69 14.57 4.14 5.20
N GLY A 70 14.66 4.33 3.89
CA GLY A 70 14.22 3.30 2.96
C GLY A 70 14.72 1.92 3.34
N ALA A 71 15.98 1.85 3.79
CA ALA A 71 16.56 0.58 4.20
C ALA A 71 15.67 -0.16 5.19
N SER A 72 15.36 0.49 6.30
CA SER A 72 14.52 -0.10 7.33
C SER A 72 13.07 -0.19 6.85
N VAL A 73 12.61 0.87 6.19
CA VAL A 73 11.24 0.91 5.69
C VAL A 73 10.88 -0.38 4.97
N GLN A 74 11.56 -0.64 3.85
CA GLN A 74 11.30 -1.85 3.07
C GLN A 74 11.60 -3.10 3.89
N GLU A 75 12.45 -2.96 4.90
CA GLU A 75 12.82 -4.08 5.76
C GLU A 75 11.60 -4.60 6.53
N VAL A 76 10.86 -3.67 7.14
CA VAL A 76 9.67 -4.03 7.91
C VAL A 76 8.44 -4.04 7.03
N LEU A 77 8.50 -3.33 5.91
CA LEU A 77 7.39 -3.25 4.97
C LEU A 77 7.31 -4.51 4.11
N THR A 78 8.45 -4.91 3.55
CA THR A 78 8.51 -6.09 2.70
C THR A 78 8.02 -7.33 3.45
N GLU A 79 8.09 -7.28 4.77
CA GLU A 79 7.66 -8.40 5.61
C GLU A 79 6.14 -8.39 5.77
N ILE A 80 5.54 -7.23 5.56
CA ILE A 80 4.09 -7.09 5.69
C ILE A 80 3.37 -7.93 4.65
N SER A 81 3.86 -7.92 3.41
CA SER A 81 3.27 -8.68 2.33
C SER A 81 4.13 -9.87 1.96
N ASN A 82 5.40 -9.82 2.37
CA ASN A 82 6.34 -10.91 2.08
C ASN A 82 6.42 -11.16 0.58
N GLN A 83 6.48 -10.09 -0.20
CA GLN A 83 6.56 -10.20 -1.65
C GLN A 83 7.81 -9.50 -2.19
N LYS A 84 8.31 -9.97 -3.33
CA LYS A 84 9.48 -9.38 -3.95
C LYS A 84 9.41 -7.86 -3.95
N THR A 85 8.22 -7.33 -4.31
CA THR A 85 8.01 -5.90 -4.35
C THR A 85 7.56 -5.37 -3.00
N VAL A 86 7.21 -4.08 -2.96
CA VAL A 86 6.76 -3.46 -1.72
C VAL A 86 5.30 -3.02 -1.83
N PRO A 87 4.42 -3.97 -2.20
CA PRO A 87 2.99 -3.70 -2.35
C PRO A 87 2.30 -3.45 -1.02
N ASN A 88 1.67 -2.29 -0.88
CA ASN A 88 0.98 -1.93 0.35
C ASN A 88 -0.39 -1.34 0.05
N ILE A 89 -1.44 -2.10 0.37
CA ILE A 89 -2.80 -1.65 0.13
C ILE A 89 -3.64 -1.72 1.40
N PHE A 90 -3.88 -0.57 2.01
CA PHE A 90 -4.66 -0.50 3.24
C PHE A 90 -5.46 0.80 3.30
N VAL A 91 -6.78 0.66 3.35
CA VAL A 91 -7.67 1.82 3.42
C VAL A 91 -8.49 1.82 4.71
N ASN A 92 -8.76 3.02 5.22
CA ASN A 92 -9.54 3.15 6.44
C ASN A 92 -9.03 2.20 7.52
N LYS A 93 -7.70 2.07 7.61
CA LYS A 93 -7.10 1.19 8.60
C LYS A 93 -7.53 -0.25 8.38
N VAL A 94 -7.58 -0.68 7.12
CA VAL A 94 -7.98 -2.04 6.79
C VAL A 94 -7.00 -2.67 5.81
N HIS A 95 -6.98 -4.01 5.78
CA HIS A 95 -6.10 -4.73 4.88
C HIS A 95 -6.84 -5.17 3.63
N VAL A 96 -6.23 -4.92 2.47
CA VAL A 96 -6.83 -5.29 1.19
C VAL A 96 -6.13 -6.50 0.58
N GLY A 97 -4.81 -6.53 0.68
CA GLY A 97 -4.05 -7.64 0.14
C GLY A 97 -3.16 -7.23 -1.02
N GLY A 98 -3.70 -7.32 -2.23
CA GLY A 98 -2.94 -6.95 -3.41
C GLY A 98 -2.29 -8.15 -4.08
N CYS A 99 -1.95 -7.99 -5.36
CA CYS A 99 -1.31 -9.06 -6.11
C CYS A 99 -2.28 -10.23 -6.32
N ASP A 100 -3.55 -9.99 -6.00
CA ASP A 100 -4.57 -11.02 -6.14
C ASP A 100 -5.91 -10.54 -5.59
N ARG A 101 -5.86 -9.91 -4.43
CA ARG A 101 -7.07 -9.39 -3.78
C ARG A 101 -7.46 -8.04 -4.36
N THR A 102 -6.55 -7.07 -4.26
CA THR A 102 -6.79 -5.73 -4.77
C THR A 102 -6.86 -5.73 -6.29
N PHE A 103 -6.17 -6.67 -6.92
CA PHE A 103 -6.16 -6.78 -8.37
C PHE A 103 -7.46 -7.38 -8.89
N GLN A 104 -7.94 -8.40 -8.19
CA GLN A 104 -9.18 -9.08 -8.58
C GLN A 104 -10.40 -8.27 -8.13
N ALA A 105 -10.44 -7.95 -6.84
CA ALA A 105 -11.55 -7.18 -6.28
C ALA A 105 -11.83 -5.94 -7.12
N HIS A 106 -10.79 -5.42 -7.77
CA HIS A 106 -10.92 -4.23 -8.60
C HIS A 106 -11.86 -4.49 -9.78
N GLN A 107 -11.64 -5.59 -10.47
CA GLN A 107 -12.46 -5.96 -11.61
C GLN A 107 -13.68 -6.76 -11.17
N ASN A 108 -13.64 -7.27 -9.95
CA ASN A 108 -14.73 -8.06 -9.41
C ASN A 108 -15.75 -7.17 -8.71
N GLY A 109 -15.34 -5.95 -8.39
CA GLY A 109 -16.22 -5.01 -7.71
C GLY A 109 -16.17 -5.15 -6.21
N LEU A 110 -15.40 -6.12 -5.74
CA LEU A 110 -15.26 -6.35 -4.30
C LEU A 110 -14.35 -5.31 -3.66
N LEU A 111 -13.64 -4.56 -4.50
CA LEU A 111 -12.73 -3.52 -4.01
C LEU A 111 -13.47 -2.21 -3.80
N GLN A 112 -14.32 -1.85 -4.76
CA GLN A 112 -15.08 -0.61 -4.68
C GLN A 112 -15.98 -0.61 -3.44
N LYS A 113 -16.47 -1.78 -3.07
CA LYS A 113 -17.33 -1.91 -1.89
C LYS A 113 -16.51 -1.86 -0.61
N LEU A 114 -15.22 -2.14 -0.72
CA LEU A 114 -14.33 -2.12 0.43
C LEU A 114 -13.90 -0.70 0.77
N LEU A 115 -13.59 0.08 -0.26
CA LEU A 115 -13.17 1.47 -0.08
C LEU A 115 -14.32 2.32 0.42
N GLN A 116 -15.54 1.89 0.13
CA GLN A 116 -16.74 2.63 0.55
C GLN A 116 -16.83 2.70 2.06
N ASP A 117 -16.57 1.56 2.71
CA ASP A 117 -16.63 1.50 4.17
C ASP A 117 -16.34 0.07 4.66
N ASP A 118 -17.11 -0.88 4.16
CA ASP A 118 -16.94 -2.27 4.55
C ASP A 118 -17.23 -2.47 6.04
N ALA A 17 15.70 2.38 17.42
CA ALA A 17 14.87 3.24 16.59
C ALA A 17 14.20 2.44 15.47
N ARG A 18 14.75 1.27 15.18
CA ARG A 18 14.20 0.42 14.13
C ARG A 18 12.70 0.21 14.33
N GLU A 19 12.27 0.23 15.58
CA GLU A 19 10.85 0.05 15.90
C GLU A 19 10.05 1.31 15.60
N GLU A 20 10.67 2.46 15.83
CA GLU A 20 10.02 3.74 15.59
C GLU A 20 9.61 3.88 14.13
N LEU A 21 10.44 3.33 13.24
CA LEU A 21 10.16 3.39 11.81
C LEU A 21 8.86 2.65 11.48
N ARG A 22 8.82 1.36 11.81
CA ARG A 22 7.64 0.55 11.54
C ARG A 22 6.39 1.19 12.12
N ARG A 23 6.53 1.77 13.31
CA ARG A 23 5.41 2.43 13.98
C ARG A 23 4.80 3.51 13.09
N ARG A 24 5.61 4.04 12.17
CA ARG A 24 5.15 5.08 11.26
C ARG A 24 4.49 4.48 10.03
N LEU A 25 5.03 3.36 9.56
CA LEU A 25 4.50 2.67 8.39
C LEU A 25 3.09 2.15 8.65
N ARG A 26 2.85 1.72 9.89
CA ARG A 26 1.55 1.19 10.27
C ARG A 26 0.61 2.32 10.70
N ASP A 27 1.20 3.43 11.15
CA ASP A 27 0.42 4.58 11.58
C ASP A 27 -0.01 5.43 10.39
N LEU A 28 0.81 5.42 9.34
CA LEU A 28 0.52 6.20 8.14
C LEU A 28 -0.85 5.83 7.58
N ILE A 29 -1.25 4.58 7.77
CA ILE A 29 -2.55 4.11 7.29
C ILE A 29 -3.68 4.66 8.13
N GLU A 30 -3.36 5.04 9.37
CA GLU A 30 -4.36 5.59 10.28
C GLU A 30 -4.58 7.07 10.01
N GLY A 31 -3.56 7.73 9.48
CA GLY A 31 -3.67 9.15 9.19
C GLY A 31 -4.30 9.42 7.83
N ASN A 32 -4.47 8.36 7.04
CA ASN A 32 -5.07 8.48 5.72
C ASN A 32 -5.91 7.25 5.39
N ARG A 33 -7.12 7.48 4.90
CA ARG A 33 -8.03 6.39 4.54
C ARG A 33 -7.30 5.35 3.70
N VAL A 34 -6.69 5.79 2.61
CA VAL A 34 -5.96 4.88 1.72
C VAL A 34 -4.45 5.08 1.85
N MET A 35 -3.74 4.00 2.12
CA MET A 35 -2.29 4.05 2.26
C MET A 35 -1.61 2.97 1.43
N ILE A 36 -0.67 3.38 0.58
CA ILE A 36 0.04 2.44 -0.27
C ILE A 36 1.52 2.83 -0.38
N PHE A 37 2.36 1.83 -0.63
CA PHE A 37 3.79 2.06 -0.76
C PHE A 37 4.32 1.45 -2.06
N SER A 38 5.36 2.07 -2.62
CA SER A 38 5.96 1.60 -3.86
C SER A 38 7.45 1.94 -3.91
N LYS A 39 8.00 1.92 -5.11
CA LYS A 39 9.42 2.21 -5.30
C LYS A 39 9.63 3.10 -6.53
N SER A 40 10.90 3.33 -6.87
CA SER A 40 11.23 4.17 -8.03
C SER A 40 11.04 3.40 -9.33
N TYR A 41 11.66 2.22 -9.41
CA TYR A 41 11.57 1.39 -10.60
C TYR A 41 11.17 -0.04 -10.23
N CYS A 42 9.94 -0.21 -9.78
CA CYS A 42 9.44 -1.52 -9.39
C CYS A 42 7.98 -1.69 -9.79
N PRO A 43 7.74 -2.39 -10.91
CA PRO A 43 6.39 -2.63 -11.42
C PRO A 43 5.60 -3.59 -10.54
N HIS A 44 4.30 -3.68 -10.79
CA HIS A 44 3.43 -4.57 -10.02
C HIS A 44 2.98 -3.89 -8.72
N SER A 45 3.94 -3.33 -7.99
CA SER A 45 3.65 -2.66 -6.73
C SER A 45 3.06 -1.27 -6.98
N THR A 46 3.41 -0.69 -8.13
CA THR A 46 2.92 0.64 -8.49
C THR A 46 1.55 0.55 -9.15
N ARG A 47 1.38 -0.42 -10.03
CA ARG A 47 0.12 -0.60 -10.74
C ARG A 47 -1.05 -0.63 -9.76
N VAL A 48 -0.86 -1.29 -8.63
CA VAL A 48 -1.89 -1.39 -7.61
C VAL A 48 -2.44 -0.01 -7.26
N LYS A 49 -1.64 1.02 -7.47
CA LYS A 49 -2.04 2.39 -7.18
C LYS A 49 -3.03 2.89 -8.22
N GLU A 50 -2.89 2.42 -9.45
CA GLU A 50 -3.77 2.82 -10.54
C GLU A 50 -5.22 2.47 -10.22
N LEU A 51 -5.41 1.54 -9.29
CA LEU A 51 -6.75 1.11 -8.89
C LEU A 51 -7.47 2.22 -8.12
N PHE A 52 -6.92 2.57 -6.96
CA PHE A 52 -7.51 3.63 -6.13
C PHE A 52 -7.82 4.87 -6.96
N SER A 53 -6.83 5.32 -7.74
CA SER A 53 -7.00 6.50 -8.56
C SER A 53 -8.22 6.36 -9.47
N SER A 54 -8.34 5.21 -10.12
CA SER A 54 -9.46 4.96 -11.02
C SER A 54 -10.73 4.63 -10.22
N LEU A 55 -10.59 4.56 -8.91
CA LEU A 55 -11.72 4.25 -8.03
C LEU A 55 -12.29 5.52 -7.42
N GLY A 56 -11.85 6.67 -7.93
CA GLY A 56 -12.32 7.95 -7.41
C GLY A 56 -11.94 8.16 -5.96
N VAL A 57 -11.06 7.32 -5.45
CA VAL A 57 -10.62 7.43 -4.06
C VAL A 57 -9.16 7.89 -3.98
N VAL A 58 -8.94 9.06 -3.41
CA VAL A 58 -7.61 9.62 -3.28
C VAL A 58 -6.77 8.79 -2.31
N TYR A 59 -5.46 8.75 -2.55
CA TYR A 59 -4.55 7.98 -1.71
C TYR A 59 -3.17 8.64 -1.66
N ASN A 60 -2.31 8.12 -0.79
CA ASN A 60 -0.96 8.65 -0.65
C ASN A 60 0.07 7.70 -1.26
N ILE A 61 0.91 8.25 -2.14
CA ILE A 61 1.94 7.45 -2.80
C ILE A 61 3.31 7.73 -2.20
N LEU A 62 3.93 6.70 -1.63
CA LEU A 62 5.25 6.84 -1.02
C LEU A 62 6.19 5.77 -1.55
N GLU A 63 7.37 6.20 -1.99
CA GLU A 63 8.37 5.29 -2.52
C GLU A 63 9.49 5.06 -1.51
N LEU A 64 9.72 3.80 -1.16
CA LEU A 64 10.76 3.44 -0.21
C LEU A 64 12.12 3.32 -0.90
N ASP A 65 12.14 3.57 -2.20
CA ASP A 65 13.37 3.49 -2.97
C ASP A 65 14.02 4.87 -3.10
N GLN A 66 13.32 5.89 -2.62
CA GLN A 66 13.83 7.26 -2.68
C GLN A 66 13.98 7.84 -1.28
N VAL A 67 13.25 7.29 -0.32
CA VAL A 67 13.30 7.76 1.05
C VAL A 67 14.71 7.66 1.61
N ASP A 68 14.85 7.97 2.89
CA ASP A 68 16.16 7.92 3.55
C ASP A 68 16.37 6.56 4.22
N ASP A 69 15.32 6.05 4.85
CA ASP A 69 15.40 4.76 5.53
C ASP A 69 14.95 3.63 4.60
N GLY A 70 15.16 3.81 3.31
CA GLY A 70 14.76 2.80 2.34
C GLY A 70 15.26 1.42 2.71
N ALA A 71 16.29 1.37 3.54
CA ALA A 71 16.86 0.09 3.97
C ALA A 71 15.98 -0.57 5.03
N SER A 72 15.64 0.19 6.06
CA SER A 72 14.80 -0.33 7.15
C SER A 72 13.32 -0.21 6.79
N VAL A 73 12.91 0.99 6.38
CA VAL A 73 11.52 1.23 6.01
C VAL A 73 11.01 0.16 5.06
N GLN A 74 11.87 -0.28 4.15
CA GLN A 74 11.49 -1.31 3.19
C GLN A 74 11.72 -2.70 3.77
N GLU A 75 12.61 -2.80 4.75
CA GLU A 75 12.91 -4.08 5.38
C GLU A 75 11.72 -4.59 6.18
N VAL A 76 11.07 -3.68 6.90
CA VAL A 76 9.91 -4.02 7.72
C VAL A 76 8.64 -4.00 6.89
N LEU A 77 8.66 -3.26 5.78
CA LEU A 77 7.51 -3.15 4.90
C LEU A 77 7.43 -4.35 3.95
N THR A 78 8.55 -4.64 3.29
CA THR A 78 8.61 -5.75 2.35
C THR A 78 8.19 -7.05 3.02
N GLU A 79 8.34 -7.12 4.33
CA GLU A 79 7.97 -8.31 5.09
C GLU A 79 6.45 -8.39 5.27
N ILE A 80 5.81 -7.23 5.33
CA ILE A 80 4.37 -7.16 5.50
C ILE A 80 3.65 -8.01 4.45
N SER A 81 4.16 -7.98 3.23
CA SER A 81 3.58 -8.75 2.14
C SER A 81 4.50 -9.88 1.71
N ASN A 82 5.74 -9.81 2.14
CA ASN A 82 6.73 -10.85 1.81
C ASN A 82 6.80 -11.06 0.29
N GLN A 83 6.85 -9.95 -0.44
CA GLN A 83 6.92 -10.01 -1.90
C GLN A 83 8.14 -9.25 -2.42
N LYS A 84 8.66 -9.70 -3.56
CA LYS A 84 9.83 -9.07 -4.16
C LYS A 84 9.70 -7.55 -4.14
N THR A 85 8.52 -7.06 -4.52
CA THR A 85 8.25 -5.63 -4.56
C THR A 85 7.78 -5.13 -3.20
N VAL A 86 7.38 -3.86 -3.15
CA VAL A 86 6.89 -3.26 -1.92
C VAL A 86 5.42 -2.88 -2.03
N PRO A 87 4.58 -3.84 -2.44
CA PRO A 87 3.14 -3.63 -2.59
C PRO A 87 2.43 -3.44 -1.26
N ASN A 88 1.72 -2.32 -1.13
CA ASN A 88 0.99 -2.02 0.11
C ASN A 88 -0.42 -1.53 -0.20
N ILE A 89 -1.41 -2.28 0.23
CA ILE A 89 -2.81 -1.92 0.00
C ILE A 89 -3.62 -2.06 1.28
N PHE A 90 -3.91 -0.94 1.93
CA PHE A 90 -4.68 -0.93 3.16
C PHE A 90 -5.60 0.29 3.22
N VAL A 91 -6.91 0.03 3.16
CA VAL A 91 -7.90 1.11 3.20
C VAL A 91 -8.78 0.99 4.45
N ASN A 92 -9.14 2.14 5.02
CA ASN A 92 -9.98 2.17 6.22
C ASN A 92 -9.32 1.40 7.35
N LYS A 93 -7.99 1.45 7.41
CA LYS A 93 -7.24 0.77 8.45
C LYS A 93 -7.39 -0.75 8.33
N VAL A 94 -7.75 -1.21 7.14
CA VAL A 94 -7.93 -2.63 6.88
C VAL A 94 -6.94 -3.14 5.85
N HIS A 95 -6.71 -4.45 5.84
CA HIS A 95 -5.78 -5.06 4.90
C HIS A 95 -6.51 -5.59 3.67
N VAL A 96 -6.05 -5.18 2.50
CA VAL A 96 -6.65 -5.62 1.24
C VAL A 96 -5.97 -6.86 0.69
N GLY A 97 -4.63 -6.84 0.72
CA GLY A 97 -3.86 -7.96 0.22
C GLY A 97 -3.01 -7.61 -0.97
N GLY A 98 -3.63 -7.53 -2.15
CA GLY A 98 -2.89 -7.19 -3.35
C GLY A 98 -2.25 -8.40 -4.01
N CYS A 99 -1.92 -8.27 -5.28
CA CYS A 99 -1.29 -9.36 -6.02
C CYS A 99 -2.27 -10.52 -6.20
N ASP A 100 -3.53 -10.27 -5.88
CA ASP A 100 -4.57 -11.29 -6.00
C ASP A 100 -5.89 -10.80 -5.44
N ARG A 101 -5.83 -10.14 -4.29
CA ARG A 101 -7.02 -9.62 -3.64
C ARG A 101 -7.41 -8.26 -4.23
N THR A 102 -6.49 -7.31 -4.17
CA THR A 102 -6.74 -5.97 -4.69
C THR A 102 -6.90 -6.00 -6.20
N PHE A 103 -6.41 -7.06 -6.83
CA PHE A 103 -6.50 -7.21 -8.28
C PHE A 103 -7.85 -7.79 -8.68
N GLN A 104 -8.30 -8.79 -7.95
CA GLN A 104 -9.58 -9.44 -8.24
C GLN A 104 -10.75 -8.58 -7.76
N ALA A 105 -10.70 -8.19 -6.48
CA ALA A 105 -11.75 -7.36 -5.91
C ALA A 105 -12.03 -6.14 -6.78
N HIS A 106 -11.01 -5.68 -7.49
CA HIS A 106 -11.14 -4.51 -8.36
C HIS A 106 -12.10 -4.80 -9.50
N GLN A 107 -11.97 -5.99 -10.10
CA GLN A 107 -12.83 -6.39 -11.20
C GLN A 107 -14.09 -7.07 -10.70
N ASN A 108 -14.04 -7.58 -9.47
CA ASN A 108 -15.18 -8.25 -8.87
C ASN A 108 -16.10 -7.25 -8.18
N GLY A 109 -15.58 -6.05 -7.93
CA GLY A 109 -16.38 -5.02 -7.28
C GLY A 109 -16.22 -5.04 -5.77
N LEU A 110 -15.58 -6.08 -5.26
CA LEU A 110 -15.36 -6.21 -3.82
C LEU A 110 -14.45 -5.12 -3.30
N LEU A 111 -13.67 -4.52 -4.21
CA LEU A 111 -12.75 -3.46 -3.85
C LEU A 111 -13.44 -2.09 -3.91
N GLN A 112 -14.07 -1.80 -5.05
CA GLN A 112 -14.77 -0.54 -5.22
C GLN A 112 -15.80 -0.32 -4.12
N LYS A 113 -16.44 -1.41 -3.70
CA LYS A 113 -17.45 -1.33 -2.64
C LYS A 113 -16.81 -1.04 -1.29
N LEU A 114 -15.52 -1.34 -1.18
CA LEU A 114 -14.79 -1.11 0.06
C LEU A 114 -14.27 0.33 0.14
N LEU A 115 -13.53 0.74 -0.89
CA LEU A 115 -12.99 2.09 -0.95
C LEU A 115 -14.10 3.13 -1.01
N GLN A 116 -15.29 2.69 -1.43
CA GLN A 116 -16.43 3.58 -1.53
C GLN A 116 -16.94 3.99 -0.15
N ASP A 117 -16.69 3.15 0.84
CA ASP A 117 -17.10 3.43 2.21
C ASP A 117 -16.68 2.30 3.15
N ASP A 118 -17.04 1.07 2.78
CA ASP A 118 -16.70 -0.10 3.59
C ASP A 118 -17.14 -1.38 2.90
#